data_9EVD
#
_entry.id   9EVD
#
_cell.length_a   1.00
_cell.length_b   1.00
_cell.length_c   1.00
_cell.angle_alpha   90.00
_cell.angle_beta   90.00
_cell.angle_gamma   90.00
#
_symmetry.space_group_name_H-M   'P 1'
#
loop_
_entity.id
_entity.type
_entity.pdbx_description
1 polymer 'ASA-10: Polytomella F-ATP synthase associated subunit 10'
2 polymer 'ATP synthase associated protein ASA1'
3 polymer 'Mitochondrial F1F0 ATP synthase associated 32 kDa protein'
4 polymer 'Mitochondrial F1F0 ATP synthase associated 14 kDa protein'
5 polymer 'Mitochondrial ATP synthase subunit ASA6'
6 polymer 'Mitochondrial ATP synthase associated protein ASA7'
7 polymer 'Mitochondrial ATP synthase subunit ASA8'
8 polymer 'ASA-9: Polytomella F-ATP synthase associated subunit 9'
9 polymer 'Mitochondrial ATP synthase subunit 6'
#
loop_
_entity_poly.entity_id
_entity_poly.type
_entity_poly.pdbx_seq_one_letter_code
_entity_poly.pdbx_strand_id
1 'polypeptide(L)'
;MSYSAYFAKAGFQFPAGLSALVAGIVALNVCTGRPTKGTKEISNAEYNATPIGYLQSPDQHPTAFPKVPGMKDVHGSPHH
HH
;
0
2 'polypeptide(L)'
;MMRAAQKAKQELPATVLTQTRSYLAPLRSDFTEEITAPKVASASNLVNEWNNKKQATENLMKLLQAYKDIGDAKSEPLLK
NHNPRTFEDRDYPVPDFRTQNLKAGDVPKFFDTVISTRASAAIASKDKFWAGRKTEAEAASAKASAAFPRVAVPEWKKGK
TVSIENLNTVTDKYAAALVPKRKLALPVLPEGVKKAVEDFAASVGQAKNASEVSELLAKSLAEKAVVTEGGKVVEGFSYV
SKAVAAKVIATRRAEVHERLLKLWAKRLLVSPELAIVPLNEFDAQLASKFEGISPKYQELLSAVAQGNKTFAQRLNSSPA
FSSFLLKREKAESEVPPSELELEAAQKAAELEDPEVALRTLLGPQMEALGASDLLLSEQIRVITEHRYTPDRLQYKEGMK
LADKIAAQEAALKEELKVIYGDNVDVKHFQASPRTPVQQLFDSLKNAAANKERAAKEAAAAASPYLAYAVTKKQEVQADP
SNIPFDEVLYPQLSEELLELELSDIREDEIALEKAEEEELWLLTLTQQFKHIQKHFGIDLPHSVVAHMDPLLIKKIDWET
TNALEDFDITLDDMGAEDAKEQWGAENLSHHFLPLIRYRRDLARKNGDRYGPDLVNGN
;
1
3 'polypeptide(L)'
;MRQASRLALSIRQAGNVEAASAVPAMTRQFSAPGSHEHHETPLSKVMPTVVSIPRKVACLALGATKKVVCGLASSGPSQN
LVSTFANKVIVEENLVNVAEIDVPFWSYWLSSAGFTSKDAFVKFAEAVKPKVAALSTSDITNLTVAFKRANYYDKDLFTG
IEANVSANFTKFETEQLLQIVATFDAFNHSSVAFLDDVADSITYCNHYLAPVRAGADELATLLTYYAKNGHERADLLATV
ARGFSEVSLGKLSAAQRKDTVLSALKAFQTFGFYPESIEAVIGAALVSPAEYSAEELKEVEAVKVAAENALGGEFVLIQE
GAHGH
;
3
4 'polypeptide(L)'
;MKLLPESLQQEAATAAVVASWVLWHLDTQLLPTIMREHKLHACWAAAAKRYNEKLFKLNPSYDRVLSLPAVSKNQVLENV
FHTAPKAPVEHLEKMVSANSKVYDALNLQSKRVLIWQVKPALF
;
5
5 'polypeptide(L)'
;MMLRTLTRSSAVAGQAVRLFKTSAAAAEGNSVAGIIKSVNETSGANLLSSLKTIKAQAAPIYPAAASSTGYSTQAKIALF
GALSWILYRADGQSKAHEWIVDLNLNVLQAAWLISFSSLIPFRAVYFAFRGMAPATASTLNGLKTFSSISL
;
6
6 'polypeptide(L)'
;MSSVRAGVEAGRRDLTTFTFSGLQDAPVAALSGSIKLNVAAKAGKAEVTVAAGAAKAATQVSAAALRKLSGSKISLAEVA
RISVLHSSIQNYLLSLSNERYQLLSQWPDFTTMYGKDFYYRAHPEDLKKFYDAADEYYKLYETVTEFDSLSALASQVVPN
YAARRRSTVHPAIGSTVADGAFTNFLLSKQ
;
7
7 'polypeptide(L)'
;MVLGEVYLKDILRTPPTGAIPANVPHPFQTSFYTYATKKLIPRHWYLLGGFTFTITLYGILDGLRDSGKKKAYDEAIHAG
KTPYTAGGH
;
8
8 'polypeptide(L)'
;MAVTSFLGKAFEKYFYDFSAYEQFGLNRFLSSKGQYVALRHVGFVMVGVNVLLAANFPFNPPFPTIGMCPAGWEGTWVCQ
ADKAKALEMYKEWKKSN
;
9
9 'polypeptide(L)'
;MSVLSSVSMGSRIGSSLLGRSSAYLAQCGFSTRSNLNGSIDTSSSVFQALSSDNENKPAASPLNVKLPGMSCSSILLPKT
SRIAVPFGNQTMAMSSVRDVKTGSLPTNFLTGVYRFWRSQNPAEKPHDPVNDRLLPAVVDASDKRASIGTWATTFFCTII
SCNLLGLMPFNEAPTSGLGFATGLGVSVWATATILGLSKTGFKFPGHFIPGGTPWPMAFIFVPLETISYTFRAVSLGVRL
WVNMLAGHTLLHILTGMALALPFSLGFFSMVPATFGVCCLLSALVGLEYLVAVLQSGVFSILSTVYVGEFNHDKFIGPAA
KIVKKIH
;
M
#
# COMPACT_ATOMS: atom_id res chain seq x y z
N SER A 2 18.51 -12.95 -4.43
CA SER A 2 19.20 -11.68 -4.65
C SER A 2 20.17 -11.38 -3.51
N TYR A 3 19.67 -11.46 -2.28
CA TYR A 3 20.48 -11.18 -1.10
C TYR A 3 21.33 -12.37 -0.67
N SER A 4 21.42 -13.41 -1.51
CA SER A 4 22.16 -14.62 -1.14
C SER A 4 23.62 -14.31 -0.83
N ALA A 5 24.22 -13.39 -1.58
CA ALA A 5 25.61 -13.04 -1.35
C ALA A 5 25.82 -12.26 -0.05
N TYR A 6 24.79 -11.56 0.43
CA TYR A 6 24.92 -10.86 1.71
C TYR A 6 24.95 -11.84 2.87
N PHE A 7 24.09 -12.86 2.84
CA PHE A 7 24.07 -13.86 3.89
C PHE A 7 25.31 -14.75 3.86
N ALA A 8 26.01 -14.80 2.74
CA ALA A 8 27.25 -15.56 2.65
C ALA A 8 28.41 -14.84 3.31
N LYS A 9 28.28 -13.53 3.55
CA LYS A 9 29.34 -12.78 4.21
C LYS A 9 29.49 -13.23 5.66
N ALA A 10 28.38 -13.24 6.40
CA ALA A 10 28.40 -13.65 7.80
C ALA A 10 28.53 -15.16 7.89
N GLY A 11 29.57 -15.63 8.57
CA GLY A 11 29.80 -17.05 8.75
C GLY A 11 28.98 -17.62 9.90
N PHE A 12 29.39 -18.81 10.33
CA PHE A 12 28.73 -19.47 11.46
C PHE A 12 28.88 -18.64 12.72
N GLN A 13 27.80 -18.54 13.50
CA GLN A 13 27.80 -17.77 14.73
C GLN A 13 27.11 -18.56 15.83
N PHE A 14 27.74 -18.58 17.01
CA PHE A 14 27.20 -19.31 18.14
C PHE A 14 25.95 -18.60 18.69
N PRO A 15 25.12 -19.32 19.45
CA PRO A 15 23.97 -18.67 20.08
C PRO A 15 24.36 -17.48 20.94
N ALA A 16 23.43 -16.54 21.07
CA ALA A 16 23.71 -15.27 21.75
C ALA A 16 24.21 -15.46 23.17
N GLY A 17 23.75 -16.50 23.86
CA GLY A 17 24.17 -16.70 25.23
C GLY A 17 24.73 -18.07 25.52
N LEU A 18 25.28 -18.72 24.50
CA LEU A 18 25.81 -20.07 24.66
C LEU A 18 26.94 -20.11 25.67
N SER A 19 27.74 -19.03 25.76
CA SER A 19 28.86 -18.99 26.68
C SER A 19 28.40 -19.14 28.13
N ALA A 20 27.27 -18.53 28.48
CA ALA A 20 26.78 -18.63 29.85
C ALA A 20 26.29 -20.04 30.17
N LEU A 21 25.73 -20.73 29.18
CA LEU A 21 25.26 -22.10 29.40
C LEU A 21 26.44 -23.03 29.69
N VAL A 22 27.50 -22.94 28.88
CA VAL A 22 28.69 -23.76 29.10
C VAL A 22 29.34 -23.41 30.42
N ALA A 23 29.32 -22.13 30.79
CA ALA A 23 29.94 -21.70 32.05
C ALA A 23 29.25 -22.35 33.24
N GLY A 24 27.91 -22.37 33.24
CA GLY A 24 27.20 -23.01 34.33
C GLY A 24 27.45 -24.51 34.39
N ILE A 25 27.54 -25.15 33.23
CA ILE A 25 27.79 -26.58 33.17
C ILE A 25 29.15 -26.92 33.76
N VAL A 26 30.17 -26.12 33.43
CA VAL A 26 31.50 -26.34 33.95
C VAL A 26 31.54 -26.13 35.47
N ALA A 27 30.91 -25.04 35.95
CA ALA A 27 30.92 -24.75 37.37
C ALA A 27 30.30 -25.90 38.17
N LEU A 28 29.26 -26.52 37.62
CA LEU A 28 28.61 -27.64 38.29
C LEU A 28 29.51 -28.88 38.36
N ASN A 29 30.54 -28.95 37.51
CA ASN A 29 31.43 -30.10 37.44
C ASN A 29 32.77 -29.86 38.11
N VAL A 30 33.15 -28.61 38.38
CA VAL A 30 34.42 -28.29 38.99
C VAL A 30 34.26 -27.81 40.43
N CYS A 31 33.20 -27.06 40.72
CA CYS A 31 32.95 -26.60 42.10
C CYS A 31 31.97 -27.52 42.82
N THR A 32 32.29 -28.81 42.82
CA THR A 32 31.44 -29.79 43.49
C THR A 32 31.52 -29.70 45.01
N GLY A 33 32.52 -29.01 45.55
CA GLY A 33 32.64 -28.89 46.99
C GLY A 33 32.96 -30.19 47.69
N ARG A 34 33.49 -31.16 46.97
CA ARG A 34 33.81 -32.47 47.51
C ARG A 34 34.91 -33.07 46.65
N PRO A 35 35.51 -34.19 47.09
CA PRO A 35 36.58 -34.80 46.28
C PRO A 35 36.10 -35.10 44.86
N THR A 36 37.06 -35.12 43.93
CA THR A 36 36.76 -35.25 42.50
C THR A 36 36.85 -36.72 42.05
N LYS A 37 35.68 -37.31 41.80
CA LYS A 37 35.48 -38.58 41.11
C LYS A 37 36.65 -39.57 41.18
N GLY A 38 36.78 -40.29 42.29
CA GLY A 38 37.85 -41.25 42.43
C GLY A 38 39.04 -40.83 43.26
N THR A 39 38.92 -39.79 44.08
CA THR A 39 40.04 -39.29 44.87
C THR A 39 39.57 -39.03 46.29
N LYS A 40 40.54 -38.95 47.20
CA LYS A 40 40.28 -38.62 48.59
C LYS A 40 41.27 -37.55 49.04
N GLU A 41 40.76 -36.54 49.74
CA GLU A 41 41.63 -35.49 50.26
C GLU A 41 42.46 -36.02 51.42
N ILE A 42 43.74 -35.63 51.44
CA ILE A 42 44.70 -36.06 52.45
C ILE A 42 45.38 -34.82 53.00
N SER A 43 46.06 -35.01 54.15
CA SER A 43 46.71 -33.89 54.80
C SER A 43 47.89 -33.41 53.95
N ASN A 44 48.22 -32.12 54.09
CA ASN A 44 49.32 -31.56 53.31
C ASN A 44 50.63 -32.25 53.62
N ALA A 45 50.85 -32.61 54.88
CA ALA A 45 52.03 -33.39 55.24
C ALA A 45 52.08 -34.70 54.47
N GLU A 46 50.98 -35.47 54.53
CA GLU A 46 50.89 -36.75 53.85
C GLU A 46 51.03 -36.63 52.33
N TYR A 47 50.77 -35.46 51.76
CA TYR A 47 50.92 -35.30 50.32
C TYR A 47 52.36 -35.01 49.89
N ASN A 48 53.15 -34.35 50.73
CA ASN A 48 54.47 -33.89 50.28
C ASN A 48 55.46 -35.04 50.10
N ALA A 49 55.53 -35.94 51.08
CA ALA A 49 56.52 -37.02 51.02
C ALA A 49 56.06 -38.24 50.23
N THR A 50 54.78 -38.36 49.92
CA THR A 50 54.28 -39.59 49.30
C THR A 50 54.75 -39.70 47.85
N PRO A 51 55.34 -40.82 47.46
CA PRO A 51 55.70 -41.01 46.04
C PRO A 51 54.45 -41.09 45.18
N ILE A 52 54.55 -40.52 43.97
CA ILE A 52 53.37 -40.44 43.11
C ILE A 52 52.89 -41.82 42.69
N GLY A 53 53.79 -42.79 42.58
CA GLY A 53 53.37 -44.14 42.23
C GLY A 53 52.50 -44.77 43.30
N TYR A 54 52.79 -44.44 44.57
CA TYR A 54 51.99 -44.92 45.70
C TYR A 54 50.74 -44.10 45.89
N LEU A 55 50.78 -42.83 45.48
CA LEU A 55 49.67 -41.90 45.53
C LEU A 55 48.60 -42.17 44.47
N GLN A 56 48.79 -43.18 43.63
CA GLN A 56 47.84 -43.53 42.59
C GLN A 56 47.24 -44.90 42.88
N SER A 57 46.11 -45.18 42.21
CA SER A 57 45.39 -46.43 42.37
C SER A 57 45.13 -47.07 41.01
N PRO A 58 45.28 -48.39 40.91
CA PRO A 58 45.10 -49.06 39.61
C PRO A 58 43.74 -48.82 38.96
N ASP A 59 42.66 -48.77 39.75
CA ASP A 59 41.34 -48.59 39.16
C ASP A 59 41.21 -47.27 38.41
N GLN A 60 41.89 -46.22 38.89
CA GLN A 60 41.83 -44.92 38.23
C GLN A 60 42.64 -44.87 36.95
N HIS A 61 43.41 -45.93 36.64
CA HIS A 61 44.22 -45.99 35.43
C HIS A 61 43.91 -47.25 34.65
N PRO A 62 42.70 -47.33 34.07
CA PRO A 62 42.38 -48.49 33.23
C PRO A 62 43.06 -48.41 31.89
N THR A 63 43.33 -49.59 31.32
CA THR A 63 43.97 -49.67 30.02
C THR A 63 43.01 -49.23 28.92
N ALA A 64 43.55 -48.49 27.93
CA ALA A 64 42.73 -47.98 26.84
C ALA A 64 42.13 -49.12 26.02
N PHE A 65 42.88 -50.20 25.85
CA PHE A 65 42.42 -51.37 25.11
C PHE A 65 42.90 -52.62 25.84
N PRO A 66 42.24 -52.99 26.93
CA PRO A 66 42.71 -54.12 27.74
C PRO A 66 42.48 -55.45 27.04
N LYS A 67 43.53 -56.26 26.97
CA LYS A 67 43.41 -57.59 26.40
C LYS A 67 42.64 -58.53 27.32
N VAL A 68 42.61 -58.23 28.61
CA VAL A 68 41.88 -59.00 29.61
C VAL A 68 41.06 -58.01 30.44
N PRO A 69 39.76 -58.23 30.62
CA PRO A 69 38.96 -57.32 31.44
C PRO A 69 39.52 -57.17 32.84
N GLY A 70 39.83 -55.93 33.21
CA GLY A 70 40.38 -55.61 34.51
C GLY A 70 41.85 -55.22 34.49
N MET A 71 42.48 -55.16 33.32
CA MET A 71 43.87 -54.73 33.24
C MET A 71 44.02 -53.28 33.67
N LYS A 72 45.01 -53.01 34.52
CA LYS A 72 45.29 -51.67 35.00
C LYS A 72 46.67 -51.23 34.56
N ASP A 73 46.81 -49.92 34.32
CA ASP A 73 48.08 -49.39 33.82
C ASP A 73 49.10 -49.17 34.93
N VAL A 74 48.66 -48.96 36.16
CA VAL A 74 49.57 -48.76 37.29
C VAL A 74 49.28 -49.80 38.36
N HIS A 75 50.32 -50.13 39.13
CA HIS A 75 50.22 -51.11 40.21
C HIS A 75 49.91 -50.46 41.55
N GLY A 76 50.08 -49.15 41.68
CA GLY A 76 49.88 -48.46 42.93
C GLY A 76 50.89 -48.89 43.98
N SER A 77 50.60 -48.55 45.23
CA SER A 77 51.46 -48.99 46.32
C SER A 77 51.16 -50.44 46.69
N PRO A 78 52.17 -51.29 46.84
CA PRO A 78 51.94 -52.67 47.28
C PRO A 78 51.67 -52.80 48.77
N HIS A 79 51.72 -51.70 49.51
CA HIS A 79 51.50 -51.70 50.96
C HIS A 79 50.09 -51.21 51.27
N HIS A 80 49.38 -51.98 52.08
CA HIS A 80 48.00 -51.69 52.45
C HIS A 80 47.95 -51.33 53.94
N HIS A 81 46.72 -51.23 54.47
CA HIS A 81 46.49 -50.77 55.84
C HIS A 81 45.80 -51.83 56.69
N HIS A 82 45.83 -53.09 56.26
CA HIS A 82 45.28 -54.18 57.05
C HIS A 82 46.17 -54.51 58.24
N TYR B 23 -41.69 31.35 -74.59
CA TYR B 23 -42.25 32.57 -75.14
C TYR B 23 -43.41 32.27 -76.09
N LEU B 24 -43.66 30.99 -76.34
CA LEU B 24 -44.74 30.59 -77.24
C LEU B 24 -46.07 30.67 -76.52
N ALA B 25 -47.07 31.19 -77.21
CA ALA B 25 -48.43 31.36 -76.71
C ALA B 25 -49.29 30.13 -77.02
N PRO B 26 -50.16 29.74 -76.10
CA PRO B 26 -51.07 28.62 -76.36
C PRO B 26 -52.04 28.98 -77.47
N LEU B 27 -52.59 27.95 -78.11
CA LEU B 27 -53.51 28.15 -79.23
C LEU B 27 -54.95 28.00 -78.74
N ARG B 28 -55.71 29.08 -78.83
CA ARG B 28 -57.15 29.10 -78.59
C ARG B 28 -57.79 29.81 -79.78
N SER B 29 -58.67 29.11 -80.50
CA SER B 29 -59.29 29.66 -81.70
C SER B 29 -60.79 29.34 -81.71
N ASP B 30 -61.55 30.21 -81.06
CA ASP B 30 -63.00 30.08 -80.97
C ASP B 30 -63.55 31.47 -80.70
N PHE B 31 -64.88 31.58 -80.68
CA PHE B 31 -65.53 32.87 -80.53
C PHE B 31 -66.29 32.95 -79.21
N THR B 32 -66.33 34.15 -78.64
CA THR B 32 -67.01 34.37 -77.37
C THR B 32 -68.45 34.83 -77.64
N GLU B 33 -69.36 34.39 -76.79
CA GLU B 33 -70.76 34.79 -76.89
C GLU B 33 -71.13 35.92 -75.95
N GLU B 34 -70.71 35.83 -74.68
CA GLU B 34 -71.23 36.67 -73.62
C GLU B 34 -70.27 37.83 -73.33
N ILE B 35 -70.69 39.04 -73.69
CA ILE B 35 -70.01 40.27 -73.29
C ILE B 35 -69.72 40.19 -71.80
N THR B 36 -68.45 40.14 -71.41
CA THR B 36 -68.08 39.91 -70.02
C THR B 36 -67.07 40.93 -69.54
N ALA B 37 -67.37 41.51 -68.38
CA ALA B 37 -66.57 42.47 -67.61
C ALA B 37 -65.16 41.95 -67.34
N PRO B 38 -64.21 42.82 -66.95
CA PRO B 38 -62.86 42.33 -66.64
C PRO B 38 -62.83 41.34 -65.48
N LYS B 39 -63.72 41.50 -64.51
CA LYS B 39 -63.85 40.58 -63.37
C LYS B 39 -62.49 40.26 -62.74
N VAL B 40 -61.71 41.33 -62.49
CA VAL B 40 -60.40 41.18 -61.87
C VAL B 40 -60.57 40.46 -60.54
N ALA B 41 -59.75 39.44 -60.33
CA ALA B 41 -59.83 38.66 -59.09
C ALA B 41 -59.52 39.52 -57.87
N SER B 42 -58.31 40.06 -57.79
CA SER B 42 -57.94 40.96 -56.70
C SER B 42 -56.50 41.41 -56.88
N ALA B 43 -56.18 42.52 -56.21
CA ALA B 43 -54.80 42.99 -56.12
C ALA B 43 -54.03 42.10 -55.14
N SER B 44 -52.80 41.74 -55.53
CA SER B 44 -51.98 40.90 -54.68
C SER B 44 -51.33 41.75 -53.58
N ASN B 45 -51.24 41.15 -52.38
CA ASN B 45 -50.62 41.77 -51.23
C ASN B 45 -49.09 41.67 -51.25
N LEU B 46 -48.52 41.20 -52.36
CA LEU B 46 -47.08 40.98 -52.45
C LEU B 46 -46.29 42.22 -52.02
N VAL B 47 -46.77 43.40 -52.43
CA VAL B 47 -46.07 44.64 -52.08
C VAL B 47 -46.04 44.83 -50.58
N ASN B 48 -47.18 44.62 -49.91
CA ASN B 48 -47.25 44.83 -48.47
C ASN B 48 -46.45 43.76 -47.73
N GLU B 49 -46.46 42.52 -48.24
CA GLU B 49 -45.67 41.47 -47.61
C GLU B 49 -44.18 41.77 -47.72
N TRP B 50 -43.74 42.32 -48.85
CA TRP B 50 -42.35 42.72 -48.97
C TRP B 50 -42.05 43.90 -48.05
N ASN B 51 -42.99 44.83 -47.91
CA ASN B 51 -42.80 45.95 -47.00
C ASN B 51 -42.70 45.44 -45.57
N ASN B 52 -43.49 44.42 -45.22
CA ASN B 52 -43.38 43.83 -43.89
C ASN B 52 -42.05 43.12 -43.72
N LYS B 53 -41.56 42.48 -44.79
CA LYS B 53 -40.24 41.85 -44.74
C LYS B 53 -39.16 42.90 -44.54
N LYS B 54 -39.33 44.08 -45.17
CA LYS B 54 -38.39 45.17 -44.95
C LYS B 54 -38.49 45.68 -43.52
N GLN B 55 -39.70 45.70 -42.97
CA GLN B 55 -39.87 46.14 -41.59
C GLN B 55 -39.19 45.18 -40.62
N ALA B 56 -39.35 43.87 -40.87
CA ALA B 56 -38.69 42.89 -40.02
C ALA B 56 -37.18 42.95 -40.19
N THR B 57 -36.71 43.18 -41.43
CA THR B 57 -35.28 43.30 -41.66
C THR B 57 -34.73 44.50 -40.90
N GLU B 58 -35.44 45.62 -40.93
CA GLU B 58 -35.00 46.80 -40.20
C GLU B 58 -35.05 46.53 -38.70
N ASN B 59 -36.08 45.80 -38.24
CA ASN B 59 -36.18 45.46 -36.83
C ASN B 59 -35.04 44.55 -36.42
N LEU B 60 -34.65 43.62 -37.30
CA LEU B 60 -33.52 42.75 -37.01
C LEU B 60 -32.24 43.57 -36.90
N MET B 61 -32.00 44.47 -37.87
CA MET B 61 -30.81 45.29 -37.84
C MET B 61 -30.80 46.16 -36.58
N LYS B 62 -31.96 46.67 -36.21
CA LYS B 62 -32.09 47.45 -34.99
C LYS B 62 -31.75 46.60 -33.78
N LEU B 63 -32.16 45.33 -33.79
CA LEU B 63 -31.84 44.44 -32.68
C LEU B 63 -30.34 44.13 -32.64
N LEU B 64 -29.72 43.93 -33.81
CA LEU B 64 -28.29 43.68 -33.83
C LEU B 64 -27.54 44.85 -33.24
N GLN B 65 -27.97 46.08 -33.56
CA GLN B 65 -27.33 47.28 -33.01
C GLN B 65 -27.58 47.37 -31.51
N ALA B 66 -28.80 47.03 -31.07
CA ALA B 66 -29.13 47.04 -29.65
C ALA B 66 -28.25 46.07 -28.90
N TYR B 67 -28.08 44.84 -29.44
CA TYR B 67 -27.19 43.88 -28.81
C TYR B 67 -25.79 44.43 -28.68
N LYS B 68 -25.30 45.11 -29.72
CA LYS B 68 -23.98 45.70 -29.69
C LYS B 68 -23.91 46.81 -28.64
N ASP B 69 -24.90 47.69 -28.62
CA ASP B 69 -24.89 48.81 -27.68
C ASP B 69 -24.97 48.34 -26.24
N ILE B 70 -25.77 47.30 -25.96
CA ILE B 70 -25.87 46.84 -24.58
C ILE B 70 -24.61 46.07 -24.19
N GLY B 71 -24.06 45.29 -25.11
CA GLY B 71 -22.82 44.58 -24.82
C GLY B 71 -21.65 45.53 -24.61
N ASP B 72 -21.58 46.59 -25.40
CA ASP B 72 -20.52 47.58 -25.22
C ASP B 72 -20.76 48.42 -23.97
N ALA B 73 -22.01 48.66 -23.60
CA ALA B 73 -22.30 49.38 -22.36
C ALA B 73 -21.85 48.58 -21.15
N LYS B 74 -22.04 47.26 -21.20
CA LYS B 74 -21.53 46.38 -20.16
C LYS B 74 -20.03 46.13 -20.30
N SER B 75 -19.46 46.42 -21.48
CA SER B 75 -18.03 46.21 -21.74
C SER B 75 -17.60 44.77 -21.43
N GLU B 76 -18.55 43.84 -21.51
CA GLU B 76 -18.26 42.46 -21.18
C GLU B 76 -17.57 41.75 -22.36
N PRO B 77 -16.77 40.74 -22.08
CA PRO B 77 -16.03 40.05 -23.15
C PRO B 77 -16.96 39.44 -24.19
N LEU B 78 -16.43 39.29 -25.41
CA LEU B 78 -17.24 38.82 -26.52
C LEU B 78 -17.66 37.37 -26.35
N LEU B 79 -16.71 36.49 -26.04
CA LEU B 79 -16.98 35.06 -25.94
C LEU B 79 -17.44 34.62 -24.55
N LYS B 80 -17.34 35.51 -23.55
CA LYS B 80 -17.71 35.14 -22.19
C LYS B 80 -19.12 34.55 -22.13
N ASN B 81 -20.07 35.20 -22.79
CA ASN B 81 -21.46 34.74 -22.78
C ASN B 81 -21.73 33.68 -23.84
N HIS B 82 -20.81 33.47 -24.77
CA HIS B 82 -20.96 32.42 -25.78
C HIS B 82 -20.32 31.11 -25.37
N ASN B 83 -19.28 31.15 -24.53
CA ASN B 83 -18.63 29.94 -24.06
C ASN B 83 -19.48 29.34 -22.94
N PRO B 84 -20.04 28.15 -23.15
CA PRO B 84 -20.87 27.53 -22.10
C PRO B 84 -20.10 27.14 -20.85
N ARG B 85 -18.77 27.01 -20.93
CA ARG B 85 -18.00 26.64 -19.75
C ARG B 85 -18.02 27.73 -18.69
N THR B 86 -18.30 28.98 -19.06
CA THR B 86 -18.39 30.04 -18.07
C THR B 86 -19.61 29.89 -17.16
N PHE B 87 -20.61 29.14 -17.60
CA PHE B 87 -21.83 28.90 -16.83
C PHE B 87 -21.74 27.67 -15.94
N GLU B 88 -20.73 26.82 -16.13
CA GLU B 88 -20.61 25.60 -15.35
C GLU B 88 -20.08 25.91 -13.95
N ASP B 89 -20.71 25.31 -12.94
CA ASP B 89 -20.28 25.44 -11.56
C ASP B 89 -19.30 24.30 -11.26
N ARG B 90 -18.02 24.64 -11.12
CA ARG B 90 -17.00 23.66 -10.82
C ARG B 90 -16.96 23.29 -9.34
N ASP B 91 -17.63 24.07 -8.49
CA ASP B 91 -17.70 23.82 -7.06
C ASP B 91 -18.88 22.94 -6.68
N TYR B 92 -19.42 22.19 -7.65
CA TYR B 92 -20.55 21.31 -7.41
C TYR B 92 -20.22 20.27 -6.35
N PRO B 93 -21.21 19.87 -5.54
CA PRO B 93 -20.96 18.90 -4.46
C PRO B 93 -20.33 17.58 -4.90
N VAL B 94 -20.24 17.31 -6.20
CA VAL B 94 -19.62 16.11 -6.79
C VAL B 94 -19.99 14.85 -6.02
N PRO B 95 -21.14 14.25 -6.31
CA PRO B 95 -21.56 13.03 -5.59
C PRO B 95 -20.51 11.93 -5.69
N ASP B 96 -20.27 11.29 -4.55
CA ASP B 96 -19.26 10.24 -4.43
C ASP B 96 -19.85 8.91 -4.90
N PHE B 97 -19.30 8.38 -5.99
CA PHE B 97 -19.74 7.11 -6.54
C PHE B 97 -19.51 5.94 -5.58
N ARG B 98 -18.66 6.12 -4.57
CA ARG B 98 -18.42 5.06 -3.61
C ARG B 98 -19.64 4.79 -2.73
N THR B 99 -20.61 5.69 -2.72
CA THR B 99 -21.83 5.52 -1.93
C THR B 99 -22.92 4.83 -2.74
N GLN B 100 -23.12 5.23 -4.00
CA GLN B 100 -24.12 4.60 -4.85
C GLN B 100 -23.63 3.22 -5.28
N ASN B 101 -24.50 2.22 -5.14
CA ASN B 101 -24.18 0.84 -5.49
C ASN B 101 -24.09 0.69 -7.01
N LEU B 102 -22.89 0.40 -7.50
CA LEU B 102 -22.62 0.29 -8.93
C LEU B 102 -21.74 -0.94 -9.16
N LYS B 103 -22.02 -1.64 -10.26
CA LYS B 103 -21.24 -2.82 -10.64
C LYS B 103 -20.14 -2.44 -11.64
N ALA B 104 -19.44 -3.47 -12.14
CA ALA B 104 -18.28 -3.28 -13.02
C ALA B 104 -18.59 -2.31 -14.16
N GLY B 105 -19.64 -2.57 -14.92
CA GLY B 105 -20.00 -1.70 -16.02
C GLY B 105 -20.86 -0.51 -15.67
N ASP B 106 -21.27 -0.40 -14.41
CA ASP B 106 -22.18 0.66 -14.01
C ASP B 106 -21.46 1.97 -13.77
N VAL B 107 -20.22 1.92 -13.26
CA VAL B 107 -19.48 3.13 -12.95
C VAL B 107 -19.28 4.02 -14.17
N PRO B 108 -18.84 3.53 -15.33
CA PRO B 108 -18.68 4.44 -16.47
C PRO B 108 -20.02 5.01 -16.93
N LYS B 109 -21.09 4.22 -16.86
CA LYS B 109 -22.40 4.73 -17.23
C LYS B 109 -22.86 5.79 -16.23
N PHE B 110 -22.57 5.58 -14.95
CA PHE B 110 -22.93 6.56 -13.93
C PHE B 110 -22.19 7.87 -14.14
N PHE B 111 -20.88 7.80 -14.41
CA PHE B 111 -20.11 9.01 -14.66
C PHE B 111 -20.65 9.76 -15.86
N ASP B 112 -20.94 9.04 -16.95
CA ASP B 112 -21.48 9.70 -18.14
C ASP B 112 -22.82 10.33 -17.84
N THR B 113 -23.58 9.76 -16.89
CA THR B 113 -24.86 10.34 -16.50
C THR B 113 -24.65 11.66 -15.76
N VAL B 114 -23.74 11.65 -14.78
CA VAL B 114 -23.46 12.86 -14.00
C VAL B 114 -22.97 13.97 -14.93
N ILE B 115 -22.09 13.62 -15.87
CA ILE B 115 -21.56 14.62 -16.80
C ILE B 115 -22.69 15.16 -17.68
N SER B 116 -23.55 14.28 -18.17
CA SER B 116 -24.65 14.71 -19.03
C SER B 116 -25.57 15.67 -18.27
N THR B 117 -25.87 15.38 -17.01
CA THR B 117 -26.75 16.26 -16.24
C THR B 117 -26.07 17.59 -15.97
N ARG B 118 -24.76 17.58 -15.70
CA ARG B 118 -24.04 18.83 -15.47
C ARG B 118 -23.94 19.63 -16.76
N ALA B 119 -23.67 18.97 -17.88
CA ALA B 119 -23.56 19.67 -19.16
C ALA B 119 -24.91 20.25 -19.55
N SER B 120 -25.99 19.49 -19.34
CA SER B 120 -27.32 19.98 -19.69
C SER B 120 -27.69 21.19 -18.84
N ALA B 121 -27.30 21.18 -17.56
CA ALA B 121 -27.62 22.30 -16.68
C ALA B 121 -26.88 23.56 -17.12
N ALA B 122 -25.63 23.42 -17.57
CA ALA B 122 -24.89 24.59 -18.03
C ALA B 122 -25.49 25.12 -19.33
N ILE B 123 -25.94 24.22 -20.20
CA ILE B 123 -26.59 24.63 -21.44
C ILE B 123 -27.88 25.37 -21.12
N ALA B 124 -28.67 24.83 -20.19
CA ALA B 124 -29.90 25.48 -19.78
C ALA B 124 -29.62 26.82 -19.10
N SER B 125 -28.51 26.91 -18.36
CA SER B 125 -28.17 28.17 -17.71
C SER B 125 -27.80 29.22 -18.74
N LYS B 126 -27.08 28.82 -19.79
CA LYS B 126 -26.76 29.77 -20.86
C LYS B 126 -28.02 30.22 -21.56
N ASP B 127 -28.95 29.28 -21.81
CA ASP B 127 -30.22 29.62 -22.43
C ASP B 127 -31.03 30.54 -21.52
N LYS B 128 -30.99 30.29 -20.21
CA LYS B 128 -31.70 31.15 -19.28
C LYS B 128 -31.15 32.57 -19.31
N PHE B 129 -29.83 32.71 -19.35
CA PHE B 129 -29.22 34.03 -19.49
C PHE B 129 -29.60 34.65 -20.83
N TRP B 130 -29.49 33.88 -21.91
CA TRP B 130 -29.82 34.41 -23.23
C TRP B 130 -31.29 34.77 -23.34
N ALA B 131 -32.17 34.08 -22.61
CA ALA B 131 -33.58 34.44 -22.62
C ALA B 131 -33.78 35.80 -21.96
N GLY B 132 -33.12 36.02 -20.82
CA GLY B 132 -33.24 37.30 -20.14
C GLY B 132 -32.56 38.41 -20.93
N ARG B 133 -31.38 38.11 -21.49
CA ARG B 133 -30.66 39.10 -22.30
C ARG B 133 -31.43 39.44 -23.57
N LYS B 134 -32.06 38.45 -24.20
CA LYS B 134 -32.87 38.73 -25.38
C LYS B 134 -34.08 39.59 -25.03
N THR B 135 -34.72 39.30 -23.89
CA THR B 135 -35.85 40.11 -23.46
C THR B 135 -35.41 41.57 -23.23
N GLU B 136 -34.23 41.74 -22.63
CA GLU B 136 -33.70 43.08 -22.41
C GLU B 136 -33.42 43.78 -23.73
N ALA B 137 -32.89 43.05 -24.71
CA ALA B 137 -32.56 43.66 -26.00
C ALA B 137 -33.81 43.95 -26.81
N GLU B 138 -34.82 43.08 -26.74
CA GLU B 138 -36.03 43.31 -27.53
C GLU B 138 -36.77 44.54 -27.05
N ALA B 139 -36.78 44.78 -25.73
CA ALA B 139 -37.40 45.99 -25.20
C ALA B 139 -36.61 47.23 -25.63
N ALA B 140 -35.28 47.17 -25.53
CA ALA B 140 -34.45 48.30 -25.92
C ALA B 140 -34.57 48.59 -27.41
N SER B 141 -34.75 47.55 -28.23
CA SER B 141 -34.91 47.77 -29.67
C SER B 141 -36.27 48.39 -29.97
N ALA B 142 -37.31 47.99 -29.24
CA ALA B 142 -38.65 48.54 -29.46
C ALA B 142 -38.66 50.05 -29.26
N LYS B 143 -38.05 50.52 -28.16
CA LYS B 143 -37.95 51.94 -27.88
C LYS B 143 -36.71 52.56 -28.49
N ALA B 144 -36.49 52.31 -29.78
CA ALA B 144 -35.34 52.86 -30.48
C ALA B 144 -35.70 53.16 -31.92
N SER B 145 -35.03 54.14 -32.49
CA SER B 145 -35.22 54.55 -33.87
C SER B 145 -34.09 54.02 -34.74
N ALA B 146 -34.45 53.51 -35.91
CA ALA B 146 -33.47 52.95 -36.84
C ALA B 146 -33.17 53.97 -37.94
N ALA B 147 -31.87 54.20 -38.20
CA ALA B 147 -31.40 55.12 -39.23
C ALA B 147 -30.22 54.44 -39.94
N PHE B 148 -30.53 53.59 -40.91
CA PHE B 148 -29.47 52.85 -41.58
C PHE B 148 -29.41 53.18 -43.06
N PRO B 149 -28.22 53.18 -43.65
CA PRO B 149 -28.09 53.49 -45.08
C PRO B 149 -28.77 52.44 -45.96
N ARG B 150 -29.19 52.89 -47.13
CA ARG B 150 -29.89 52.06 -48.10
C ARG B 150 -28.90 51.29 -48.96
N VAL B 151 -29.37 50.16 -49.52
CA VAL B 151 -28.53 49.36 -50.39
C VAL B 151 -28.13 50.17 -51.61
N ALA B 152 -26.84 50.16 -51.93
CA ALA B 152 -26.34 50.83 -53.13
C ALA B 152 -26.81 50.07 -54.35
N VAL B 153 -27.75 50.65 -55.09
CA VAL B 153 -28.29 50.02 -56.30
C VAL B 153 -28.14 50.99 -57.47
N PRO B 154 -28.02 50.48 -58.70
CA PRO B 154 -27.88 51.38 -59.85
C PRO B 154 -29.12 52.25 -60.02
N GLU B 155 -28.88 53.52 -60.36
CA GLU B 155 -29.97 54.48 -60.52
C GLU B 155 -30.78 54.16 -61.78
N TRP B 156 -32.09 53.99 -61.60
CA TRP B 156 -32.99 53.58 -62.67
C TRP B 156 -34.25 54.43 -62.63
N LYS B 157 -34.69 54.90 -63.80
CA LYS B 157 -35.90 55.71 -63.92
C LYS B 157 -36.83 55.09 -64.95
N LYS B 158 -38.14 55.17 -64.67
CA LYS B 158 -39.14 54.52 -65.51
C LYS B 158 -38.99 54.86 -66.99
N GLY B 159 -38.69 56.12 -67.29
CA GLY B 159 -38.53 56.55 -68.67
C GLY B 159 -37.12 56.51 -69.22
N LYS B 160 -36.13 56.48 -68.32
CA LYS B 160 -34.73 56.57 -68.70
C LYS B 160 -34.13 55.24 -69.17
N THR B 161 -32.81 55.18 -69.17
CA THR B 161 -32.04 53.96 -69.43
C THR B 161 -30.72 54.10 -68.70
N VAL B 162 -30.41 53.13 -67.84
CA VAL B 162 -29.20 53.23 -67.03
C VAL B 162 -27.97 53.17 -67.93
N SER B 163 -26.92 53.89 -67.53
CA SER B 163 -25.66 53.96 -68.23
C SER B 163 -24.58 53.17 -67.50
N ILE B 164 -23.53 52.82 -68.25
CA ILE B 164 -22.44 52.03 -67.67
C ILE B 164 -21.72 52.81 -66.56
N GLU B 165 -21.70 54.14 -66.65
CA GLU B 165 -20.99 54.92 -65.64
C GLU B 165 -21.65 54.79 -64.27
N ASN B 166 -22.99 54.86 -64.22
CA ASN B 166 -23.69 54.72 -62.95
C ASN B 166 -23.47 53.32 -62.38
N LEU B 167 -23.53 52.30 -63.24
CA LEU B 167 -23.31 50.93 -62.80
C LEU B 167 -21.92 50.75 -62.20
N ASN B 168 -20.92 51.43 -62.76
CA ASN B 168 -19.56 51.32 -62.26
C ASN B 168 -19.40 52.04 -60.92
N THR B 169 -20.03 53.20 -60.76
CA THR B 169 -19.93 53.91 -59.49
C THR B 169 -20.61 53.13 -58.37
N VAL B 170 -21.68 52.40 -58.68
CA VAL B 170 -22.33 51.56 -57.69
C VAL B 170 -21.43 50.38 -57.34
N THR B 171 -20.77 49.80 -58.34
CA THR B 171 -19.82 48.73 -58.10
C THR B 171 -18.65 49.20 -57.24
N ASP B 172 -18.26 50.47 -57.38
CA ASP B 172 -17.18 51.02 -56.58
C ASP B 172 -17.55 51.05 -55.09
N LYS B 173 -18.82 51.32 -54.79
CA LYS B 173 -19.26 51.29 -53.39
C LYS B 173 -19.18 49.87 -52.83
N TYR B 174 -19.47 48.86 -53.65
CA TYR B 174 -19.32 47.49 -53.20
C TYR B 174 -17.87 47.17 -52.86
N ALA B 175 -16.93 47.59 -53.72
CA ALA B 175 -15.52 47.35 -53.45
C ALA B 175 -15.06 48.15 -52.24
N ALA B 176 -15.69 49.30 -51.97
CA ALA B 176 -15.34 50.07 -50.78
C ALA B 176 -15.75 49.34 -49.50
N ALA B 177 -16.81 48.54 -49.56
CA ALA B 177 -17.22 47.77 -48.39
C ALA B 177 -16.26 46.62 -48.12
N LEU B 178 -15.57 46.13 -49.16
CA LEU B 178 -14.60 45.07 -48.94
C LEU B 178 -13.38 45.56 -48.18
N VAL B 179 -13.09 46.85 -48.27
CA VAL B 179 -11.95 47.44 -47.56
C VAL B 179 -12.23 47.39 -46.07
N PRO B 180 -11.41 46.72 -45.28
CA PRO B 180 -11.66 46.66 -43.83
C PRO B 180 -11.54 48.03 -43.18
N LYS B 181 -12.37 48.23 -42.14
CA LYS B 181 -12.36 49.51 -41.44
C LYS B 181 -10.99 49.80 -40.86
N ARG B 182 -10.31 48.76 -40.38
CA ARG B 182 -8.97 48.87 -39.82
C ARG B 182 -8.09 47.90 -40.59
N LYS B 183 -6.93 48.37 -41.03
CA LYS B 183 -6.04 47.53 -41.82
C LYS B 183 -4.59 47.86 -41.54
N LEU B 184 -3.72 46.87 -41.77
CA LEU B 184 -2.28 47.03 -41.58
C LEU B 184 -1.66 47.79 -42.74
N ALA B 185 -0.79 48.74 -42.40
CA ALA B 185 -0.08 49.53 -43.41
C ALA B 185 1.17 48.79 -43.88
N LEU B 186 0.93 47.66 -44.52
CA LEU B 186 2.00 46.85 -45.09
C LEU B 186 2.70 47.61 -46.20
N PRO B 187 3.99 47.93 -46.05
CA PRO B 187 4.68 48.78 -47.06
C PRO B 187 5.07 47.96 -48.28
N VAL B 188 4.58 48.40 -49.44
CA VAL B 188 4.94 47.81 -50.73
C VAL B 188 6.04 48.67 -51.34
N LEU B 189 7.19 48.08 -51.59
CA LEU B 189 8.34 48.83 -52.11
C LEU B 189 8.08 49.31 -53.53
N PRO B 190 8.02 50.63 -53.76
CA PRO B 190 7.77 51.13 -55.12
C PRO B 190 8.95 50.85 -56.03
N GLU B 191 8.64 50.66 -57.31
CA GLU B 191 9.70 50.40 -58.29
C GLU B 191 10.66 51.57 -58.38
N GLY B 192 10.14 52.79 -58.27
CA GLY B 192 11.02 53.97 -58.31
C GLY B 192 12.00 53.99 -57.16
N VAL B 193 11.56 53.54 -55.98
CA VAL B 193 12.44 53.49 -54.81
C VAL B 193 13.33 52.27 -54.88
N LYS B 194 12.77 51.13 -55.31
CA LYS B 194 13.54 49.89 -55.42
C LYS B 194 14.76 50.08 -56.31
N LYS B 195 14.56 50.62 -57.51
CA LYS B 195 15.67 50.79 -58.45
C LYS B 195 16.61 51.91 -58.01
N ALA B 196 16.09 52.96 -57.36
CA ALA B 196 16.95 54.05 -56.92
C ALA B 196 17.97 53.54 -55.91
N VAL B 197 17.56 52.62 -55.04
CA VAL B 197 18.49 52.02 -54.08
C VAL B 197 19.47 51.10 -54.79
N GLU B 198 18.96 50.29 -55.73
CA GLU B 198 19.82 49.38 -56.47
C GLU B 198 20.87 50.14 -57.29
N ASP B 199 20.51 51.32 -57.81
CA ASP B 199 21.47 52.10 -58.58
C ASP B 199 22.57 52.62 -57.68
N PHE B 200 22.23 53.08 -56.47
CA PHE B 200 23.24 53.55 -55.54
C PHE B 200 24.14 52.40 -55.09
N ALA B 201 23.56 51.22 -54.85
CA ALA B 201 24.37 50.08 -54.44
C ALA B 201 25.35 49.68 -55.54
N ALA B 202 24.91 49.74 -56.80
CA ALA B 202 25.82 49.44 -57.90
C ALA B 202 26.86 50.53 -58.07
N SER B 203 26.53 51.77 -57.71
CA SER B 203 27.48 52.87 -57.80
C SER B 203 28.67 52.67 -56.86
N VAL B 204 28.43 52.05 -55.70
CA VAL B 204 29.52 51.76 -54.76
C VAL B 204 30.06 50.36 -55.02
N GLY B 205 29.75 49.80 -56.19
CA GLY B 205 30.26 48.51 -56.58
C GLY B 205 29.60 47.30 -55.93
N GLN B 206 28.60 47.49 -55.06
CA GLN B 206 27.92 46.38 -54.42
C GLN B 206 26.80 45.79 -55.27
N ALA B 207 26.89 45.92 -56.59
CA ALA B 207 25.87 45.37 -57.49
C ALA B 207 25.71 43.86 -57.33
N LYS B 208 26.71 43.17 -56.81
CA LYS B 208 26.64 41.72 -56.63
C LYS B 208 25.55 41.32 -55.65
N ASN B 209 25.21 42.20 -54.70
CA ASN B 209 24.18 41.90 -53.71
C ASN B 209 23.12 42.99 -53.60
N ALA B 210 23.05 43.91 -54.58
CA ALA B 210 22.11 45.01 -54.49
C ALA B 210 20.67 44.53 -54.36
N SER B 211 20.34 43.43 -55.04
CA SER B 211 19.00 42.88 -54.96
C SER B 211 18.71 42.38 -53.54
N GLU B 212 19.67 41.67 -52.95
CA GLU B 212 19.49 41.16 -51.59
C GLU B 212 19.30 42.29 -50.59
N VAL B 213 19.95 43.44 -50.81
CA VAL B 213 19.80 44.58 -49.93
C VAL B 213 18.35 45.06 -49.92
N SER B 214 17.71 45.07 -51.09
CA SER B 214 16.31 45.50 -51.16
C SER B 214 15.40 44.56 -50.39
N GLU B 215 15.77 43.28 -50.28
CA GLU B 215 14.98 42.33 -49.51
C GLU B 215 15.07 42.62 -48.02
N LEU B 216 16.25 42.95 -47.52
CA LEU B 216 16.41 43.30 -46.11
C LEU B 216 15.66 44.59 -45.79
N LEU B 217 15.67 45.55 -46.71
CA LEU B 217 14.94 46.80 -46.48
C LEU B 217 13.45 46.55 -46.35
N ALA B 218 12.89 45.72 -47.25
CA ALA B 218 11.46 45.43 -47.20
C ALA B 218 11.08 44.71 -45.91
N LYS B 219 11.88 43.71 -45.50
CA LYS B 219 11.58 42.96 -44.29
C LYS B 219 11.66 43.86 -43.07
N SER B 220 12.73 44.66 -42.97
CA SER B 220 12.89 45.55 -41.82
C SER B 220 11.74 46.55 -41.72
N LEU B 221 11.25 47.02 -42.87
CA LEU B 221 10.12 47.94 -42.86
C LEU B 221 8.83 47.25 -42.45
N ALA B 222 8.63 46.00 -42.89
CA ALA B 222 7.41 45.28 -42.57
C ALA B 222 7.36 44.86 -41.12
N GLU B 223 8.51 44.53 -40.52
CA GLU B 223 8.55 44.13 -39.12
C GLU B 223 8.00 45.21 -38.21
N LYS B 224 8.08 46.48 -38.63
CA LYS B 224 7.58 47.60 -37.85
C LYS B 224 6.34 48.22 -38.46
N ALA B 225 5.60 47.45 -39.27
CA ALA B 225 4.39 47.97 -39.90
C ALA B 225 3.40 48.47 -38.86
N VAL B 226 2.76 49.59 -39.16
CA VAL B 226 1.82 50.22 -38.25
C VAL B 226 0.40 49.86 -38.69
N VAL B 227 -0.56 50.10 -37.80
CA VAL B 227 -1.96 49.82 -38.06
C VAL B 227 -2.68 51.14 -38.30
N THR B 228 -3.56 51.17 -39.30
CA THR B 228 -4.32 52.36 -39.65
C THR B 228 -5.80 52.04 -39.69
N GLU B 229 -6.62 52.96 -39.19
CA GLU B 229 -8.07 52.86 -39.25
C GLU B 229 -8.61 54.13 -39.87
N GLY B 230 -9.54 53.98 -40.82
CA GLY B 230 -10.05 55.14 -41.53
C GLY B 230 -8.97 55.96 -42.22
N GLY B 231 -7.89 55.31 -42.64
CA GLY B 231 -6.76 55.95 -43.28
C GLY B 231 -5.80 56.65 -42.34
N LYS B 232 -6.15 56.86 -41.08
CA LYS B 232 -5.26 57.51 -40.13
C LYS B 232 -4.63 56.47 -39.21
N VAL B 233 -3.39 56.72 -38.82
CA VAL B 233 -2.66 55.80 -37.95
C VAL B 233 -3.33 55.75 -36.59
N VAL B 234 -3.65 54.54 -36.13
CA VAL B 234 -4.20 54.36 -34.79
C VAL B 234 -3.05 54.27 -33.78
N GLU B 235 -3.02 55.21 -32.85
CA GLU B 235 -1.97 55.26 -31.84
C GLU B 235 -2.23 54.28 -30.70
N GLY B 236 -1.16 53.65 -30.23
CA GLY B 236 -1.28 52.72 -29.11
C GLY B 236 -2.02 51.44 -29.40
N PHE B 237 -1.95 50.94 -30.63
CA PHE B 237 -2.64 49.71 -31.01
C PHE B 237 -1.69 48.52 -30.92
N SER B 238 -2.10 47.50 -30.17
CA SER B 238 -1.34 46.28 -29.98
C SER B 238 -2.10 45.10 -30.56
N TYR B 239 -1.37 44.17 -31.18
CA TYR B 239 -2.01 42.99 -31.74
C TYR B 239 -1.06 41.80 -31.62
N VAL B 240 -1.66 40.61 -31.53
CA VAL B 240 -0.93 39.35 -31.51
C VAL B 240 -1.29 38.57 -32.77
N SER B 241 -0.29 38.27 -33.59
CA SER B 241 -0.54 37.57 -34.84
C SER B 241 -0.90 36.10 -34.58
N LYS B 242 -1.47 35.47 -35.61
CA LYS B 242 -1.83 34.06 -35.51
C LYS B 242 -0.62 33.18 -35.32
N ALA B 243 0.52 33.55 -35.91
CA ALA B 243 1.73 32.75 -35.74
C ALA B 243 2.22 32.79 -34.30
N VAL B 244 2.15 33.95 -33.65
CA VAL B 244 2.57 34.03 -32.26
C VAL B 244 1.63 33.22 -31.37
N ALA B 245 0.32 33.35 -31.60
CA ALA B 245 -0.64 32.60 -30.79
C ALA B 245 -0.44 31.10 -30.95
N ALA B 246 -0.22 30.64 -32.17
CA ALA B 246 0.01 29.22 -32.41
C ALA B 246 1.30 28.76 -31.75
N LYS B 247 2.32 29.62 -31.74
CA LYS B 247 3.58 29.26 -31.10
C LYS B 247 3.39 29.12 -29.60
N VAL B 248 2.62 30.04 -29.00
CA VAL B 248 2.35 29.95 -27.57
C VAL B 248 1.58 28.66 -27.26
N ILE B 249 0.59 28.34 -28.10
CA ILE B 249 -0.18 27.11 -27.90
C ILE B 249 0.73 25.89 -28.04
N ALA B 250 1.64 25.91 -29.01
CA ALA B 250 2.53 24.78 -29.22
C ALA B 250 3.40 24.54 -27.99
N THR B 251 4.00 25.61 -27.46
CA THR B 251 4.84 25.47 -26.27
C THR B 251 3.98 25.11 -25.06
N ARG B 252 2.79 25.72 -24.95
CA ARG B 252 1.91 25.43 -23.83
C ARG B 252 1.47 23.98 -23.83
N ARG B 253 1.24 23.42 -25.03
CA ARG B 253 0.88 22.01 -25.12
C ARG B 253 2.07 21.13 -24.74
N ALA B 254 3.26 21.48 -25.20
CA ALA B 254 4.44 20.67 -24.88
C ALA B 254 4.71 20.66 -23.38
N GLU B 255 4.44 21.77 -22.69
CA GLU B 255 4.67 21.83 -21.25
C GLU B 255 3.78 20.82 -20.54
N VAL B 256 2.47 20.84 -20.82
CA VAL B 256 1.55 19.92 -20.18
C VAL B 256 1.78 18.49 -20.66
N HIS B 257 2.11 18.34 -21.95
CA HIS B 257 2.34 17.00 -22.48
C HIS B 257 3.53 16.34 -21.80
N GLU B 258 4.65 17.08 -21.66
CA GLU B 258 5.79 16.50 -20.96
C GLU B 258 5.49 16.33 -19.48
N ARG B 259 4.63 17.18 -18.92
CA ARG B 259 4.22 17.00 -17.53
C ARG B 259 3.42 15.71 -17.39
N LEU B 260 2.59 15.40 -18.39
CA LEU B 260 1.84 14.14 -18.38
C LEU B 260 2.80 12.96 -18.44
N LEU B 261 3.82 13.06 -19.30
CA LEU B 261 4.81 11.99 -19.40
C LEU B 261 5.53 11.79 -18.08
N LYS B 262 5.93 12.89 -17.44
CA LYS B 262 6.62 12.80 -16.15
C LYS B 262 5.72 12.17 -15.10
N LEU B 263 4.42 12.47 -15.15
CA LEU B 263 3.48 11.87 -14.21
C LEU B 263 3.46 10.35 -14.34
N TRP B 264 3.25 9.84 -15.56
CA TRP B 264 3.17 8.40 -15.75
C TRP B 264 4.52 7.72 -15.52
N ALA B 265 5.63 8.43 -15.77
CA ALA B 265 6.94 7.82 -15.57
C ALA B 265 7.12 7.42 -14.11
N LYS B 266 6.69 8.27 -13.18
CA LYS B 266 6.79 7.95 -11.77
C LYS B 266 6.01 6.67 -11.44
N ARG B 267 4.82 6.53 -12.03
CA ARG B 267 3.99 5.36 -11.75
C ARG B 267 4.63 4.09 -12.33
N LEU B 268 5.09 4.14 -13.58
CA LEU B 268 5.63 2.95 -14.21
C LEU B 268 6.99 2.56 -13.66
N LEU B 269 7.75 3.51 -13.10
CA LEU B 269 9.03 3.16 -12.51
C LEU B 269 8.83 2.35 -11.24
N VAL B 270 7.88 2.77 -10.41
CA VAL B 270 7.58 2.05 -9.17
C VAL B 270 6.71 0.83 -9.44
N SER B 271 5.71 0.97 -10.31
CA SER B 271 4.75 -0.09 -10.60
C SER B 271 4.57 -0.22 -12.11
N PRO B 272 5.51 -0.89 -12.79
CA PRO B 272 5.38 -1.06 -14.25
C PRO B 272 4.22 -1.92 -14.68
N GLU B 273 3.68 -2.77 -13.81
CA GLU B 273 2.60 -3.67 -14.17
C GLU B 273 1.29 -2.96 -14.54
N LEU B 274 1.17 -1.66 -14.28
CA LEU B 274 -0.04 -0.94 -14.69
C LEU B 274 -0.22 -0.95 -16.21
N ALA B 275 0.87 -1.10 -16.96
CA ALA B 275 0.81 -1.11 -18.41
C ALA B 275 0.05 -2.29 -18.99
N ILE B 276 -0.22 -3.34 -18.20
CA ILE B 276 -0.95 -4.48 -18.71
C ILE B 276 -2.44 -4.20 -18.89
N VAL B 277 -2.96 -3.17 -18.24
CA VAL B 277 -4.37 -2.79 -18.38
C VAL B 277 -4.43 -1.48 -19.18
N PRO B 278 -5.12 -1.46 -20.32
CA PRO B 278 -5.19 -0.23 -21.12
C PRO B 278 -6.04 0.83 -20.44
N LEU B 279 -5.65 2.08 -20.65
CA LEU B 279 -6.29 3.22 -19.99
C LEU B 279 -7.79 3.28 -20.30
N ASN B 280 -8.17 2.96 -21.55
CA ASN B 280 -9.58 3.02 -21.92
C ASN B 280 -10.40 1.91 -21.28
N GLU B 281 -9.76 0.84 -20.80
CA GLU B 281 -10.46 -0.26 -20.15
C GLU B 281 -10.46 -0.14 -18.64
N PHE B 282 -9.76 0.85 -18.09
CA PHE B 282 -9.66 1.00 -16.63
C PHE B 282 -11.01 1.24 -15.99
N ASP B 283 -11.83 2.11 -16.59
CA ASP B 283 -13.10 2.46 -15.97
C ASP B 283 -14.05 1.27 -15.90
N ALA B 284 -13.98 0.35 -16.87
CA ALA B 284 -14.90 -0.79 -16.86
C ALA B 284 -14.63 -1.76 -15.73
N GLN B 285 -13.60 -1.53 -14.91
CA GLN B 285 -13.28 -2.40 -13.79
C GLN B 285 -13.80 -1.89 -12.46
N LEU B 286 -14.06 -0.59 -12.35
CA LEU B 286 -14.43 0.02 -11.08
C LEU B 286 -15.79 -0.47 -10.58
N ALA B 287 -15.97 -0.39 -9.28
CA ALA B 287 -17.23 -0.75 -8.62
C ALA B 287 -17.32 0.03 -7.31
N SER B 288 -18.52 0.03 -6.72
CA SER B 288 -18.71 0.81 -5.49
C SER B 288 -17.96 0.20 -4.31
N LYS B 289 -17.85 -1.13 -4.27
CA LYS B 289 -17.12 -1.82 -3.22
C LYS B 289 -15.87 -2.47 -3.80
N PHE B 290 -14.81 -2.51 -2.99
CA PHE B 290 -13.55 -3.06 -3.47
C PHE B 290 -13.70 -4.51 -3.88
N GLU B 291 -14.52 -5.27 -3.15
CA GLU B 291 -14.78 -6.67 -3.48
C GLU B 291 -15.60 -6.83 -4.75
N GLY B 292 -16.23 -5.76 -5.23
CA GLY B 292 -17.03 -5.79 -6.44
C GLY B 292 -16.26 -5.58 -7.71
N ILE B 293 -14.96 -5.29 -7.62
CA ILE B 293 -14.15 -5.03 -8.80
C ILE B 293 -14.06 -6.29 -9.64
N SER B 294 -14.08 -6.12 -10.96
CA SER B 294 -14.00 -7.25 -11.88
C SER B 294 -12.70 -8.00 -11.68
N PRO B 295 -12.72 -9.32 -11.55
CA PRO B 295 -11.48 -10.08 -11.33
C PRO B 295 -10.68 -10.34 -12.60
N LYS B 296 -11.10 -9.77 -13.74
CA LYS B 296 -10.43 -10.03 -15.02
C LYS B 296 -8.93 -9.77 -14.94
N TYR B 297 -8.53 -8.73 -14.21
CA TYR B 297 -7.12 -8.38 -14.09
C TYR B 297 -6.59 -8.51 -12.67
N GLN B 298 -7.44 -8.82 -11.69
CA GLN B 298 -7.01 -8.84 -10.29
C GLN B 298 -5.86 -9.82 -10.08
N GLU B 299 -6.07 -11.08 -10.48
CA GLU B 299 -5.05 -12.10 -10.27
C GLU B 299 -3.82 -11.84 -11.13
N LEU B 300 -4.01 -11.33 -12.34
CA LEU B 300 -2.88 -11.08 -13.22
C LEU B 300 -1.96 -9.98 -12.68
N LEU B 301 -2.55 -8.89 -12.18
CA LEU B 301 -1.75 -7.81 -11.61
C LEU B 301 -0.95 -8.30 -10.41
N SER B 302 -1.57 -9.10 -9.54
CA SER B 302 -0.86 -9.61 -8.36
C SER B 302 0.33 -10.47 -8.75
N ALA B 303 0.21 -11.24 -9.84
CA ALA B 303 1.32 -12.08 -10.27
C ALA B 303 2.43 -11.28 -10.93
N VAL B 304 2.07 -10.35 -11.82
CA VAL B 304 3.08 -9.55 -12.50
C VAL B 304 3.84 -8.69 -11.50
N ALA B 305 3.16 -8.27 -10.43
CA ALA B 305 3.77 -7.45 -9.39
C ALA B 305 4.94 -8.14 -8.71
N GLN B 306 5.01 -9.48 -8.79
CA GLN B 306 6.12 -10.22 -8.19
C GLN B 306 7.40 -10.15 -9.02
N GLY B 307 7.33 -9.69 -10.26
CA GLY B 307 8.50 -9.49 -11.09
C GLY B 307 8.68 -10.56 -12.15
N ASN B 308 9.81 -10.42 -12.85
CA ASN B 308 10.15 -11.27 -13.98
C ASN B 308 10.49 -12.71 -13.60
N LYS B 309 10.88 -12.96 -12.36
CA LYS B 309 11.21 -14.32 -11.94
C LYS B 309 10.04 -14.99 -11.24
N THR B 310 9.82 -16.26 -11.56
CA THR B 310 8.74 -17.03 -10.98
C THR B 310 9.04 -17.34 -9.52
N PHE B 311 7.97 -17.60 -8.75
CA PHE B 311 8.12 -17.93 -7.33
C PHE B 311 9.05 -19.10 -7.13
N ALA B 312 8.90 -20.16 -7.93
CA ALA B 312 9.80 -21.30 -7.84
C ALA B 312 11.22 -20.94 -8.25
N GLN B 313 11.37 -20.04 -9.24
CA GLN B 313 12.71 -19.61 -9.64
C GLN B 313 13.38 -18.81 -8.54
N ARG B 314 12.61 -18.00 -7.81
CA ARG B 314 13.17 -17.23 -6.70
C ARG B 314 13.63 -18.15 -5.58
N LEU B 315 12.87 -19.21 -5.30
CA LEU B 315 13.29 -20.16 -4.28
C LEU B 315 14.57 -20.89 -4.69
N ASN B 316 14.68 -21.28 -5.96
CA ASN B 316 15.88 -21.99 -6.42
C ASN B 316 17.13 -21.15 -6.26
N SER B 317 17.00 -19.83 -6.22
CA SER B 317 18.15 -18.95 -6.05
C SER B 317 18.42 -18.61 -4.58
N SER B 318 17.55 -19.05 -3.67
CA SER B 318 17.68 -18.73 -2.27
C SER B 318 18.85 -19.50 -1.65
N PRO B 319 19.39 -19.00 -0.53
CA PRO B 319 20.49 -19.72 0.14
C PRO B 319 20.14 -21.13 0.58
N ALA B 320 18.87 -21.42 0.86
CA ALA B 320 18.50 -22.77 1.28
C ALA B 320 18.82 -23.80 0.21
N PHE B 321 18.60 -23.45 -1.06
CA PHE B 321 18.91 -24.36 -2.16
C PHE B 321 20.40 -24.45 -2.45
N SER B 322 21.20 -23.54 -1.89
CA SER B 322 22.65 -23.61 -2.03
C SER B 322 23.28 -24.54 -1.00
N SER B 323 22.49 -25.03 -0.05
CA SER B 323 22.99 -25.95 0.95
C SER B 323 23.26 -27.32 0.33
N PHE B 324 24.08 -28.11 1.04
CA PHE B 324 24.51 -29.41 0.52
C PHE B 324 23.30 -30.31 0.23
N LEU B 325 22.35 -30.39 1.16
CA LEU B 325 21.24 -31.30 0.97
C LEU B 325 20.21 -30.80 -0.03
N LEU B 326 20.35 -29.58 -0.54
CA LEU B 326 19.43 -29.04 -1.55
C LEU B 326 20.16 -28.58 -2.80
N LYS B 327 21.47 -28.85 -2.90
CA LYS B 327 22.25 -28.41 -4.05
C LYS B 327 21.69 -28.88 -5.38
N ARG B 328 21.08 -30.08 -5.40
CA ARG B 328 20.53 -30.64 -6.63
C ARG B 328 19.01 -30.63 -6.67
N GLU B 329 18.35 -29.98 -5.73
CA GLU B 329 16.90 -29.99 -5.70
C GLU B 329 16.33 -28.81 -6.47
N LYS B 330 15.11 -28.97 -6.97
CA LYS B 330 14.39 -27.94 -7.70
C LYS B 330 12.99 -27.78 -7.15
N ALA B 331 12.56 -26.54 -6.96
CA ALA B 331 11.25 -26.29 -6.38
C ALA B 331 10.13 -26.74 -7.31
N GLU B 332 10.35 -26.69 -8.62
CA GLU B 332 9.33 -27.12 -9.57
C GLU B 332 9.07 -28.62 -9.48
N SER B 333 10.08 -29.39 -9.05
CA SER B 333 9.89 -30.84 -8.91
C SER B 333 8.86 -31.17 -7.85
N GLU B 334 8.69 -30.29 -6.86
CA GLU B 334 7.66 -30.47 -5.83
C GLU B 334 6.31 -29.95 -6.26
N VAL B 335 6.25 -28.69 -6.69
CA VAL B 335 5.00 -28.10 -7.16
C VAL B 335 5.26 -27.28 -8.41
N PRO B 336 4.79 -27.74 -9.57
CA PRO B 336 4.99 -26.98 -10.82
C PRO B 336 4.13 -25.73 -10.83
N PRO B 337 4.63 -24.64 -11.39
CA PRO B 337 3.83 -23.42 -11.48
C PRO B 337 2.74 -23.54 -12.52
N SER B 338 1.64 -22.84 -12.29
CA SER B 338 0.52 -22.86 -13.22
C SER B 338 0.85 -22.03 -14.47
N GLU B 339 0.07 -22.26 -15.52
CA GLU B 339 0.26 -21.50 -16.75
C GLU B 339 0.05 -20.01 -16.55
N LEU B 340 -0.87 -19.63 -15.66
CA LEU B 340 -1.08 -18.21 -15.38
C LEU B 340 0.17 -17.58 -14.77
N GLU B 341 0.85 -18.31 -13.90
CA GLU B 341 2.07 -17.77 -13.29
C GLU B 341 3.18 -17.62 -14.31
N LEU B 342 3.33 -18.61 -15.20
CA LEU B 342 4.40 -18.57 -16.20
C LEU B 342 4.19 -17.44 -17.19
N GLU B 343 2.96 -17.27 -17.68
CA GLU B 343 2.69 -16.19 -18.64
C GLU B 343 2.83 -14.83 -17.98
N ALA B 344 2.49 -14.70 -16.70
CA ALA B 344 2.64 -13.42 -16.02
C ALA B 344 4.12 -13.07 -15.84
N ALA B 345 4.94 -14.06 -15.48
CA ALA B 345 6.38 -13.81 -15.34
C ALA B 345 7.00 -13.41 -16.66
N GLN B 346 6.57 -14.06 -17.76
CA GLN B 346 7.07 -13.69 -19.08
C GLN B 346 6.67 -12.26 -19.44
N LYS B 347 5.43 -11.88 -19.13
CA LYS B 347 4.99 -10.51 -19.41
C LYS B 347 5.78 -9.50 -18.57
N ALA B 348 6.05 -9.83 -17.31
CA ALA B 348 6.78 -8.91 -16.44
C ALA B 348 8.18 -8.63 -16.98
N ALA B 349 8.83 -9.65 -17.55
CA ALA B 349 10.16 -9.46 -18.11
C ALA B 349 10.15 -8.47 -19.26
N GLU B 350 9.04 -8.41 -20.01
CA GLU B 350 8.93 -7.48 -21.12
C GLU B 350 8.80 -6.04 -20.64
N LEU B 351 8.10 -5.84 -19.53
CA LEU B 351 7.86 -4.51 -18.99
C LEU B 351 8.99 -4.02 -18.08
N GLU B 352 10.10 -4.77 -17.99
CA GLU B 352 11.23 -4.29 -17.22
C GLU B 352 11.84 -3.05 -17.84
N ASP B 353 11.67 -2.88 -19.14
CA ASP B 353 12.13 -1.66 -19.82
C ASP B 353 11.05 -0.60 -19.69
N PRO B 354 11.32 0.53 -19.01
CA PRO B 354 10.28 1.54 -18.84
C PRO B 354 9.91 2.27 -20.12
N GLU B 355 10.80 2.33 -21.11
CA GLU B 355 10.45 2.98 -22.38
C GLU B 355 9.38 2.17 -23.12
N VAL B 356 9.52 0.85 -23.14
CA VAL B 356 8.53 -0.01 -23.80
C VAL B 356 7.18 0.10 -23.10
N ALA B 357 7.19 0.17 -21.77
CA ALA B 357 5.95 0.28 -21.01
C ALA B 357 5.23 1.59 -21.33
N LEU B 358 5.97 2.69 -21.51
CA LEU B 358 5.35 3.96 -21.83
C LEU B 358 4.66 3.89 -23.19
N ARG B 359 5.37 3.37 -24.21
CA ARG B 359 4.77 3.27 -25.54
C ARG B 359 3.57 2.34 -25.54
N THR B 360 3.56 1.32 -24.68
CA THR B 360 2.42 0.42 -24.62
C THR B 360 1.22 1.08 -23.96
N LEU B 361 1.45 1.80 -22.85
CA LEU B 361 0.37 2.43 -22.12
C LEU B 361 -0.15 3.67 -22.83
N LEU B 362 0.76 4.55 -23.27
CA LEU B 362 0.38 5.82 -23.87
C LEU B 362 0.12 5.73 -25.36
N GLY B 363 0.83 4.86 -26.07
CA GLY B 363 0.65 4.70 -27.50
C GLY B 363 0.74 6.00 -28.29
N PRO B 364 -0.38 6.40 -28.90
CA PRO B 364 -0.37 7.65 -29.68
C PRO B 364 -0.01 8.88 -28.88
N GLN B 365 -0.21 8.88 -27.56
CA GLN B 365 0.07 10.05 -26.73
C GLN B 365 1.56 10.29 -26.48
N MET B 366 2.45 9.54 -27.13
CA MET B 366 3.88 9.73 -26.95
C MET B 366 4.36 11.07 -27.49
N GLU B 367 3.55 11.77 -28.27
CA GLU B 367 3.87 13.09 -28.79
C GLU B 367 2.72 14.05 -28.51
N ALA B 368 3.05 15.34 -28.45
CA ALA B 368 2.08 16.37 -28.13
C ALA B 368 1.02 16.52 -29.24
N LEU B 369 -0.12 17.08 -28.83
CA LEU B 369 -1.27 17.27 -29.71
C LEU B 369 -0.94 18.06 -30.97
N GLY B 370 0.13 18.86 -30.96
CA GLY B 370 0.49 19.62 -32.13
C GLY B 370 1.84 19.31 -32.75
N ALA B 371 2.51 18.27 -32.25
CA ALA B 371 3.86 17.95 -32.71
C ALA B 371 3.90 16.67 -33.54
N SER B 372 2.77 16.25 -34.10
CA SER B 372 2.71 15.06 -34.94
C SER B 372 2.73 15.44 -36.41
N ASP B 373 3.05 14.44 -37.25
CA ASP B 373 3.00 14.64 -38.69
C ASP B 373 1.57 14.57 -39.21
N LEU B 374 0.67 13.92 -38.48
CA LEU B 374 -0.73 13.82 -38.86
C LEU B 374 -1.44 15.15 -38.65
N LEU B 375 -2.58 15.29 -39.32
CA LEU B 375 -3.41 16.47 -39.14
C LEU B 375 -4.03 16.47 -37.75
N LEU B 376 -4.39 17.66 -37.28
CA LEU B 376 -4.95 17.79 -35.94
C LEU B 376 -6.22 16.96 -35.79
N SER B 377 -7.09 16.97 -36.80
CA SER B 377 -8.31 16.18 -36.74
C SER B 377 -7.98 14.69 -36.67
N GLU B 378 -6.88 14.27 -37.30
CA GLU B 378 -6.50 12.86 -37.28
C GLU B 378 -5.90 12.46 -35.94
N GLN B 379 -5.07 13.33 -35.35
CA GLN B 379 -4.45 13.04 -34.07
C GLN B 379 -5.50 12.95 -32.96
N ILE B 380 -6.51 13.81 -33.02
CA ILE B 380 -7.58 13.77 -32.03
C ILE B 380 -8.31 12.43 -32.09
N ARG B 381 -8.55 11.92 -33.30
CA ARG B 381 -9.29 10.67 -33.46
C ARG B 381 -8.55 9.51 -32.79
N VAL B 382 -7.24 9.39 -33.04
CA VAL B 382 -6.49 8.27 -32.47
C VAL B 382 -6.35 8.45 -30.96
N ILE B 383 -6.29 9.69 -30.47
CA ILE B 383 -6.17 9.91 -29.03
C ILE B 383 -7.47 9.54 -28.33
N THR B 384 -8.61 9.90 -28.92
CA THR B 384 -9.90 9.55 -28.35
C THR B 384 -10.07 8.04 -28.28
N GLU B 385 -9.70 7.33 -29.35
CA GLU B 385 -9.82 5.87 -29.36
C GLU B 385 -8.92 5.24 -28.31
N HIS B 386 -7.77 5.86 -28.01
CA HIS B 386 -6.88 5.32 -27.00
C HIS B 386 -7.33 5.64 -25.58
N ARG B 387 -7.89 6.84 -25.38
CA ARG B 387 -8.31 7.24 -24.04
C ARG B 387 -9.64 6.64 -23.62
N TYR B 388 -10.57 6.47 -24.56
CA TYR B 388 -11.91 6.01 -24.22
C TYR B 388 -12.40 4.99 -25.24
N THR B 389 -13.41 4.18 -24.83
CA THR B 389 -14.07 3.18 -25.64
C THR B 389 -15.25 3.80 -26.41
N PRO B 390 -15.59 3.23 -27.57
CA PRO B 390 -16.63 3.84 -28.41
C PRO B 390 -17.96 4.10 -27.72
N ASP B 391 -18.29 3.36 -26.66
CA ASP B 391 -19.56 3.53 -25.97
C ASP B 391 -19.57 4.72 -25.02
N ARG B 392 -18.42 5.27 -24.67
CA ARG B 392 -18.38 6.36 -23.71
C ARG B 392 -18.89 7.67 -24.31
N LEU B 393 -19.39 8.54 -23.43
CA LEU B 393 -19.85 9.86 -23.87
C LEU B 393 -18.69 10.68 -24.43
N GLN B 394 -17.54 10.66 -23.75
CA GLN B 394 -16.39 11.44 -24.20
C GLN B 394 -15.96 11.01 -25.60
N TYR B 395 -16.15 9.75 -25.95
CA TYR B 395 -15.76 9.25 -27.27
C TYR B 395 -16.57 9.94 -28.36
N LYS B 396 -17.89 10.01 -28.18
CA LYS B 396 -18.74 10.66 -29.18
C LYS B 396 -18.38 12.13 -29.32
N GLU B 397 -18.16 12.81 -28.19
CA GLU B 397 -17.80 14.22 -28.23
C GLU B 397 -16.46 14.44 -28.91
N GLY B 398 -15.51 13.53 -28.69
CA GLY B 398 -14.21 13.67 -29.34
C GLY B 398 -14.29 13.45 -30.84
N MET B 399 -15.14 12.53 -31.28
CA MET B 399 -15.29 12.29 -32.71
C MET B 399 -15.99 13.46 -33.38
N LYS B 400 -17.00 14.03 -32.71
CA LYS B 400 -17.66 15.20 -33.24
C LYS B 400 -16.68 16.38 -33.31
N LEU B 401 -15.83 16.50 -32.29
CA LEU B 401 -14.84 17.57 -32.28
C LEU B 401 -13.89 17.43 -33.47
N ALA B 402 -13.43 16.21 -33.74
CA ALA B 402 -12.54 15.99 -34.87
C ALA B 402 -13.20 16.38 -36.18
N ASP B 403 -14.51 16.17 -36.30
CA ASP B 403 -15.22 16.55 -37.52
C ASP B 403 -15.27 18.06 -37.68
N LYS B 404 -15.42 18.78 -36.56
CA LYS B 404 -15.41 20.24 -36.61
C LYS B 404 -14.03 20.76 -37.02
N ILE B 405 -12.97 20.14 -36.50
CA ILE B 405 -11.62 20.53 -36.88
C ILE B 405 -11.40 20.28 -38.37
N ALA B 406 -11.94 19.17 -38.88
CA ALA B 406 -11.84 18.88 -40.30
C ALA B 406 -12.59 19.92 -41.14
N ALA B 407 -13.72 20.41 -40.62
CA ALA B 407 -14.45 21.46 -41.32
C ALA B 407 -13.63 22.75 -41.34
N GLN B 408 -12.97 23.07 -40.24
CA GLN B 408 -12.11 24.25 -40.20
C GLN B 408 -10.90 24.07 -41.12
N GLU B 409 -10.37 22.85 -41.18
CA GLU B 409 -9.24 22.58 -42.07
C GLU B 409 -9.62 22.78 -43.53
N ALA B 410 -10.84 22.40 -43.91
CA ALA B 410 -11.27 22.60 -45.29
C ALA B 410 -11.40 24.08 -45.60
N ALA B 411 -11.97 24.86 -44.69
CA ALA B 411 -12.10 26.29 -44.91
C ALA B 411 -10.71 26.93 -44.96
N LEU B 412 -9.80 26.46 -44.12
CA LEU B 412 -8.43 26.98 -44.11
C LEU B 412 -7.73 26.69 -45.43
N LYS B 413 -7.97 25.50 -45.99
CA LYS B 413 -7.35 25.12 -47.26
C LYS B 413 -7.89 25.97 -48.40
N GLU B 414 -9.22 26.14 -48.46
CA GLU B 414 -9.83 26.85 -49.59
C GLU B 414 -9.42 28.32 -49.64
N GLU B 415 -8.96 28.90 -48.54
CA GLU B 415 -8.52 30.29 -48.56
C GLU B 415 -7.10 30.46 -49.08
N LEU B 416 -6.28 29.41 -49.01
CA LEU B 416 -4.89 29.46 -49.45
C LEU B 416 -4.64 28.76 -50.77
N LYS B 417 -5.60 27.94 -51.24
CA LYS B 417 -5.43 27.22 -52.50
C LYS B 417 -5.24 28.15 -53.69
N VAL B 418 -5.58 29.42 -53.56
CA VAL B 418 -5.38 30.35 -54.67
C VAL B 418 -3.92 30.76 -54.84
N ILE B 419 -3.09 30.61 -53.82
CA ILE B 419 -1.67 30.94 -53.93
C ILE B 419 -0.82 29.70 -54.19
N TYR B 420 -0.97 28.67 -53.37
CA TYR B 420 -0.13 27.48 -53.43
C TYR B 420 -0.72 26.35 -54.25
N GLY B 421 -1.87 26.55 -54.90
CA GLY B 421 -2.48 25.48 -55.65
C GLY B 421 -3.29 24.55 -54.77
N ASP B 422 -3.61 23.38 -55.34
CA ASP B 422 -4.41 22.39 -54.63
C ASP B 422 -3.62 21.75 -53.49
N ASN B 423 -2.33 21.50 -53.69
CA ASN B 423 -1.48 20.88 -52.67
C ASN B 423 -0.93 21.95 -51.72
N VAL B 424 -1.85 22.50 -50.91
CA VAL B 424 -1.48 23.56 -49.99
C VAL B 424 -0.60 23.02 -48.86
N ASP B 425 -0.73 21.73 -48.53
CA ASP B 425 -0.11 21.13 -47.36
C ASP B 425 -0.60 21.84 -46.10
N VAL B 426 -1.88 21.60 -45.81
CA VAL B 426 -2.56 22.23 -44.67
C VAL B 426 -1.82 21.95 -43.37
N LYS B 427 -1.26 20.75 -43.23
CA LYS B 427 -0.58 20.39 -41.99
C LYS B 427 0.56 21.36 -41.68
N HIS B 428 1.32 21.75 -42.70
CA HIS B 428 2.39 22.73 -42.49
C HIS B 428 1.83 24.07 -42.04
N PHE B 429 0.75 24.54 -42.68
CA PHE B 429 0.17 25.81 -42.30
C PHE B 429 -0.56 25.71 -40.96
N GLN B 430 -1.11 24.54 -40.64
CA GLN B 430 -1.81 24.37 -39.36
C GLN B 430 -0.83 24.39 -38.19
N ALA B 431 0.32 23.73 -38.36
CA ALA B 431 1.33 23.71 -37.30
C ALA B 431 1.99 25.07 -37.12
N SER B 432 2.32 25.74 -38.22
CA SER B 432 2.97 27.05 -38.18
C SER B 432 2.27 27.99 -39.15
N PRO B 433 1.34 28.81 -38.66
CA PRO B 433 0.68 29.79 -39.53
C PRO B 433 1.66 30.81 -40.07
N ARG B 434 1.32 31.37 -41.23
CA ARG B 434 2.21 32.32 -41.89
C ARG B 434 2.16 33.68 -41.21
N THR B 435 3.33 34.26 -41.01
CA THR B 435 3.43 35.60 -40.44
C THR B 435 2.86 36.61 -41.43
N PRO B 436 2.28 37.72 -40.96
CA PRO B 436 1.81 38.76 -41.89
C PRO B 436 2.90 39.23 -42.84
N VAL B 437 4.14 39.33 -42.36
CA VAL B 437 5.26 39.71 -43.23
C VAL B 437 5.45 38.67 -44.32
N GLN B 438 5.35 37.38 -43.95
CA GLN B 438 5.45 36.31 -44.94
C GLN B 438 4.29 36.36 -45.92
N GLN B 439 3.08 36.61 -45.42
CA GLN B 439 1.91 36.70 -46.29
C GLN B 439 2.07 37.83 -47.31
N LEU B 440 2.70 38.94 -46.89
CA LEU B 440 2.93 40.04 -47.82
C LEU B 440 3.85 39.62 -48.96
N PHE B 441 4.95 38.95 -48.64
CA PHE B 441 5.89 38.54 -49.68
C PHE B 441 5.32 37.47 -50.59
N ASP B 442 4.45 36.61 -50.08
CA ASP B 442 3.79 35.65 -50.96
C ASP B 442 2.75 36.33 -51.84
N SER B 443 2.12 37.40 -51.35
CA SER B 443 1.17 38.13 -52.17
C SER B 443 1.88 38.79 -53.34
N LEU B 444 3.09 39.30 -53.12
CA LEU B 444 3.89 39.91 -54.17
C LEU B 444 4.55 38.89 -55.08
N LYS B 445 4.74 37.65 -54.59
CA LYS B 445 5.37 36.61 -55.40
C LYS B 445 4.53 36.31 -56.64
N ASN B 446 3.22 36.16 -56.45
CA ASN B 446 2.31 35.84 -57.54
C ASN B 446 1.57 37.07 -58.06
N ALA B 447 1.98 38.26 -57.63
CA ALA B 447 1.27 39.48 -58.03
C ALA B 447 1.29 39.66 -59.55
N ALA B 448 2.42 39.33 -60.18
CA ALA B 448 2.51 39.47 -61.63
C ALA B 448 1.62 38.44 -62.33
N ALA B 449 1.66 37.19 -61.88
CA ALA B 449 0.84 36.15 -62.48
C ALA B 449 -0.64 36.41 -62.23
N ASN B 450 -0.97 37.01 -61.08
CA ASN B 450 -2.38 37.31 -60.79
C ASN B 450 -2.87 38.47 -61.66
N LYS B 451 -2.03 39.49 -61.86
CA LYS B 451 -2.42 40.60 -62.72
C LYS B 451 -2.63 40.15 -64.15
N GLU B 452 -1.75 39.27 -64.65
CA GLU B 452 -1.91 38.76 -66.00
C GLU B 452 -3.13 37.84 -66.09
N ARG B 453 -3.36 37.04 -65.05
CA ARG B 453 -4.52 36.16 -65.04
C ARG B 453 -5.81 36.98 -64.99
N ALA B 454 -5.81 38.07 -64.23
CA ALA B 454 -6.98 38.95 -64.21
C ALA B 454 -7.21 39.60 -65.56
N ALA B 455 -6.14 39.88 -66.30
CA ALA B 455 -6.28 40.48 -67.63
C ALA B 455 -6.96 39.52 -68.59
N LYS B 456 -6.54 38.25 -68.61
CA LYS B 456 -7.20 37.28 -69.48
C LYS B 456 -8.63 37.00 -69.01
N GLU B 457 -8.88 37.11 -67.70
CA GLU B 457 -10.23 36.93 -67.19
C GLU B 457 -11.13 38.07 -67.62
N ALA B 458 -10.59 39.29 -67.68
CA ALA B 458 -11.37 40.43 -68.16
C ALA B 458 -11.60 40.33 -69.66
N ALA B 459 -10.61 39.80 -70.41
CA ALA B 459 -10.79 39.59 -71.83
C ALA B 459 -11.84 38.52 -72.11
N ALA B 460 -11.95 37.53 -71.23
CA ALA B 460 -12.95 36.48 -71.34
C ALA B 460 -14.31 36.88 -70.79
N ALA B 461 -14.47 38.12 -70.35
CA ALA B 461 -15.75 38.57 -69.84
C ALA B 461 -16.74 38.76 -70.99
N ALA B 462 -18.00 38.40 -70.76
CA ALA B 462 -19.02 38.49 -71.78
C ALA B 462 -19.44 39.92 -72.08
N SER B 463 -19.16 40.87 -71.20
CA SER B 463 -19.58 42.25 -71.43
C SER B 463 -18.56 43.20 -70.81
N PRO B 464 -18.52 44.45 -71.26
CA PRO B 464 -17.60 45.43 -70.65
C PRO B 464 -17.84 45.64 -69.16
N TYR B 465 -19.09 45.55 -68.71
CA TYR B 465 -19.38 45.69 -67.29
C TYR B 465 -18.72 44.57 -66.49
N LEU B 466 -18.82 43.34 -66.99
CA LEU B 466 -18.18 42.23 -66.29
C LEU B 466 -16.66 42.37 -66.27
N ALA B 467 -16.08 42.93 -67.34
CA ALA B 467 -14.64 43.16 -67.37
C ALA B 467 -14.25 44.20 -66.33
N TYR B 468 -15.05 45.27 -66.19
CA TYR B 468 -14.76 46.28 -65.17
C TYR B 468 -14.85 45.69 -63.77
N ALA B 469 -15.84 44.82 -63.54
CA ALA B 469 -16.03 44.24 -62.21
C ALA B 469 -14.85 43.36 -61.82
N VAL B 470 -14.42 42.46 -62.71
CA VAL B 470 -13.33 41.56 -62.38
C VAL B 470 -12.03 42.34 -62.17
N THR B 471 -11.82 43.40 -62.94
CA THR B 471 -10.61 44.21 -62.75
C THR B 471 -10.69 44.99 -61.44
N LYS B 472 -11.86 45.51 -61.11
CA LYS B 472 -12.02 46.24 -59.85
C LYS B 472 -11.92 45.29 -58.67
N LYS B 473 -12.50 44.11 -58.81
CA LYS B 473 -12.44 43.10 -57.75
C LYS B 473 -11.00 42.68 -57.48
N GLN B 474 -10.24 42.40 -58.56
CA GLN B 474 -8.86 41.99 -58.38
C GLN B 474 -7.99 43.13 -57.89
N GLU B 475 -8.33 44.37 -58.24
CA GLU B 475 -7.55 45.51 -57.75
C GLU B 475 -7.59 45.60 -56.23
N VAL B 476 -8.77 45.36 -55.63
CA VAL B 476 -8.86 45.37 -54.18
C VAL B 476 -8.05 44.23 -53.58
N GLN B 477 -8.16 43.03 -54.18
CA GLN B 477 -7.46 41.86 -53.65
C GLN B 477 -5.96 41.92 -53.90
N ALA B 478 -5.51 42.77 -54.83
CA ALA B 478 -4.08 42.88 -55.11
C ALA B 478 -3.37 43.69 -54.03
N ASP B 479 -4.07 44.62 -53.40
CA ASP B 479 -3.47 45.44 -52.35
C ASP B 479 -3.26 44.57 -51.11
N PRO B 480 -2.02 44.38 -50.65
CA PRO B 480 -1.80 43.55 -49.46
C PRO B 480 -2.40 44.16 -48.20
N SER B 481 -2.60 45.47 -48.15
CA SER B 481 -3.22 46.10 -47.00
C SER B 481 -4.71 45.80 -46.92
N ASN B 482 -5.34 45.42 -48.03
CA ASN B 482 -6.74 45.06 -48.04
C ASN B 482 -7.01 43.64 -47.56
N ILE B 483 -5.95 42.86 -47.31
CA ILE B 483 -6.10 41.50 -46.77
C ILE B 483 -6.71 41.59 -45.38
N PRO B 484 -7.85 40.96 -45.13
CA PRO B 484 -8.50 41.07 -43.82
C PRO B 484 -7.79 40.22 -42.76
N PHE B 485 -7.37 40.88 -41.69
CA PHE B 485 -6.75 40.22 -40.54
C PHE B 485 -7.67 40.40 -39.34
N ASP B 486 -8.22 39.29 -38.84
CA ASP B 486 -9.12 39.36 -37.70
C ASP B 486 -8.41 39.85 -36.45
N GLU B 487 -7.11 39.57 -36.33
CA GLU B 487 -6.34 40.02 -35.17
C GLU B 487 -6.28 41.54 -35.10
N VAL B 488 -6.49 42.23 -36.22
CA VAL B 488 -6.49 43.69 -36.25
C VAL B 488 -7.90 44.24 -36.11
N LEU B 489 -8.86 43.62 -36.79
CA LEU B 489 -10.24 44.09 -36.75
C LEU B 489 -10.88 43.83 -35.39
N TYR B 490 -10.59 42.68 -34.79
CA TYR B 490 -11.16 42.29 -33.50
C TYR B 490 -10.08 41.71 -32.60
N PRO B 491 -9.13 42.56 -32.16
CA PRO B 491 -8.03 42.05 -31.31
C PRO B 491 -8.51 41.33 -30.06
N GLN B 492 -9.50 41.90 -29.35
CA GLN B 492 -10.01 41.26 -28.15
C GLN B 492 -10.61 39.90 -28.46
N LEU B 493 -11.09 39.70 -29.68
CA LEU B 493 -11.63 38.40 -30.06
C LEU B 493 -10.51 37.39 -30.32
N SER B 494 -9.49 37.81 -31.07
CA SER B 494 -8.39 36.90 -31.39
C SER B 494 -7.65 36.44 -30.14
N GLU B 495 -7.48 37.33 -29.16
CA GLU B 495 -6.84 36.93 -27.92
C GLU B 495 -7.73 35.99 -27.12
N GLU B 496 -9.05 36.15 -27.23
CA GLU B 496 -9.97 35.23 -26.56
C GLU B 496 -9.92 33.86 -27.22
N LEU B 497 -9.80 33.82 -28.55
CA LEU B 497 -9.68 32.54 -29.24
C LEU B 497 -8.39 31.83 -28.84
N LEU B 498 -7.34 32.59 -28.51
CA LEU B 498 -6.10 32.00 -28.05
C LEU B 498 -6.26 31.44 -26.65
N GLU B 499 -6.77 32.26 -25.72
CA GLU B 499 -6.94 31.79 -24.35
C GLU B 499 -8.01 30.71 -24.25
N LEU B 500 -8.85 30.57 -25.27
CA LEU B 500 -9.80 29.46 -25.30
C LEU B 500 -9.06 28.13 -25.38
N GLU B 501 -8.01 28.05 -26.20
CA GLU B 501 -7.20 26.84 -26.27
C GLU B 501 -6.42 26.65 -24.99
N LEU B 502 -5.82 27.73 -24.48
CA LEU B 502 -5.00 27.62 -23.27
C LEU B 502 -5.84 27.26 -22.06
N SER B 503 -7.11 27.67 -22.02
CA SER B 503 -7.97 27.30 -20.91
C SER B 503 -8.24 25.79 -20.93
N ASP B 504 -8.45 25.22 -22.12
CA ASP B 504 -8.65 23.79 -22.23
C ASP B 504 -7.39 23.05 -21.78
N ILE B 505 -6.23 23.60 -22.12
CA ILE B 505 -4.96 23.03 -21.70
C ILE B 505 -4.79 23.19 -20.20
N ARG B 506 -5.27 24.32 -19.66
CA ARG B 506 -5.18 24.56 -18.22
C ARG B 506 -5.97 23.52 -17.44
N GLU B 507 -7.11 23.08 -17.98
CA GLU B 507 -7.92 22.08 -17.30
C GLU B 507 -7.14 20.77 -17.14
N ASP B 508 -6.40 20.38 -18.18
CA ASP B 508 -5.60 19.16 -18.09
C ASP B 508 -4.47 19.35 -17.09
N GLU B 509 -3.87 20.54 -17.06
CA GLU B 509 -2.78 20.81 -16.13
C GLU B 509 -3.28 20.74 -14.68
N ILE B 510 -4.48 21.26 -14.44
CA ILE B 510 -5.06 21.21 -13.09
C ILE B 510 -5.23 19.76 -12.65
N ALA B 511 -5.64 18.89 -13.57
CA ALA B 511 -5.79 17.48 -13.23
C ALA B 511 -4.44 16.85 -12.90
N LEU B 512 -3.39 17.21 -13.65
CA LEU B 512 -2.07 16.69 -13.37
C LEU B 512 -1.52 17.26 -12.06
N GLU B 513 -1.74 18.56 -11.83
CA GLU B 513 -1.25 19.20 -10.62
C GLU B 513 -1.89 18.60 -9.38
N LYS B 514 -3.19 18.30 -9.46
CA LYS B 514 -3.88 17.68 -8.33
C LYS B 514 -3.42 16.24 -8.12
N ALA B 515 -3.09 15.53 -9.20
CA ALA B 515 -2.62 14.16 -9.05
C ALA B 515 -1.24 14.10 -8.40
N GLU B 516 -0.46 15.17 -8.52
CA GLU B 516 0.87 15.24 -7.92
C GLU B 516 0.82 15.64 -6.44
N GLU B 517 -0.38 15.90 -5.92
CA GLU B 517 -0.50 16.43 -4.57
C GLU B 517 -0.07 15.42 -3.51
N GLU B 518 -0.56 14.19 -3.63
CA GLU B 518 -0.28 13.14 -2.64
C GLU B 518 0.35 11.90 -3.27
N GLU B 519 0.93 12.05 -4.47
CA GLU B 519 1.47 10.90 -5.18
C GLU B 519 2.60 10.23 -4.40
N LEU B 520 3.39 11.02 -3.67
CA LEU B 520 4.54 10.48 -2.95
C LEU B 520 4.12 9.42 -1.95
N TRP B 521 3.07 9.69 -1.16
CA TRP B 521 2.62 8.75 -0.15
C TRP B 521 2.12 7.46 -0.78
N LEU B 522 1.32 7.57 -1.85
CA LEU B 522 0.79 6.38 -2.51
C LEU B 522 1.91 5.55 -3.14
N LEU B 523 2.88 6.21 -3.76
CA LEU B 523 3.97 5.47 -4.42
C LEU B 523 4.87 4.78 -3.40
N THR B 524 5.02 5.37 -2.21
CA THR B 524 5.86 4.75 -1.19
C THR B 524 5.29 3.43 -0.72
N LEU B 525 3.98 3.40 -0.42
CA LEU B 525 3.34 2.17 0.03
C LEU B 525 3.47 1.07 -1.02
N THR B 526 3.24 1.40 -2.28
CA THR B 526 3.35 0.42 -3.35
C THR B 526 4.77 -0.14 -3.43
N GLN B 527 5.77 0.73 -3.44
CA GLN B 527 7.15 0.29 -3.55
C GLN B 527 7.54 -0.62 -2.39
N GLN B 528 7.18 -0.22 -1.16
CA GLN B 528 7.56 -0.99 0.01
C GLN B 528 6.88 -2.36 0.02
N PHE B 529 5.57 -2.39 -0.19
CA PHE B 529 4.84 -3.66 -0.18
C PHE B 529 5.33 -4.58 -1.28
N LYS B 530 5.59 -4.05 -2.47
CA LYS B 530 6.04 -4.90 -3.58
C LYS B 530 7.39 -5.53 -3.25
N HIS B 531 8.31 -4.75 -2.70
CA HIS B 531 9.63 -5.28 -2.37
C HIS B 531 9.53 -6.37 -1.31
N ILE B 532 8.64 -6.20 -0.34
CA ILE B 532 8.47 -7.20 0.71
C ILE B 532 7.94 -8.50 0.12
N GLN B 533 6.83 -8.42 -0.62
CA GLN B 533 6.23 -9.61 -1.21
C GLN B 533 7.21 -10.34 -2.12
N LYS B 534 8.08 -9.59 -2.80
CA LYS B 534 9.05 -10.17 -3.71
C LYS B 534 10.13 -10.95 -2.98
N HIS B 535 10.37 -10.65 -1.70
CA HIS B 535 11.44 -11.28 -0.95
C HIS B 535 11.02 -11.91 0.38
N PHE B 536 9.86 -11.57 0.92
CA PHE B 536 9.45 -12.13 2.21
C PHE B 536 9.40 -13.65 2.16
N GLY B 537 9.89 -14.27 3.24
CA GLY B 537 9.93 -15.71 3.34
C GLY B 537 10.92 -16.39 2.42
N ILE B 538 11.73 -15.63 1.68
CA ILE B 538 12.69 -16.19 0.75
C ILE B 538 14.09 -15.79 1.19
N ASP B 539 14.39 -14.48 1.13
CA ASP B 539 15.71 -13.99 1.49
C ASP B 539 15.68 -12.61 2.13
N LEU B 540 14.51 -12.08 2.46
CA LEU B 540 14.43 -10.74 3.04
C LEU B 540 15.11 -10.71 4.41
N PRO B 541 16.05 -9.81 4.65
CA PRO B 541 16.68 -9.73 5.97
C PRO B 541 15.80 -8.98 6.97
N HIS B 542 15.86 -9.44 8.23
CA HIS B 542 15.07 -8.82 9.28
C HIS B 542 15.45 -7.35 9.50
N SER B 543 16.73 -7.03 9.34
CA SER B 543 17.20 -5.66 9.54
C SER B 543 16.48 -4.70 8.60
N VAL B 544 16.27 -5.11 7.35
CA VAL B 544 15.60 -4.25 6.37
C VAL B 544 14.14 -4.05 6.75
N VAL B 545 13.49 -5.09 7.28
CA VAL B 545 12.09 -4.99 7.66
C VAL B 545 11.89 -3.89 8.70
N ALA B 546 12.71 -3.90 9.76
CA ALA B 546 12.58 -2.88 10.79
C ALA B 546 12.92 -1.49 10.27
N HIS B 547 13.84 -1.40 9.30
CA HIS B 547 14.20 -0.11 8.74
C HIS B 547 13.06 0.46 7.90
N MET B 548 12.40 -0.39 7.11
CA MET B 548 11.31 0.05 6.25
C MET B 548 10.05 0.36 7.05
N ASP B 549 9.68 -0.50 7.99
CA ASP B 549 8.47 -0.31 8.79
C ASP B 549 8.80 -0.43 10.28
N PRO B 550 9.42 0.60 10.86
CA PRO B 550 9.77 0.54 12.29
C PRO B 550 8.55 0.49 13.19
N LEU B 551 7.45 1.15 12.81
CA LEU B 551 6.27 1.19 13.66
C LEU B 551 5.58 -0.17 13.74
N LEU B 552 5.59 -0.93 12.64
CA LEU B 552 5.01 -2.27 12.68
C LEU B 552 5.81 -3.16 13.63
N ILE B 553 7.14 -3.09 13.56
CA ILE B 553 7.98 -3.87 14.46
C ILE B 553 7.75 -3.43 15.90
N LYS B 554 7.59 -2.13 16.12
CA LYS B 554 7.32 -1.61 17.46
C LYS B 554 6.01 -2.16 18.01
N LYS B 555 5.04 -2.46 17.15
CA LYS B 555 3.79 -3.03 17.62
C LYS B 555 3.93 -4.52 17.92
N ILE B 556 4.58 -5.26 17.01
CA ILE B 556 4.71 -6.71 17.19
C ILE B 556 5.56 -7.04 18.42
N ASP B 557 6.67 -6.32 18.60
CA ASP B 557 7.54 -6.59 19.75
C ASP B 557 6.86 -6.20 21.06
N TRP B 558 5.99 -5.20 21.04
CA TRP B 558 5.24 -4.82 22.24
C TRP B 558 4.35 -5.97 22.70
N GLU B 559 3.64 -6.62 21.77
CA GLU B 559 2.81 -7.76 22.14
C GLU B 559 3.64 -8.85 22.79
N THR B 560 4.84 -9.10 22.25
CA THR B 560 5.71 -10.11 22.84
C THR B 560 6.18 -9.70 24.22
N THR B 561 6.47 -8.40 24.40
CA THR B 561 6.93 -7.92 25.70
C THR B 561 5.81 -7.95 26.73
N ASN B 562 4.56 -7.74 26.30
CA ASN B 562 3.40 -7.70 27.18
C ASN B 562 2.70 -9.04 27.31
N ALA B 563 3.40 -10.13 27.00
CA ALA B 563 2.89 -11.49 27.13
C ALA B 563 1.65 -11.73 26.26
N LEU B 564 1.57 -11.06 25.12
CA LEU B 564 0.43 -11.18 24.21
C LEU B 564 0.87 -11.73 22.85
N GLU B 565 1.98 -12.46 22.84
CA GLU B 565 2.51 -13.01 21.58
C GLU B 565 1.52 -13.95 20.91
N ASP B 566 0.61 -14.55 21.68
CA ASP B 566 -0.39 -15.47 21.13
C ASP B 566 -1.79 -14.86 21.08
N PHE B 567 -1.89 -13.53 21.11
CA PHE B 567 -3.20 -12.88 21.12
C PHE B 567 -4.00 -13.25 19.88
N ASP B 568 -3.35 -13.25 18.71
CA ASP B 568 -4.05 -13.63 17.48
C ASP B 568 -4.53 -15.07 17.52
N ILE B 569 -3.72 -15.96 18.10
CA ILE B 569 -4.12 -17.35 18.24
C ILE B 569 -5.30 -17.47 19.20
N THR B 570 -5.31 -16.65 20.25
CA THR B 570 -6.41 -16.67 21.20
C THR B 570 -7.73 -16.28 20.53
N LEU B 571 -7.70 -15.24 19.69
CA LEU B 571 -8.89 -14.84 18.96
C LEU B 571 -9.38 -15.95 18.03
N ASP B 572 -8.45 -16.72 17.46
CA ASP B 572 -8.84 -17.81 16.57
C ASP B 572 -9.53 -18.93 17.33
N ASP B 573 -9.13 -19.17 18.57
CA ASP B 573 -9.77 -20.22 19.38
C ASP B 573 -11.24 -19.92 19.61
N MET B 574 -11.58 -18.66 19.87
CA MET B 574 -12.96 -18.24 20.06
C MET B 574 -13.64 -17.78 18.77
N GLY B 575 -12.93 -17.82 17.64
CA GLY B 575 -13.54 -17.46 16.37
C GLY B 575 -13.97 -16.01 16.27
N ALA B 576 -13.33 -15.11 17.03
CA ALA B 576 -13.70 -13.71 17.06
C ALA B 576 -13.23 -13.05 15.75
N GLU B 577 -14.04 -13.22 14.71
CA GLU B 577 -13.67 -12.72 13.39
C GLU B 577 -13.58 -11.20 13.38
N ASP B 578 -14.53 -10.51 14.00
CA ASP B 578 -14.52 -9.05 13.99
C ASP B 578 -13.31 -8.51 14.75
N ALA B 579 -12.95 -9.14 15.87
CA ALA B 579 -11.78 -8.71 16.61
C ALA B 579 -10.50 -9.01 15.83
N LYS B 580 -10.45 -10.16 15.15
CA LYS B 580 -9.28 -10.51 14.36
C LYS B 580 -9.04 -9.50 13.24
N GLU B 581 -10.11 -9.09 12.55
CA GLU B 581 -9.96 -8.10 11.49
C GLU B 581 -9.54 -6.75 12.06
N GLN B 582 -10.14 -6.35 13.19
CA GLN B 582 -9.78 -5.09 13.81
C GLN B 582 -8.33 -5.11 14.28
N TRP B 583 -7.88 -6.24 14.83
CA TRP B 583 -6.50 -6.36 15.30
C TRP B 583 -5.51 -6.13 14.18
N GLY B 584 -5.71 -6.81 13.05
CA GLY B 584 -4.80 -6.65 11.93
C GLY B 584 -4.85 -5.25 11.35
N ALA B 585 -6.05 -4.66 11.27
CA ALA B 585 -6.18 -3.31 10.73
C ALA B 585 -5.48 -2.30 11.62
N GLU B 586 -5.59 -2.44 12.94
CA GLU B 586 -4.94 -1.50 13.85
C GLU B 586 -3.43 -1.65 13.80
N ASN B 587 -2.93 -2.84 13.49
CA ASN B 587 -1.48 -3.06 13.41
C ASN B 587 -0.88 -2.39 12.18
N LEU B 588 -1.69 -2.07 11.18
CA LEU B 588 -1.23 -1.40 9.97
C LEU B 588 -1.83 -0.01 9.83
N SER B 589 -2.58 0.46 10.82
CA SER B 589 -3.24 1.76 10.74
C SER B 589 -2.26 2.90 10.59
N HIS B 590 -1.01 2.73 11.01
CA HIS B 590 -0.02 3.80 10.88
C HIS B 590 0.31 4.10 9.42
N HIS B 591 -0.02 3.19 8.50
CA HIS B 591 0.25 3.45 7.08
C HIS B 591 -0.53 4.66 6.59
N PHE B 592 -1.70 4.91 7.18
CA PHE B 592 -2.52 6.05 6.80
C PHE B 592 -2.15 7.33 7.54
N LEU B 593 -1.32 7.24 8.58
CA LEU B 593 -0.95 8.42 9.36
C LEU B 593 -0.38 9.55 8.52
N PRO B 594 0.54 9.33 7.57
CA PRO B 594 1.07 10.48 6.81
C PRO B 594 -0.01 11.22 6.04
N LEU B 595 -0.95 10.49 5.44
CA LEU B 595 -1.99 11.13 4.64
C LEU B 595 -2.88 12.00 5.52
N ILE B 596 -3.30 11.50 6.68
CA ILE B 596 -4.19 12.28 7.54
C ILE B 596 -3.46 13.47 8.15
N ARG B 597 -2.15 13.33 8.41
CA ARG B 597 -1.39 14.46 8.94
C ARG B 597 -1.27 15.56 7.90
N TYR B 598 -1.03 15.18 6.64
CA TYR B 598 -0.94 16.16 5.56
C TYR B 598 -2.29 16.83 5.33
N ARG B 599 -3.36 16.03 5.26
CA ARG B 599 -4.69 16.58 5.03
C ARG B 599 -5.16 17.44 6.21
N ARG B 600 -4.77 17.08 7.43
CA ARG B 600 -5.10 17.91 8.58
C ARG B 600 -4.38 19.25 8.51
N ASP B 601 -3.10 19.23 8.11
CA ASP B 601 -2.35 20.47 7.98
C ASP B 601 -2.94 21.36 6.90
N LEU B 602 -3.41 20.76 5.81
CA LEU B 602 -4.03 21.54 4.74
C LEU B 602 -5.26 22.26 5.25
N ALA B 603 -6.12 21.56 5.98
CA ALA B 603 -7.31 22.16 6.57
C ALA B 603 -6.94 23.22 7.61
N ARG B 604 -5.91 22.94 8.42
CA ARG B 604 -5.53 23.88 9.48
C ARG B 604 -5.03 25.21 8.93
N LYS B 605 -4.20 25.19 7.87
CA LYS B 605 -3.73 26.46 7.33
C LYS B 605 -4.89 27.26 6.74
N ASN B 606 -5.95 26.57 6.30
CA ASN B 606 -7.16 27.21 5.81
C ASN B 606 -8.21 27.39 6.91
N GLY B 607 -7.85 27.10 8.16
CA GLY B 607 -8.76 27.25 9.28
C GLY B 607 -9.88 26.26 9.36
N ASP B 608 -9.96 25.30 8.43
CA ASP B 608 -11.02 24.31 8.45
C ASP B 608 -10.69 23.17 9.40
N ARG B 609 -11.73 22.49 9.85
CA ARG B 609 -11.61 21.32 10.72
C ARG B 609 -11.65 20.04 9.88
N TYR B 610 -10.77 19.10 10.19
CA TYR B 610 -10.71 17.84 9.46
C TYR B 610 -11.85 16.93 9.89
N GLY B 611 -12.62 16.45 8.91
CA GLY B 611 -13.78 15.63 9.14
C GLY B 611 -13.55 14.42 10.03
N PRO B 612 -12.63 13.53 9.63
CA PRO B 612 -12.39 12.31 10.42
C PRO B 612 -11.96 12.57 11.85
N ASP B 613 -11.50 13.78 12.18
CA ASP B 613 -11.08 14.07 13.54
C ASP B 613 -12.25 14.36 14.46
N LEU B 614 -13.41 14.70 13.92
CA LEU B 614 -14.55 15.11 14.74
C LEU B 614 -15.34 13.90 15.21
N VAL B 615 -16.02 14.06 16.35
CA VAL B 615 -16.82 12.96 16.89
C VAL B 615 -17.98 12.62 15.96
N ASN B 616 -18.63 13.65 15.41
CA ASN B 616 -19.72 13.46 14.47
C ASN B 616 -19.28 13.61 13.02
N GLY B 617 -17.98 13.47 12.75
CA GLY B 617 -17.45 13.59 11.41
C GLY B 617 -17.07 12.26 10.80
N ALA C 25 -1.42 -45.11 65.23
CA ALA C 25 -2.84 -45.48 65.20
C ALA C 25 -3.72 -44.27 65.46
N MET C 26 -3.67 -43.76 66.69
CA MET C 26 -4.50 -42.62 67.07
C MET C 26 -4.26 -41.42 66.16
N THR C 27 -3.03 -41.26 65.66
CA THR C 27 -2.75 -40.16 64.74
C THR C 27 -3.62 -40.24 63.50
N ARG C 28 -3.74 -41.43 62.91
CA ARG C 28 -4.61 -41.60 61.76
C ARG C 28 -6.08 -41.42 62.13
N GLN C 29 -6.47 -41.93 63.30
CA GLN C 29 -7.84 -41.79 63.77
C GLN C 29 -8.25 -40.33 63.90
N PHE C 30 -7.30 -39.45 64.25
CA PHE C 30 -7.58 -38.02 64.34
C PHE C 30 -7.44 -37.32 62.98
N SER C 31 -6.47 -37.75 62.17
CA SER C 31 -6.22 -37.13 60.87
C SER C 31 -7.44 -37.23 59.94
N ALA C 32 -8.12 -38.38 59.94
CA ALA C 32 -9.26 -38.56 59.04
C ALA C 32 -10.38 -37.55 59.28
N PRO C 33 -10.94 -37.40 60.48
CA PRO C 33 -12.01 -36.39 60.65
C PRO C 33 -11.51 -34.96 60.50
N GLY C 34 -10.23 -34.70 60.76
CA GLY C 34 -9.70 -33.37 60.53
C GLY C 34 -9.80 -32.95 59.08
N SER C 35 -9.39 -33.84 58.17
CA SER C 35 -9.50 -33.57 56.75
C SER C 35 -10.96 -33.54 56.29
N HIS C 36 -11.81 -34.37 56.92
CA HIS C 36 -13.21 -34.48 56.52
C HIS C 36 -13.89 -33.12 56.45
N GLU C 37 -13.78 -32.32 57.51
CA GLU C 37 -14.41 -31.02 57.51
C GLU C 37 -13.79 -30.08 56.48
N HIS C 38 -12.48 -30.20 56.23
CA HIS C 38 -11.84 -29.35 55.23
C HIS C 38 -12.37 -29.62 53.82
N HIS C 39 -12.91 -30.81 53.57
CA HIS C 39 -13.41 -31.14 52.24
C HIS C 39 -14.72 -30.44 51.90
N GLU C 40 -15.39 -29.83 52.87
CA GLU C 40 -16.63 -29.11 52.61
C GLU C 40 -16.44 -27.74 51.97
N THR C 41 -15.24 -27.16 52.05
CA THR C 41 -15.02 -25.83 51.51
C THR C 41 -15.33 -25.64 50.02
N PRO C 42 -15.06 -26.62 49.10
CA PRO C 42 -15.30 -26.38 47.67
C PRO C 42 -16.69 -26.78 47.20
N LEU C 43 -17.72 -26.25 47.84
CA LEU C 43 -19.09 -26.61 47.52
C LEU C 43 -19.99 -25.39 47.51
N SER C 44 -20.97 -25.40 46.61
CA SER C 44 -22.02 -24.40 46.57
C SER C 44 -23.12 -24.82 47.53
N LYS C 45 -22.71 -25.12 48.77
CA LYS C 45 -23.56 -25.57 49.88
C LYS C 45 -24.39 -26.78 49.47
N VAL C 46 -23.68 -27.84 49.11
CA VAL C 46 -24.31 -29.09 48.68
C VAL C 46 -24.86 -29.83 49.88
N MET C 47 -24.12 -29.82 50.99
CA MET C 47 -24.53 -30.47 52.21
C MET C 47 -25.69 -29.70 52.83
N PRO C 48 -26.36 -30.26 53.85
CA PRO C 48 -27.47 -29.52 54.48
C PRO C 48 -27.07 -28.15 55.03
N THR C 49 -25.92 -28.05 55.69
CA THR C 49 -25.47 -26.80 56.29
C THR C 49 -23.95 -26.81 56.34
N VAL C 50 -23.31 -25.82 55.72
CA VAL C 50 -21.86 -25.68 55.72
C VAL C 50 -21.49 -24.21 55.90
N VAL C 51 -22.06 -23.34 55.06
CA VAL C 51 -21.74 -21.92 55.12
C VAL C 51 -22.05 -21.38 56.50
N SER C 52 -21.16 -20.54 57.03
CA SER C 52 -21.27 -20.06 58.40
C SER C 52 -21.35 -18.54 58.42
N ILE C 53 -22.00 -18.03 59.47
CA ILE C 53 -22.19 -16.60 59.68
C ILE C 53 -20.90 -15.92 60.13
N PRO C 54 -20.16 -16.47 61.13
CA PRO C 54 -18.93 -15.80 61.58
C PRO C 54 -17.96 -15.39 60.47
N ARG C 55 -17.76 -16.24 59.47
CA ARG C 55 -16.87 -15.95 58.34
C ARG C 55 -15.48 -15.57 58.84
N LYS C 56 -14.87 -16.52 59.57
CA LYS C 56 -13.53 -16.33 60.13
C LYS C 56 -12.51 -15.92 59.09
N VAL C 57 -12.71 -16.31 57.82
CA VAL C 57 -11.77 -15.96 56.76
C VAL C 57 -11.56 -14.45 56.68
N ALA C 58 -12.59 -13.66 57.01
CA ALA C 58 -12.45 -12.21 57.00
C ALA C 58 -11.32 -11.77 57.93
N CYS C 59 -11.23 -12.36 59.13
CA CYS C 59 -10.16 -12.04 60.06
C CYS C 59 -8.78 -12.29 59.44
N LEU C 60 -8.62 -13.40 58.75
CA LEU C 60 -7.33 -13.73 58.13
C LEU C 60 -6.94 -12.69 57.10
N ALA C 61 -7.87 -12.31 56.23
CA ALA C 61 -7.59 -11.28 55.23
C ALA C 61 -7.25 -9.94 55.87
N LEU C 62 -8.03 -9.54 56.88
CA LEU C 62 -7.77 -8.28 57.57
C LEU C 62 -6.44 -8.31 58.31
N GLY C 63 -6.10 -9.46 58.90
CA GLY C 63 -4.84 -9.58 59.61
C GLY C 63 -3.65 -9.29 58.71
N ALA C 64 -3.64 -9.89 57.51
CA ALA C 64 -2.58 -9.62 56.55
C ALA C 64 -2.57 -8.14 56.15
N THR C 65 -3.75 -7.55 55.99
CA THR C 65 -3.83 -6.15 55.58
C THR C 65 -3.19 -5.22 56.61
N LYS C 66 -3.42 -5.50 57.91
CA LYS C 66 -2.84 -4.65 58.94
C LYS C 66 -1.33 -4.54 58.82
N LYS C 67 -0.65 -5.65 58.51
CA LYS C 67 0.80 -5.64 58.38
C LYS C 67 1.29 -4.71 57.28
N VAL C 68 0.66 -4.77 56.11
CA VAL C 68 1.10 -3.89 55.00
C VAL C 68 0.79 -2.44 55.31
N VAL C 69 -0.30 -2.17 56.04
CA VAL C 69 -0.60 -0.79 56.44
C VAL C 69 0.52 -0.21 57.27
N CYS C 70 1.10 -1.00 58.18
CA CYS C 70 2.25 -0.54 58.93
C CYS C 70 3.46 -0.36 58.03
N GLY C 71 3.68 -1.32 57.13
CA GLY C 71 4.80 -1.23 56.18
C GLY C 71 4.84 0.07 55.41
N LEU C 72 3.68 0.68 55.18
CA LEU C 72 3.57 1.94 54.45
C LEU C 72 4.01 3.14 55.26
N ALA C 73 4.92 2.93 56.22
CA ALA C 73 5.46 4.03 57.00
C ALA C 73 6.17 5.02 56.09
N SER C 74 5.85 6.30 56.24
CA SER C 74 6.39 7.33 55.35
C SER C 74 7.83 7.69 55.68
N SER C 75 8.23 7.56 56.95
CA SER C 75 9.57 7.94 57.39
C SER C 75 9.92 9.36 56.95
N GLY C 76 8.96 10.28 57.13
CA GLY C 76 9.18 11.67 56.76
C GLY C 76 10.40 12.33 57.34
N PRO C 77 10.73 12.12 58.62
CA PRO C 77 11.95 12.74 59.17
C PRO C 77 13.21 12.32 58.42
N SER C 78 13.26 11.08 57.92
CA SER C 78 14.43 10.62 57.18
C SER C 78 14.63 11.37 55.87
N GLN C 79 13.60 12.04 55.35
CA GLN C 79 13.77 12.84 54.14
C GLN C 79 14.82 13.93 54.34
N ASN C 80 14.94 14.47 55.55
CA ASN C 80 15.99 15.44 55.83
C ASN C 80 17.37 14.80 55.73
N LEU C 81 17.51 13.57 56.22
CA LEU C 81 18.79 12.87 56.11
C LEU C 81 19.15 12.63 54.65
N VAL C 82 18.17 12.27 53.82
CA VAL C 82 18.42 12.09 52.40
C VAL C 82 18.87 13.40 51.76
N SER C 83 18.24 14.52 52.15
CA SER C 83 18.66 15.81 51.66
C SER C 83 20.14 16.06 51.95
N THR C 84 20.60 15.64 53.14
CA THR C 84 22.02 15.81 53.49
C THR C 84 22.91 15.09 52.49
N PHE C 85 22.59 13.82 52.20
CA PHE C 85 23.36 13.06 51.23
C PHE C 85 23.42 13.78 49.89
N ALA C 86 22.25 14.19 49.38
CA ALA C 86 22.19 14.89 48.09
C ALA C 86 23.08 16.13 48.09
N ASN C 87 23.00 16.94 49.15
CA ASN C 87 23.82 18.15 49.24
C ASN C 87 25.31 17.81 49.27
N LYS C 88 25.68 16.73 49.94
CA LYS C 88 27.07 16.32 50.05
C LYS C 88 27.49 15.37 48.92
N VAL C 89 26.78 15.35 47.81
CA VAL C 89 27.17 14.48 46.69
C VAL C 89 27.27 15.29 45.40
N ILE C 90 26.13 15.79 44.89
CA ILE C 90 26.14 16.49 43.62
C ILE C 90 26.06 17.99 43.80
N VAL C 91 25.46 18.45 44.91
CA VAL C 91 25.18 19.87 45.04
C VAL C 91 26.47 20.67 45.18
N GLU C 92 27.44 20.16 45.95
CA GLU C 92 28.74 20.80 46.03
C GLU C 92 29.42 20.65 44.67
N GLU C 93 29.34 21.70 43.85
CA GLU C 93 29.99 21.67 42.54
C GLU C 93 31.50 21.53 42.65
N ASN C 94 32.08 21.81 43.83
CA ASN C 94 33.52 21.67 43.99
C ASN C 94 33.99 20.23 43.80
N LEU C 95 33.12 19.26 44.09
CA LEU C 95 33.49 17.86 43.88
C LEU C 95 33.32 17.42 42.43
N VAL C 96 32.18 17.72 41.81
CA VAL C 96 31.92 17.34 40.43
C VAL C 96 31.13 18.44 39.74
N ASN C 97 31.45 18.71 38.47
CA ASN C 97 30.73 19.69 37.68
C ASN C 97 29.35 19.13 37.33
N VAL C 98 28.30 19.73 37.86
CA VAL C 98 26.95 19.21 37.69
C VAL C 98 26.53 19.17 36.22
N ALA C 99 26.93 20.19 35.46
CA ALA C 99 26.57 20.30 34.05
C ALA C 99 27.32 19.35 33.13
N GLU C 100 28.31 18.61 33.61
CA GLU C 100 29.11 17.80 32.70
C GLU C 100 28.53 16.43 32.37
N ILE C 101 27.79 15.80 33.29
CA ILE C 101 27.49 14.39 33.06
C ILE C 101 26.07 14.15 32.56
N ASP C 102 25.17 13.73 33.47
CA ASP C 102 23.84 13.26 33.06
C ASP C 102 22.81 13.71 34.10
N VAL C 103 22.19 14.87 33.86
CA VAL C 103 21.14 15.34 34.76
C VAL C 103 19.97 14.37 34.82
N PRO C 104 19.41 13.87 33.71
CA PRO C 104 18.29 12.91 33.80
C PRO C 104 18.56 11.70 34.69
N PHE C 105 19.81 11.23 34.75
CA PHE C 105 20.12 10.04 35.54
C PHE C 105 20.02 10.31 37.04
N TRP C 106 20.85 11.23 37.55
CA TRP C 106 20.89 11.45 38.99
C TRP C 106 19.58 12.04 39.50
N SER C 107 19.00 12.98 38.76
CA SER C 107 17.77 13.63 39.21
C SER C 107 16.62 12.64 39.33
N TYR C 108 16.61 11.59 38.49
CA TYR C 108 15.55 10.60 38.55
C TYR C 108 15.55 9.86 39.89
N TRP C 109 16.72 9.37 40.31
CA TRP C 109 16.81 8.62 41.55
C TRP C 109 16.73 9.53 42.77
N LEU C 110 17.24 10.76 42.67
CA LEU C 110 17.19 11.67 43.80
C LEU C 110 15.75 12.05 44.14
N SER C 111 14.95 12.37 43.12
CA SER C 111 13.54 12.66 43.36
C SER C 111 12.78 11.42 43.81
N SER C 112 13.23 10.24 43.38
CA SER C 112 12.61 9.00 43.84
C SER C 112 12.77 8.81 45.34
N ALA C 113 13.88 9.29 45.91
CA ALA C 113 14.13 9.21 47.34
C ALA C 113 13.43 10.32 48.12
N GLY C 114 12.70 11.21 47.44
CA GLY C 114 11.99 12.29 48.09
C GLY C 114 12.71 13.61 48.13
N PHE C 115 13.91 13.71 47.55
CA PHE C 115 14.66 14.96 47.55
C PHE C 115 14.05 15.90 46.52
N THR C 116 13.22 16.82 46.98
CA THR C 116 12.54 17.80 46.13
C THR C 116 12.94 19.20 46.62
N SER C 117 14.00 19.74 46.04
CA SER C 117 14.45 21.09 46.37
C SER C 117 14.45 21.93 45.10
N LYS C 118 13.67 23.01 45.10
CA LYS C 118 13.55 23.85 43.92
C LYS C 118 14.90 24.46 43.52
N ASP C 119 15.71 24.84 44.50
CA ASP C 119 16.99 25.46 44.21
C ASP C 119 17.91 24.50 43.45
N ALA C 120 17.89 23.22 43.81
CA ALA C 120 18.71 22.25 43.10
C ALA C 120 18.17 21.98 41.70
N PHE C 121 16.84 21.94 41.57
CA PHE C 121 16.25 21.71 40.25
C PHE C 121 16.50 22.87 39.30
N VAL C 122 16.71 24.09 39.83
CA VAL C 122 17.09 25.19 38.97
C VAL C 122 18.45 24.93 38.34
N LYS C 123 19.41 24.47 39.14
CA LYS C 123 20.72 24.12 38.59
C LYS C 123 20.60 23.02 37.55
N PHE C 124 19.68 22.07 37.78
CA PHE C 124 19.51 20.94 36.87
C PHE C 124 18.98 21.40 35.52
N ALA C 125 18.01 22.30 35.52
CA ALA C 125 17.44 22.77 34.25
C ALA C 125 18.48 23.51 33.42
N GLU C 126 19.30 24.35 34.05
CA GLU C 126 20.32 25.07 33.33
C GLU C 126 21.42 24.13 32.84
N ALA C 127 21.70 23.07 33.60
CA ALA C 127 22.74 22.12 33.21
C ALA C 127 22.32 21.24 32.05
N VAL C 128 21.03 20.91 31.96
CA VAL C 128 20.57 19.98 30.93
C VAL C 128 20.09 20.66 29.66
N LYS C 129 19.66 21.92 29.73
CA LYS C 129 19.10 22.61 28.57
C LYS C 129 19.93 22.46 27.29
N PRO C 130 21.27 22.57 27.29
CA PRO C 130 22.01 22.42 26.03
C PRO C 130 22.04 21.00 25.49
N LYS C 131 21.60 20.01 26.25
CA LYS C 131 21.69 18.61 25.84
C LYS C 131 20.34 17.99 25.50
N VAL C 132 19.24 18.66 25.80
CA VAL C 132 17.90 18.07 25.63
C VAL C 132 17.71 17.55 24.22
N ALA C 133 18.25 18.25 23.23
CA ALA C 133 18.08 17.86 21.84
C ALA C 133 18.71 16.51 21.52
N ALA C 134 19.61 16.01 22.38
CA ALA C 134 20.31 14.75 22.12
C ALA C 134 19.87 13.64 23.06
N LEU C 135 18.90 13.87 23.93
CA LEU C 135 18.49 12.85 24.89
C LEU C 135 17.62 11.79 24.22
N SER C 136 17.69 10.58 24.75
CA SER C 136 16.86 9.47 24.29
C SER C 136 15.45 9.60 24.86
N THR C 137 14.53 8.81 24.29
CA THR C 137 13.14 8.85 24.75
C THR C 137 13.04 8.41 26.20
N SER C 138 13.83 7.41 26.61
CA SER C 138 13.78 6.94 27.99
C SER C 138 14.31 8.02 28.93
N ASP C 139 15.39 8.70 28.54
CA ASP C 139 15.96 9.75 29.39
C ASP C 139 15.00 10.93 29.52
N ILE C 140 14.39 11.33 28.40
CA ILE C 140 13.42 12.43 28.43
C ILE C 140 12.26 12.09 29.37
N THR C 141 11.78 10.85 29.32
CA THR C 141 10.67 10.45 30.17
C THR C 141 11.05 10.52 31.64
N ASN C 142 12.18 9.92 32.01
CA ASN C 142 12.60 9.94 33.42
C ASN C 142 12.84 11.36 33.90
N LEU C 143 13.47 12.20 33.08
CA LEU C 143 13.69 13.58 33.45
C LEU C 143 12.37 14.31 33.70
N THR C 144 11.38 14.08 32.84
CA THR C 144 10.09 14.73 32.98
C THR C 144 9.37 14.27 34.25
N VAL C 145 9.43 12.97 34.54
CA VAL C 145 8.80 12.44 35.75
C VAL C 145 9.42 13.06 36.99
N ALA C 146 10.74 13.26 36.97
CA ALA C 146 11.43 13.88 38.10
C ALA C 146 10.88 15.27 38.39
N PHE C 147 10.69 16.08 37.35
CA PHE C 147 10.15 17.43 37.54
C PHE C 147 8.70 17.41 38.02
N LYS C 148 7.96 16.33 37.75
CA LYS C 148 6.59 16.24 38.26
C LYS C 148 6.61 16.08 39.77
N ARG C 149 7.44 15.18 40.28
CA ARG C 149 7.54 14.96 41.71
C ARG C 149 8.01 16.22 42.42
N ALA C 150 8.88 17.00 41.78
CA ALA C 150 9.35 18.26 42.33
C ALA C 150 8.35 19.40 42.16
N ASN C 151 7.35 19.23 41.29
CA ASN C 151 6.35 20.26 41.03
C ASN C 151 6.99 21.59 40.64
N TYR C 152 8.12 21.53 39.92
CA TYR C 152 8.84 22.72 39.49
C TYR C 152 8.61 22.92 38.00
N TYR C 153 8.30 24.15 37.63
CA TYR C 153 8.01 24.53 36.24
C TYR C 153 9.09 25.46 35.70
N ASP C 154 9.65 25.08 34.55
CA ASP C 154 10.60 25.92 33.81
C ASP C 154 10.08 25.98 32.38
N LYS C 155 9.58 27.15 31.99
CA LYS C 155 9.03 27.33 30.65
C LYS C 155 10.06 27.06 29.56
N ASP C 156 11.30 27.48 29.77
CA ASP C 156 12.31 27.29 28.73
C ASP C 156 12.67 25.82 28.57
N LEU C 157 12.72 25.08 29.68
CA LEU C 157 13.04 23.65 29.61
C LEU C 157 11.91 22.88 28.92
N PHE C 158 10.67 23.15 29.32
CA PHE C 158 9.53 22.47 28.70
C PHE C 158 9.39 22.80 27.23
N THR C 159 9.89 23.97 26.80
CA THR C 159 9.84 24.30 25.38
C THR C 159 10.78 23.40 24.59
N GLY C 160 11.99 23.19 25.10
CA GLY C 160 12.92 22.30 24.42
C GLY C 160 12.44 20.86 24.45
N ILE C 161 11.80 20.46 25.55
CA ILE C 161 11.30 19.09 25.69
C ILE C 161 10.20 18.83 24.67
N GLU C 162 9.21 19.73 24.59
CA GLU C 162 8.11 19.54 23.66
C GLU C 162 8.60 19.57 22.21
N ALA C 163 9.70 20.27 21.93
CA ALA C 163 10.26 20.26 20.59
C ALA C 163 10.88 18.90 20.28
N ASN C 164 11.54 18.30 21.26
CA ASN C 164 12.13 16.97 21.09
C ASN C 164 11.04 15.94 20.84
N VAL C 165 9.98 15.98 21.63
CA VAL C 165 8.88 15.02 21.49
C VAL C 165 8.20 15.19 20.13
N SER C 166 7.94 16.43 19.74
CA SER C 166 7.28 16.67 18.47
C SER C 166 8.12 16.23 17.29
N ALA C 167 9.45 16.32 17.41
CA ALA C 167 10.36 15.88 16.36
C ALA C 167 10.50 14.37 16.28
N ASN C 168 10.25 13.64 17.37
CA ASN C 168 10.47 12.19 17.40
C ASN C 168 9.27 11.45 18.00
N PHE C 169 8.06 12.00 17.85
CA PHE C 169 6.87 11.42 18.45
C PHE C 169 6.66 9.95 18.08
N THR C 170 7.21 9.51 16.93
CA THR C 170 7.07 8.12 16.54
C THR C 170 7.87 7.18 17.44
N LYS C 171 8.95 7.67 18.05
CA LYS C 171 9.81 6.83 18.87
C LYS C 171 9.29 6.67 20.29
N PHE C 172 8.43 7.57 20.76
CA PHE C 172 7.94 7.51 22.12
C PHE C 172 6.89 6.43 22.30
N GLU C 173 6.76 5.96 23.53
CA GLU C 173 5.83 4.90 23.90
C GLU C 173 4.70 5.46 24.75
N THR C 174 3.53 4.83 24.65
CA THR C 174 2.36 5.30 25.39
C THR C 174 2.65 5.34 26.89
N GLU C 175 3.35 4.32 27.41
CA GLU C 175 3.65 4.30 28.84
C GLU C 175 4.47 5.53 29.23
N GLN C 176 5.35 5.97 28.34
CA GLN C 176 6.16 7.15 28.60
C GLN C 176 5.34 8.43 28.43
N LEU C 177 4.58 8.51 27.33
CA LEU C 177 3.82 9.73 27.04
C LEU C 177 2.76 10.00 28.10
N LEU C 178 2.19 8.95 28.69
CA LEU C 178 1.19 9.14 29.74
C LEU C 178 1.79 9.83 30.95
N GLN C 179 3.02 9.47 31.31
CA GLN C 179 3.68 10.12 32.44
C GLN C 179 4.03 11.56 32.08
N ILE C 180 4.49 11.78 30.84
CA ILE C 180 4.86 13.12 30.40
C ILE C 180 3.63 14.02 30.40
N VAL C 181 2.52 13.51 29.85
CA VAL C 181 1.28 14.29 29.80
C VAL C 181 0.82 14.67 31.20
N ALA C 182 0.97 13.75 32.16
CA ALA C 182 0.57 14.04 33.53
C ALA C 182 1.30 15.27 34.06
N THR C 183 2.53 15.50 33.60
CA THR C 183 3.26 16.70 34.01
C THR C 183 2.68 17.93 33.30
N PHE C 184 2.29 17.77 32.04
CA PHE C 184 1.65 18.84 31.29
C PHE C 184 0.26 19.16 31.82
N ASP C 185 -0.31 18.29 32.64
CA ASP C 185 -1.60 18.53 33.27
C ASP C 185 -1.47 19.13 34.66
N ALA C 186 -0.38 18.80 35.38
CA ALA C 186 -0.17 19.38 36.70
C ALA C 186 -0.05 20.89 36.61
N PHE C 187 0.76 21.38 35.67
CA PHE C 187 0.81 22.80 35.35
C PHE C 187 0.21 22.98 33.95
N ASN C 188 -0.75 23.90 33.85
CA ASN C 188 -1.49 24.11 32.61
C ASN C 188 -0.57 24.66 31.53
N HIS C 189 -0.05 23.77 30.69
CA HIS C 189 0.79 24.13 29.55
C HIS C 189 0.42 23.23 28.39
N SER C 190 0.15 23.83 27.23
CA SER C 190 -0.21 23.04 26.05
C SER C 190 0.19 23.77 24.79
N SER C 191 0.38 22.99 23.72
CA SER C 191 0.64 23.50 22.39
C SER C 191 -0.21 22.71 21.41
N VAL C 192 -0.78 23.41 20.42
CA VAL C 192 -1.64 22.72 19.45
C VAL C 192 -0.85 21.68 18.66
N ALA C 193 0.40 22.00 18.32
CA ALA C 193 1.23 21.03 17.60
C ALA C 193 1.55 19.83 18.48
N PHE C 194 1.87 20.09 19.75
CA PHE C 194 2.16 19.01 20.69
C PHE C 194 0.95 18.14 20.93
N LEU C 195 -0.23 18.73 21.06
CA LEU C 195 -1.46 17.97 21.30
C LEU C 195 -1.74 16.98 20.17
N ASP C 196 -1.56 17.40 18.92
CA ASP C 196 -1.82 16.50 17.80
C ASP C 196 -0.73 15.43 17.69
N ASP C 197 0.53 15.82 17.87
CA ASP C 197 1.62 14.86 17.77
C ASP C 197 1.48 13.76 18.82
N VAL C 198 1.04 14.11 20.03
CA VAL C 198 0.85 13.12 21.08
C VAL C 198 -0.33 12.22 20.76
N ALA C 199 -1.44 12.81 20.32
CA ALA C 199 -2.62 12.01 19.97
C ALA C 199 -2.31 11.05 18.82
N ASP C 200 -1.57 11.52 17.81
CA ASP C 200 -1.24 10.65 16.69
C ASP C 200 -0.32 9.51 17.13
N SER C 201 0.63 9.80 18.02
CA SER C 201 1.55 8.76 18.49
C SER C 201 0.80 7.66 19.24
N ILE C 202 -0.12 8.05 20.13
CA ILE C 202 -0.86 7.05 20.90
C ILE C 202 -1.85 6.30 20.00
N THR C 203 -2.52 7.02 19.09
CA THR C 203 -3.56 6.40 18.29
C THR C 203 -2.99 5.50 17.19
N TYR C 204 -1.86 5.87 16.60
CA TYR C 204 -1.34 5.12 15.47
C TYR C 204 0.08 4.59 15.67
N CYS C 205 0.94 5.29 16.39
CA CYS C 205 2.33 4.85 16.53
C CYS C 205 2.52 3.88 17.68
N ASN C 206 1.46 3.52 18.40
CA ASN C 206 1.54 2.59 19.51
C ASN C 206 0.46 1.52 19.34
N HIS C 207 0.59 0.44 20.11
CA HIS C 207 -0.36 -0.65 20.03
C HIS C 207 -1.72 -0.20 20.58
N TYR C 208 -2.78 -0.56 19.86
CA TYR C 208 -4.13 -0.15 20.23
C TYR C 208 -4.60 -0.76 21.56
N LEU C 209 -3.92 -1.78 22.08
CA LEU C 209 -4.25 -2.38 23.37
C LEU C 209 -3.39 -1.85 24.51
N ALA C 210 -2.41 -0.99 24.23
CA ALA C 210 -1.58 -0.42 25.29
C ALA C 210 -2.36 0.22 26.44
N PRO C 211 -3.50 0.88 26.23
CA PRO C 211 -4.22 1.46 27.38
C PRO C 211 -4.62 0.43 28.43
N VAL C 212 -4.80 -0.84 28.04
CA VAL C 212 -5.21 -1.85 29.02
C VAL C 212 -4.13 -2.04 30.07
N ARG C 213 -2.86 -1.87 29.69
CA ARG C 213 -1.74 -1.99 30.62
C ARG C 213 -1.40 -0.68 31.31
N ALA C 214 -2.08 0.40 30.93
CA ALA C 214 -1.73 1.74 31.39
C ALA C 214 -2.29 2.03 32.78
N GLY C 215 -3.54 1.67 33.04
CA GLY C 215 -4.16 2.03 34.29
C GLY C 215 -5.11 3.21 34.14
N ALA C 216 -6.33 3.06 34.65
CA ALA C 216 -7.37 4.06 34.43
C ALA C 216 -7.00 5.42 35.03
N ASP C 217 -6.15 5.44 36.05
CA ASP C 217 -5.80 6.71 36.67
C ASP C 217 -4.99 7.58 35.71
N GLU C 218 -4.09 6.97 34.95
CA GLU C 218 -3.30 7.72 33.96
C GLU C 218 -4.19 8.13 32.79
N LEU C 219 -5.13 7.27 32.41
CA LEU C 219 -6.03 7.56 31.29
C LEU C 219 -6.93 8.75 31.60
N ALA C 220 -7.47 8.81 32.82
CA ALA C 220 -8.32 9.94 33.20
C ALA C 220 -7.52 11.24 33.22
N THR C 221 -6.24 11.19 33.57
CA THR C 221 -5.42 12.39 33.55
C THR C 221 -5.26 12.90 32.12
N LEU C 222 -4.97 11.99 31.18
CA LEU C 222 -4.84 12.37 29.78
C LEU C 222 -6.15 12.95 29.25
N LEU C 223 -7.28 12.32 29.60
CA LEU C 223 -8.58 12.80 29.14
C LEU C 223 -8.83 14.23 29.60
N THR C 224 -8.57 14.51 30.89
CA THR C 224 -8.79 15.84 31.43
C THR C 224 -7.91 16.87 30.73
N TYR C 225 -6.69 16.48 30.36
CA TYR C 225 -5.78 17.40 29.69
C TYR C 225 -6.33 17.84 28.35
N TYR C 226 -6.85 16.89 27.55
CA TYR C 226 -7.41 17.25 26.25
C TYR C 226 -8.76 17.95 26.41
N ALA C 227 -9.55 17.57 27.41
CA ALA C 227 -10.85 18.20 27.61
C ALA C 227 -10.71 19.67 27.98
N LYS C 228 -9.76 19.99 28.86
CA LYS C 228 -9.56 21.38 29.25
C LYS C 228 -9.02 22.22 28.09
N ASN C 229 -8.31 21.58 27.16
CA ASN C 229 -7.81 22.26 25.96
C ASN C 229 -8.83 22.29 24.83
N GLY C 230 -9.97 21.62 24.97
CA GLY C 230 -10.97 21.61 23.93
C GLY C 230 -10.55 20.97 22.64
N HIS C 231 -9.49 20.17 22.66
CA HIS C 231 -8.96 19.54 21.45
C HIS C 231 -9.74 18.26 21.17
N GLU C 232 -10.62 18.31 20.18
CA GLU C 232 -11.47 17.18 19.83
C GLU C 232 -10.73 16.22 18.90
N ARG C 233 -10.50 15.00 19.38
CA ARG C 233 -9.84 13.95 18.59
C ARG C 233 -10.59 12.64 18.86
N ALA C 234 -11.61 12.38 18.04
CA ALA C 234 -12.45 11.19 18.24
C ALA C 234 -11.65 9.91 18.13
N ASP C 235 -10.60 9.89 17.29
CA ASP C 235 -9.80 8.69 17.16
C ASP C 235 -9.02 8.41 18.44
N LEU C 236 -8.47 9.46 19.06
CA LEU C 236 -7.77 9.28 20.33
C LEU C 236 -8.72 8.82 21.43
N LEU C 237 -9.90 9.44 21.51
CA LEU C 237 -10.88 9.07 22.53
C LEU C 237 -11.29 7.60 22.41
N ALA C 238 -11.51 7.13 21.19
CA ALA C 238 -11.88 5.73 20.99
C ALA C 238 -10.79 4.79 21.44
N THR C 239 -9.52 5.19 21.29
CA THR C 239 -8.41 4.35 21.72
C THR C 239 -8.31 4.31 23.24
N VAL C 240 -8.32 5.49 23.88
CA VAL C 240 -8.16 5.56 25.32
C VAL C 240 -9.31 4.87 26.05
N ALA C 241 -10.51 4.91 25.48
CA ALA C 241 -11.66 4.28 26.12
C ALA C 241 -11.49 2.78 26.31
N ARG C 242 -10.65 2.13 25.50
CA ARG C 242 -10.45 0.70 25.63
C ARG C 242 -9.79 0.32 26.95
N GLY C 243 -9.05 1.24 27.58
CA GLY C 243 -8.38 0.92 28.83
C GLY C 243 -9.29 0.85 30.03
N PHE C 244 -10.46 1.47 29.96
CA PHE C 244 -11.38 1.50 31.10
C PHE C 244 -12.14 0.17 31.19
N SER C 245 -12.05 -0.48 32.35
CA SER C 245 -12.73 -1.76 32.55
C SER C 245 -12.80 -2.03 34.06
N GLU C 246 -13.66 -3.00 34.41
CA GLU C 246 -13.79 -3.42 35.80
C GLU C 246 -12.45 -3.87 36.38
N VAL C 247 -11.62 -4.50 35.55
CA VAL C 247 -10.33 -5.00 36.02
C VAL C 247 -9.38 -3.86 36.35
N SER C 248 -9.29 -2.88 35.45
CA SER C 248 -8.36 -1.76 35.67
C SER C 248 -8.87 -0.83 36.77
N LEU C 249 -10.17 -0.59 36.83
CA LEU C 249 -10.69 0.32 37.86
C LEU C 249 -10.68 -0.33 39.24
N GLY C 250 -10.87 -1.64 39.31
CA GLY C 250 -10.87 -2.33 40.60
C GLY C 250 -9.54 -2.30 41.31
N LYS C 251 -8.45 -2.04 40.59
CA LYS C 251 -7.11 -2.02 41.17
C LYS C 251 -6.78 -0.71 41.87
N LEU C 252 -7.58 0.32 41.69
CA LEU C 252 -7.31 1.62 42.31
C LEU C 252 -7.98 1.73 43.67
N SER C 253 -7.43 2.61 44.50
CA SER C 253 -8.02 2.92 45.80
C SER C 253 -9.41 3.52 45.64
N ALA C 254 -10.26 3.25 46.63
CA ALA C 254 -11.65 3.71 46.56
C ALA C 254 -11.72 5.22 46.38
N ALA C 255 -10.86 5.96 47.07
CA ALA C 255 -10.86 7.42 46.93
C ALA C 255 -10.34 7.81 45.56
N GLN C 256 -9.23 7.20 45.14
CA GLN C 256 -8.67 7.50 43.82
C GLN C 256 -9.64 7.08 42.71
N ARG C 257 -10.34 5.97 42.91
CA ARG C 257 -11.33 5.52 41.93
C ARG C 257 -12.46 6.51 41.77
N LYS C 258 -12.98 7.04 42.89
CA LYS C 258 -14.04 8.04 42.82
C LYS C 258 -13.59 9.26 42.04
N ASP C 259 -12.41 9.79 42.37
CA ASP C 259 -11.91 10.98 41.69
C ASP C 259 -11.68 10.69 40.22
N THR C 260 -11.20 9.48 39.90
CA THR C 260 -10.95 9.11 38.51
C THR C 260 -12.24 9.09 37.71
N VAL C 261 -13.29 8.48 38.27
CA VAL C 261 -14.57 8.39 37.57
C VAL C 261 -15.14 9.79 37.34
N LEU C 262 -15.17 10.61 38.39
CA LEU C 262 -15.80 11.93 38.29
C LEU C 262 -15.09 12.81 37.28
N SER C 263 -13.78 12.64 37.11
CA SER C 263 -13.04 13.43 36.12
C SER C 263 -13.20 12.87 34.71
N ALA C 264 -13.24 11.55 34.58
CA ALA C 264 -13.38 10.94 33.26
C ALA C 264 -14.74 11.24 32.65
N LEU C 265 -15.80 11.17 33.45
CA LEU C 265 -17.15 11.39 32.93
C LEU C 265 -17.32 12.82 32.43
N LYS C 266 -16.67 13.78 33.10
CA LYS C 266 -16.76 15.16 32.66
C LYS C 266 -16.14 15.36 31.29
N ALA C 267 -15.02 14.68 31.02
CA ALA C 267 -14.37 14.82 29.72
C ALA C 267 -15.24 14.24 28.61
N PHE C 268 -15.83 13.07 28.84
CA PHE C 268 -16.71 12.47 27.85
C PHE C 268 -17.92 13.36 27.56
N GLN C 269 -18.50 13.94 28.60
CA GLN C 269 -19.65 14.83 28.42
C GLN C 269 -19.24 16.13 27.73
N THR C 270 -18.00 16.56 27.90
CA THR C 270 -17.52 17.79 27.27
C THR C 270 -17.47 17.64 25.75
N PHE C 271 -16.90 16.53 25.27
CA PHE C 271 -16.82 16.27 23.84
C PHE C 271 -18.06 15.59 23.28
N GLY C 272 -18.97 15.11 24.14
CA GLY C 272 -20.15 14.42 23.65
C GLY C 272 -19.88 13.07 23.04
N PHE C 273 -18.77 12.43 23.40
CA PHE C 273 -18.43 11.11 22.89
C PHE C 273 -18.80 10.07 23.93
N TYR C 274 -19.56 9.06 23.51
CA TYR C 274 -20.06 8.02 24.42
C TYR C 274 -19.74 6.64 23.86
N PRO C 275 -18.56 6.12 24.16
CA PRO C 275 -18.20 4.77 23.71
C PRO C 275 -18.87 3.72 24.58
N GLU C 276 -18.94 2.50 24.05
CA GLU C 276 -19.59 1.41 24.77
C GLU C 276 -18.88 1.11 26.08
N SER C 277 -17.56 1.30 26.13
CA SER C 277 -16.78 1.00 27.34
C SER C 277 -17.07 1.97 28.48
N ILE C 278 -17.86 3.04 28.25
CA ILE C 278 -18.22 3.95 29.32
C ILE C 278 -19.13 3.29 30.35
N GLU C 279 -19.83 2.22 29.98
CA GLU C 279 -20.71 1.56 30.92
C GLU C 279 -19.94 0.92 32.08
N ALA C 280 -18.68 0.56 31.85
CA ALA C 280 -17.87 0.04 32.95
C ALA C 280 -17.54 1.14 33.94
N VAL C 281 -17.33 2.36 33.44
CA VAL C 281 -17.04 3.49 34.32
C VAL C 281 -18.25 3.80 35.19
N ILE C 282 -19.45 3.82 34.58
CA ILE C 282 -20.67 4.08 35.33
C ILE C 282 -20.97 2.95 36.29
N GLY C 283 -20.77 1.70 35.86
CA GLY C 283 -21.04 0.57 36.73
C GLY C 283 -20.19 0.58 37.99
N ALA C 284 -18.97 1.12 37.90
CA ALA C 284 -18.10 1.20 39.07
C ALA C 284 -18.68 2.14 40.12
N ALA C 285 -19.46 3.14 39.69
CA ALA C 285 -20.07 4.07 40.62
C ALA C 285 -21.39 3.53 41.17
N LEU C 286 -22.20 2.90 40.32
CA LEU C 286 -23.50 2.40 40.75
C LEU C 286 -23.39 1.13 41.60
N VAL C 287 -22.26 0.43 41.54
CA VAL C 287 -22.07 -0.74 42.38
C VAL C 287 -21.69 -0.35 43.81
N SER C 288 -21.19 0.88 44.00
CA SER C 288 -20.80 1.38 45.32
C SER C 288 -21.17 2.85 45.43
N PRO C 289 -22.46 3.18 45.32
CA PRO C 289 -22.86 4.60 45.33
C PRO C 289 -22.75 5.25 46.69
N ALA C 290 -22.51 4.49 47.76
CA ALA C 290 -22.39 5.08 49.09
C ALA C 290 -21.20 6.04 49.19
N GLU C 291 -20.19 5.88 48.33
CA GLU C 291 -19.05 6.76 48.35
C GLU C 291 -19.33 8.11 47.69
N TYR C 292 -20.40 8.21 46.90
CA TYR C 292 -20.70 9.40 46.13
C TYR C 292 -21.85 10.18 46.77
N SER C 293 -21.82 11.49 46.59
CA SER C 293 -22.85 12.39 47.07
C SER C 293 -24.00 12.48 46.05
N ALA C 294 -25.11 13.08 46.50
CA ALA C 294 -26.29 13.20 45.66
C ALA C 294 -26.01 14.05 44.42
N GLU C 295 -25.24 15.13 44.59
CA GLU C 295 -24.92 15.98 43.44
C GLU C 295 -23.99 15.26 42.47
N GLU C 296 -23.11 14.41 42.99
CA GLU C 296 -22.22 13.63 42.12
C GLU C 296 -23.01 12.57 41.37
N LEU C 297 -23.92 11.87 42.06
CA LEU C 297 -24.75 10.87 41.40
C LEU C 297 -25.71 11.49 40.39
N LYS C 298 -26.13 12.74 40.63
CA LYS C 298 -27.03 13.40 39.70
C LYS C 298 -26.37 13.64 38.36
N GLU C 299 -25.13 14.15 38.37
CA GLU C 299 -24.42 14.36 37.12
C GLU C 299 -24.00 13.04 36.48
N VAL C 300 -23.79 12.00 37.29
CA VAL C 300 -23.46 10.68 36.76
C VAL C 300 -24.62 10.14 35.95
N GLU C 301 -25.84 10.24 36.49
CA GLU C 301 -27.01 9.77 35.77
C GLU C 301 -27.33 10.66 34.58
N ALA C 302 -26.94 11.93 34.64
CA ALA C 302 -27.14 12.82 33.49
C ALA C 302 -26.30 12.34 32.31
N VAL C 303 -25.06 11.91 32.57
CA VAL C 303 -24.23 11.35 31.51
C VAL C 303 -24.79 10.00 31.08
N LYS C 304 -25.34 9.24 32.02
CA LYS C 304 -25.89 7.92 31.70
C LYS C 304 -27.01 8.02 30.68
N VAL C 305 -27.96 8.93 30.88
CA VAL C 305 -29.05 9.07 29.93
C VAL C 305 -28.54 9.64 28.61
N ALA C 306 -27.55 10.54 28.66
CA ALA C 306 -26.99 11.09 27.45
C ALA C 306 -26.34 10.00 26.60
N ALA C 307 -25.63 9.08 27.26
CA ALA C 307 -25.00 7.96 26.54
C ALA C 307 -26.04 6.96 26.07
N GLU C 308 -27.11 6.77 26.86
CA GLU C 308 -28.18 5.86 26.46
C GLU C 308 -28.86 6.35 25.18
N ASN C 309 -29.02 7.66 25.04
CA ASN C 309 -29.59 8.20 23.81
C ASN C 309 -28.62 8.07 22.65
N ALA C 310 -27.33 8.28 22.92
CA ALA C 310 -26.33 8.21 21.86
C ALA C 310 -26.15 6.77 21.37
N LEU C 311 -26.09 5.81 22.28
CA LEU C 311 -25.93 4.41 21.93
C LEU C 311 -27.25 3.73 21.57
N GLY C 312 -28.38 4.34 21.90
CA GLY C 312 -29.67 3.75 21.57
C GLY C 312 -29.97 2.48 22.35
N GLY C 313 -29.95 2.58 23.67
CA GLY C 313 -30.24 1.44 24.51
C GLY C 313 -30.58 1.87 25.92
N GLU C 314 -30.69 0.89 26.81
CA GLU C 314 -31.03 1.14 28.20
C GLU C 314 -30.03 0.48 29.13
N PHE C 315 -29.65 1.21 30.17
CA PHE C 315 -28.65 0.75 31.13
C PHE C 315 -29.27 -0.24 32.11
N VAL C 316 -28.60 -1.38 32.30
CA VAL C 316 -29.02 -2.39 33.25
C VAL C 316 -27.78 -2.93 33.95
N LEU C 317 -27.88 -3.11 35.26
CA LEU C 317 -26.78 -3.68 36.04
C LEU C 317 -26.80 -5.21 35.99
N ILE C 318 -25.63 -5.81 35.81
CA ILE C 318 -25.48 -7.25 35.72
C ILE C 318 -25.04 -7.76 37.09
N GLN C 319 -25.58 -8.91 37.49
CA GLN C 319 -25.31 -9.49 38.80
C GLN C 319 -24.68 -10.87 38.64
N GLU C 320 -23.70 -11.16 39.48
CA GLU C 320 -23.00 -12.44 39.42
C GLU C 320 -23.92 -13.57 39.86
N GLY C 321 -23.97 -14.64 39.09
CA GLY C 321 -24.82 -15.77 39.39
C GLY C 321 -25.37 -16.48 38.16
N MET D 1 24.69 -52.84 37.84
CA MET D 1 24.79 -51.69 36.95
C MET D 1 24.79 -50.38 37.74
N LYS D 2 25.07 -49.29 37.03
CA LYS D 2 25.01 -47.96 37.63
C LYS D 2 23.55 -47.57 37.85
N LEU D 3 23.13 -47.52 39.13
CA LEU D 3 21.77 -47.16 39.49
C LEU D 3 21.69 -45.74 40.05
N LEU D 4 22.47 -45.43 41.08
CA LEU D 4 22.44 -44.14 41.72
C LEU D 4 23.67 -43.33 41.32
N PRO D 5 23.51 -42.07 40.96
CA PRO D 5 24.66 -41.26 40.55
C PRO D 5 25.50 -40.83 41.75
N GLU D 6 26.60 -40.13 41.45
CA GLU D 6 27.48 -39.63 42.49
C GLU D 6 26.82 -38.53 43.31
N SER D 7 25.98 -37.72 42.68
CA SER D 7 25.23 -36.68 43.40
C SER D 7 23.92 -36.41 42.67
N LEU D 8 22.81 -36.56 43.39
CA LEU D 8 21.50 -36.27 42.80
C LEU D 8 21.31 -34.77 42.61
N GLN D 9 21.78 -33.97 43.56
CA GLN D 9 21.62 -32.52 43.44
C GLN D 9 22.40 -31.97 42.25
N GLN D 10 23.57 -32.54 41.97
CA GLN D 10 24.35 -32.11 40.82
C GLN D 10 23.59 -32.38 39.52
N GLU D 11 22.99 -33.57 39.39
CA GLU D 11 22.26 -33.89 38.18
C GLU D 11 21.02 -33.00 38.02
N ALA D 12 20.31 -32.76 39.12
CA ALA D 12 19.11 -31.92 39.04
C ALA D 12 19.46 -30.49 38.67
N ALA D 13 20.53 -29.95 39.27
CA ALA D 13 20.94 -28.59 38.96
C ALA D 13 21.35 -28.46 37.50
N THR D 14 21.94 -29.51 36.93
CA THR D 14 22.32 -29.47 35.52
C THR D 14 21.09 -29.36 34.63
N ALA D 15 20.10 -30.21 34.88
CA ALA D 15 18.88 -30.18 34.07
C ALA D 15 18.18 -28.83 34.20
N ALA D 16 18.06 -28.31 35.42
CA ALA D 16 17.40 -27.04 35.62
C ALA D 16 18.13 -25.90 34.92
N VAL D 17 19.47 -25.94 34.94
CA VAL D 17 20.25 -24.89 34.27
C VAL D 17 19.96 -24.93 32.77
N VAL D 18 20.01 -26.11 32.17
CA VAL D 18 19.78 -26.23 30.73
C VAL D 18 18.38 -25.75 30.38
N ALA D 19 17.38 -26.21 31.14
CA ALA D 19 16.00 -25.82 30.86
C ALA D 19 15.81 -24.32 31.03
N SER D 20 16.48 -23.72 32.03
CA SER D 20 16.34 -22.28 32.24
C SER D 20 16.99 -21.50 31.09
N TRP D 21 18.12 -21.98 30.58
CA TRP D 21 18.76 -21.31 29.46
C TRP D 21 17.90 -21.40 28.21
N VAL D 22 17.31 -22.56 27.96
CA VAL D 22 16.44 -22.72 26.79
C VAL D 22 15.25 -21.78 26.89
N LEU D 23 14.65 -21.68 28.07
CA LEU D 23 13.52 -20.78 28.27
C LEU D 23 13.91 -19.33 27.99
N TRP D 24 15.03 -18.90 28.57
CA TRP D 24 15.49 -17.53 28.34
C TRP D 24 15.80 -17.30 26.87
N HIS D 25 16.48 -18.26 26.23
CA HIS D 25 16.84 -18.11 24.82
C HIS D 25 15.58 -18.05 23.95
N LEU D 26 14.57 -18.85 24.30
CA LEU D 26 13.33 -18.86 23.53
C LEU D 26 12.63 -17.51 23.60
N ASP D 27 12.40 -17.00 24.81
CA ASP D 27 11.72 -15.71 24.96
C ASP D 27 12.56 -14.56 24.43
N THR D 28 13.89 -14.64 24.52
CA THR D 28 14.71 -13.49 24.18
C THR D 28 15.21 -13.53 22.73
N GLN D 29 15.41 -14.71 22.16
CA GLN D 29 15.94 -14.83 20.81
C GLN D 29 14.97 -15.45 19.81
N LEU D 30 14.27 -16.52 20.21
CA LEU D 30 13.46 -17.25 19.24
C LEU D 30 12.10 -16.60 19.01
N LEU D 31 11.34 -16.41 20.08
CA LEU D 31 9.99 -15.86 19.93
C LEU D 31 9.96 -14.48 19.28
N PRO D 32 10.85 -13.53 19.63
CA PRO D 32 10.78 -12.23 18.94
C PRO D 32 10.97 -12.35 17.44
N THR D 33 11.88 -13.22 17.01
CA THR D 33 12.11 -13.42 15.58
C THR D 33 10.90 -14.09 14.93
N ILE D 34 10.40 -15.15 15.56
CA ILE D 34 9.26 -15.89 15.03
C ILE D 34 8.06 -14.97 14.87
N MET D 35 7.76 -14.19 15.91
CA MET D 35 6.58 -13.32 15.86
C MET D 35 6.76 -12.21 14.83
N ARG D 36 7.98 -11.69 14.67
CA ARG D 36 8.21 -10.67 13.65
C ARG D 36 7.85 -11.18 12.27
N GLU D 37 8.21 -12.44 11.98
CA GLU D 37 7.93 -13.02 10.68
C GLU D 37 6.48 -13.51 10.58
N HIS D 38 6.00 -14.21 11.61
CA HIS D 38 4.66 -14.77 11.57
C HIS D 38 3.58 -13.69 11.58
N LYS D 39 3.68 -12.74 12.52
CA LYS D 39 2.62 -11.73 12.64
C LYS D 39 2.59 -10.78 11.46
N LEU D 40 3.70 -10.62 10.72
CA LEU D 40 3.68 -9.77 9.54
C LEU D 40 2.70 -10.31 8.51
N HIS D 41 2.79 -11.61 8.21
CA HIS D 41 1.90 -12.23 7.24
C HIS D 41 0.47 -12.28 7.76
N ALA D 42 0.29 -12.63 9.03
CA ALA D 42 -1.06 -12.76 9.60
C ALA D 42 -1.80 -11.43 9.59
N CYS D 43 -1.13 -10.33 9.92
CA CYS D 43 -1.79 -9.04 9.92
C CYS D 43 -2.25 -8.64 8.53
N TRP D 44 -1.40 -8.86 7.53
CA TRP D 44 -1.77 -8.53 6.16
C TRP D 44 -2.94 -9.38 5.69
N ALA D 45 -2.90 -10.69 5.98
CA ALA D 45 -3.98 -11.58 5.56
C ALA D 45 -5.30 -11.24 6.25
N ALA D 46 -5.23 -10.82 7.51
CA ALA D 46 -6.46 -10.51 8.25
C ALA D 46 -7.01 -9.13 7.93
N ALA D 47 -6.14 -8.19 7.58
CA ALA D 47 -6.56 -6.82 7.33
C ALA D 47 -6.83 -6.52 5.86
N ALA D 48 -6.34 -7.36 4.94
CA ALA D 48 -6.40 -7.07 3.51
C ALA D 48 -7.79 -6.62 3.08
N LYS D 49 -8.84 -7.20 3.67
CA LYS D 49 -10.19 -6.83 3.24
C LYS D 49 -10.53 -5.42 3.70
N ARG D 50 -10.28 -5.10 4.97
CA ARG D 50 -10.61 -3.79 5.49
C ARG D 50 -9.58 -2.74 5.08
N TYR D 51 -8.31 -3.13 4.95
CA TYR D 51 -7.27 -2.19 4.56
C TYR D 51 -7.49 -1.66 3.16
N ASN D 52 -7.70 -2.57 2.20
CA ASN D 52 -7.92 -2.15 0.82
C ASN D 52 -9.18 -1.31 0.68
N GLU D 53 -10.24 -1.65 1.43
CA GLU D 53 -11.47 -0.87 1.36
C GLU D 53 -11.26 0.53 1.91
N LYS D 54 -10.59 0.66 3.05
CA LYS D 54 -10.34 1.98 3.63
C LYS D 54 -9.51 2.82 2.67
N LEU D 55 -8.49 2.22 2.06
CA LEU D 55 -7.66 2.92 1.08
C LEU D 55 -8.48 3.33 -0.14
N PHE D 56 -9.34 2.43 -0.61
CA PHE D 56 -10.18 2.72 -1.78
C PHE D 56 -11.08 3.92 -1.53
N LYS D 57 -11.50 4.15 -0.29
CA LYS D 57 -12.29 5.33 0.03
C LYS D 57 -11.48 6.62 0.09
N LEU D 58 -10.17 6.52 0.32
CA LEU D 58 -9.36 7.72 0.56
C LEU D 58 -8.76 8.33 -0.70
N ASN D 59 -8.28 7.54 -1.64
CA ASN D 59 -7.64 8.12 -2.82
C ASN D 59 -8.68 8.60 -3.82
N PRO D 60 -8.57 9.85 -4.31
CA PRO D 60 -9.52 10.37 -5.30
C PRO D 60 -9.12 10.04 -6.73
N SER D 61 -8.29 9.02 -6.91
CA SER D 61 -7.72 8.73 -8.22
C SER D 61 -8.77 8.24 -9.22
N TYR D 62 -9.90 7.73 -8.75
CA TYR D 62 -10.91 7.15 -9.63
C TYR D 62 -11.91 8.19 -10.13
N ASP D 63 -12.34 9.10 -9.26
CA ASP D 63 -13.34 10.10 -9.62
C ASP D 63 -12.70 11.36 -10.21
N ARG D 64 -11.47 11.27 -10.71
CA ARG D 64 -10.81 12.43 -11.31
C ARG D 64 -11.58 12.96 -12.51
N VAL D 65 -12.28 12.08 -13.23
CA VAL D 65 -13.06 12.52 -14.38
C VAL D 65 -14.14 13.51 -13.98
N LEU D 66 -14.65 13.42 -12.75
CA LEU D 66 -15.69 14.34 -12.31
C LEU D 66 -15.14 15.74 -12.01
N SER D 67 -13.82 15.86 -11.86
CA SER D 67 -13.23 17.18 -11.60
C SER D 67 -13.04 17.97 -12.88
N LEU D 68 -13.07 17.30 -14.04
CA LEU D 68 -12.92 17.97 -15.31
C LEU D 68 -14.19 18.75 -15.66
N PRO D 69 -14.10 19.71 -16.58
CA PRO D 69 -15.32 20.42 -17.00
C PRO D 69 -16.23 19.48 -17.79
N ALA D 70 -17.52 19.49 -17.44
CA ALA D 70 -18.47 18.63 -18.13
C ALA D 70 -18.71 19.09 -19.57
N VAL D 71 -18.60 20.39 -19.83
CA VAL D 71 -18.81 20.89 -21.19
C VAL D 71 -17.64 20.46 -22.05
N SER D 72 -17.93 19.74 -23.13
CA SER D 72 -16.90 19.26 -24.03
C SER D 72 -16.41 20.39 -24.94
N LYS D 73 -15.23 20.19 -25.52
CA LYS D 73 -14.70 21.15 -26.48
C LYS D 73 -15.59 21.23 -27.72
N ASN D 74 -16.18 20.12 -28.12
CA ASN D 74 -17.11 20.12 -29.25
C ASN D 74 -18.30 21.03 -28.96
N GLN D 75 -18.86 20.93 -27.76
CA GLN D 75 -19.99 21.76 -27.38
C GLN D 75 -19.61 23.23 -27.38
N VAL D 76 -18.37 23.55 -26.99
CA VAL D 76 -17.92 24.94 -27.00
C VAL D 76 -17.86 25.46 -28.43
N LEU D 77 -17.27 24.68 -29.34
CA LEU D 77 -17.11 25.12 -30.72
C LEU D 77 -18.46 25.23 -31.43
N GLU D 78 -19.42 24.36 -31.11
CA GLU D 78 -20.73 24.47 -31.74
C GLU D 78 -21.51 25.67 -31.22
N ASN D 79 -21.11 26.23 -30.08
CA ASN D 79 -21.77 27.42 -29.57
C ASN D 79 -21.12 28.68 -30.10
N VAL D 80 -19.78 28.70 -30.17
CA VAL D 80 -19.07 29.86 -30.69
C VAL D 80 -19.21 29.93 -32.21
N PHE D 81 -19.01 28.79 -32.88
CA PHE D 81 -19.14 28.69 -34.33
C PHE D 81 -20.42 27.93 -34.66
N HIS D 82 -21.55 28.54 -34.31
CA HIS D 82 -22.85 27.93 -34.56
C HIS D 82 -23.19 27.89 -36.05
N THR D 83 -22.73 28.88 -36.81
CA THR D 83 -23.03 28.96 -38.23
C THR D 83 -21.74 29.31 -38.98
N ALA D 84 -21.57 28.71 -40.16
CA ALA D 84 -20.42 29.03 -40.99
C ALA D 84 -20.55 30.46 -41.50
N PRO D 85 -19.58 31.33 -41.25
CA PRO D 85 -19.68 32.71 -41.73
C PRO D 85 -19.56 32.82 -43.25
N LYS D 86 -20.33 33.74 -43.80
CA LYS D 86 -20.35 33.98 -45.24
C LYS D 86 -19.08 34.72 -45.63
N ALA D 87 -18.60 34.48 -46.84
CA ALA D 87 -17.40 35.22 -47.17
C ALA D 87 -17.73 36.67 -47.51
N PRO D 88 -16.83 37.60 -47.16
CA PRO D 88 -17.07 39.02 -47.46
C PRO D 88 -17.19 39.31 -48.94
N VAL D 89 -16.49 38.54 -49.78
CA VAL D 89 -16.52 38.80 -51.23
C VAL D 89 -17.76 38.20 -51.88
N GLU D 90 -18.39 37.20 -51.26
CA GLU D 90 -19.55 36.58 -51.88
C GLU D 90 -20.69 37.58 -52.04
N HIS D 91 -20.80 38.55 -51.13
CA HIS D 91 -21.84 39.57 -51.26
C HIS D 91 -21.64 40.38 -52.53
N LEU D 92 -20.37 40.69 -52.84
CA LEU D 92 -20.07 41.42 -54.07
C LEU D 92 -20.36 40.56 -55.30
N GLU D 93 -19.86 39.31 -55.29
CA GLU D 93 -20.05 38.43 -56.44
C GLU D 93 -21.53 38.20 -56.73
N LYS D 94 -22.36 38.11 -55.69
CA LYS D 94 -23.78 37.88 -55.91
C LYS D 94 -24.44 39.14 -56.46
N MET D 95 -24.06 40.31 -55.96
CA MET D 95 -24.62 41.55 -56.49
C MET D 95 -24.13 41.82 -57.90
N VAL D 96 -22.87 41.47 -58.19
CA VAL D 96 -22.33 41.69 -59.53
C VAL D 96 -23.02 40.77 -60.54
N SER D 97 -23.21 39.50 -60.17
CA SER D 97 -23.86 38.56 -61.09
C SER D 97 -25.28 39.02 -61.41
N ALA D 98 -25.99 39.55 -60.42
CA ALA D 98 -27.34 40.05 -60.67
C ALA D 98 -27.29 41.32 -61.51
N ASN D 99 -26.34 42.22 -61.20
CA ASN D 99 -26.21 43.47 -61.95
C ASN D 99 -25.79 43.21 -63.40
N SER D 100 -25.17 42.07 -63.68
CA SER D 100 -24.80 41.75 -65.05
C SER D 100 -26.05 41.60 -65.92
N LYS D 101 -27.14 41.08 -65.34
CA LYS D 101 -28.38 40.96 -66.09
C LYS D 101 -29.02 42.33 -66.29
N VAL D 102 -28.80 43.26 -65.37
CA VAL D 102 -29.30 44.62 -65.52
C VAL D 102 -28.61 45.30 -66.69
N TYR D 103 -27.28 45.15 -66.79
CA TYR D 103 -26.55 45.70 -67.92
C TYR D 103 -27.05 45.08 -69.22
N ASP D 104 -27.26 43.76 -69.23
CA ASP D 104 -27.76 43.07 -70.40
C ASP D 104 -29.14 43.59 -70.80
N ALA D 105 -29.92 44.03 -69.81
CA ALA D 105 -31.27 44.50 -70.08
C ALA D 105 -31.29 45.90 -70.68
N LEU D 106 -30.48 46.82 -70.16
CA LEU D 106 -30.57 48.23 -70.54
C LEU D 106 -29.17 48.78 -70.85
N ASN D 107 -28.67 48.45 -72.04
CA ASN D 107 -27.43 49.04 -72.54
C ASN D 107 -27.37 48.82 -74.05
N LEU D 108 -27.56 49.90 -74.82
CA LEU D 108 -27.59 49.87 -76.28
C LEU D 108 -26.39 49.19 -76.93
N GLN D 109 -25.39 48.76 -76.14
CA GLN D 109 -24.19 48.15 -76.67
C GLN D 109 -24.07 46.67 -76.37
N SER D 110 -24.99 46.10 -75.59
CA SER D 110 -24.89 44.70 -75.21
C SER D 110 -25.30 43.79 -76.37
N LYS D 111 -24.97 42.50 -76.23
CA LYS D 111 -25.34 41.51 -77.23
C LYS D 111 -26.86 41.36 -77.28
N ARG D 112 -27.48 41.15 -76.13
CA ARG D 112 -28.94 41.08 -76.01
C ARG D 112 -29.38 42.38 -75.37
N VAL D 113 -30.38 43.02 -75.96
CA VAL D 113 -30.96 44.26 -75.42
C VAL D 113 -32.47 44.23 -75.65
N LEU D 114 -33.20 44.68 -74.64
CA LEU D 114 -34.66 44.72 -74.68
C LEU D 114 -35.19 45.95 -75.41
N ILE D 115 -34.31 46.86 -75.84
CA ILE D 115 -34.75 48.10 -76.47
C ILE D 115 -35.59 47.81 -77.70
N TRP D 116 -35.23 46.77 -78.46
CA TRP D 116 -36.00 46.43 -79.64
C TRP D 116 -37.24 45.62 -79.30
N GLN D 117 -37.34 45.12 -78.08
CA GLN D 117 -38.49 44.35 -77.61
C GLN D 117 -39.58 45.27 -77.08
N VAL D 118 -39.16 46.31 -76.35
CA VAL D 118 -40.09 47.27 -75.77
C VAL D 118 -40.51 48.29 -76.81
N LYS D 119 -39.53 48.93 -77.45
CA LYS D 119 -39.78 49.87 -78.55
C LYS D 119 -39.53 49.10 -79.83
N PRO D 120 -40.57 48.65 -80.54
CA PRO D 120 -40.36 47.81 -81.73
C PRO D 120 -39.64 48.48 -82.88
N ALA D 121 -40.22 49.54 -83.45
CA ALA D 121 -39.60 50.22 -84.57
C ALA D 121 -40.29 51.55 -84.81
N LEU D 122 -39.60 52.42 -85.56
CA LEU D 122 -40.06 53.75 -85.92
C LEU D 122 -39.80 53.89 -87.42
N PHE D 123 -40.72 53.35 -88.22
CA PHE D 123 -40.62 53.43 -89.68
C PHE D 123 -42.00 53.47 -90.31
N GLU E 28 20.11 8.44 4.77
CA GLU E 28 19.72 7.99 3.45
C GLU E 28 18.25 8.29 3.18
N GLY E 29 18.00 9.17 2.21
CA GLY E 29 16.63 9.51 1.85
C GLY E 29 15.94 8.38 1.11
N ASN E 30 14.62 8.52 1.00
CA ASN E 30 13.83 7.50 0.32
C ASN E 30 14.03 7.59 -1.19
N SER E 31 14.02 6.41 -1.83
CA SER E 31 14.28 6.36 -3.27
C SER E 31 13.16 7.00 -4.07
N VAL E 32 11.92 6.94 -3.57
CA VAL E 32 10.80 7.52 -4.30
C VAL E 32 10.96 9.03 -4.42
N ALA E 33 11.43 9.68 -3.35
CA ALA E 33 11.68 11.12 -3.41
C ALA E 33 12.81 11.44 -4.38
N GLY E 34 13.82 10.57 -4.45
CA GLY E 34 14.89 10.76 -5.41
C GLY E 34 14.43 10.64 -6.84
N ILE E 35 13.52 9.69 -7.10
CA ILE E 35 12.97 9.52 -8.44
C ILE E 35 12.21 10.77 -8.85
N ILE E 36 11.29 11.22 -7.99
CA ILE E 36 10.45 12.38 -8.31
C ILE E 36 11.32 13.59 -8.64
N LYS E 37 12.32 13.87 -7.80
CA LYS E 37 13.20 15.00 -8.05
C LYS E 37 13.97 14.83 -9.35
N SER E 38 14.48 13.61 -9.60
CA SER E 38 15.25 13.37 -10.81
C SER E 38 14.38 13.49 -12.06
N VAL E 39 13.16 12.96 -12.02
CA VAL E 39 12.27 13.01 -13.17
C VAL E 39 11.81 14.44 -13.43
N ASN E 40 11.49 15.19 -12.37
CA ASN E 40 11.07 16.57 -12.55
C ASN E 40 12.17 17.46 -13.09
N GLU E 41 13.42 17.19 -12.73
CA GLU E 41 14.55 18.00 -13.17
C GLU E 41 15.09 17.58 -14.53
N THR E 42 14.81 16.37 -14.98
CA THR E 42 15.31 15.92 -16.28
C THR E 42 14.50 16.57 -17.40
N SER E 43 15.13 16.70 -18.57
CA SER E 43 14.48 17.26 -19.73
C SER E 43 13.63 16.22 -20.44
N GLY E 44 12.58 16.71 -21.12
CA GLY E 44 11.72 15.81 -21.88
C GLY E 44 12.41 15.12 -23.03
N ALA E 45 13.44 15.76 -23.59
CA ALA E 45 14.15 15.17 -24.72
C ALA E 45 14.94 13.94 -24.30
N ASN E 46 15.62 14.00 -23.15
CA ASN E 46 16.42 12.89 -22.64
C ASN E 46 15.67 12.09 -21.59
N LEU E 47 14.35 12.24 -21.50
CA LEU E 47 13.58 11.52 -20.50
C LEU E 47 13.60 10.02 -20.77
N LEU E 48 13.22 9.61 -21.97
CA LEU E 48 13.10 8.19 -22.29
C LEU E 48 14.44 7.47 -22.16
N SER E 49 15.53 8.11 -22.58
CA SER E 49 16.83 7.48 -22.52
C SER E 49 17.35 7.37 -21.08
N SER E 50 17.03 8.35 -20.23
CA SER E 50 17.54 8.34 -18.86
C SER E 50 16.70 7.49 -17.91
N LEU E 51 15.54 6.99 -18.35
CA LEU E 51 14.69 6.22 -17.45
C LEU E 51 15.42 4.97 -16.95
N LYS E 52 16.20 4.33 -17.82
CA LYS E 52 16.93 3.14 -17.41
C LYS E 52 17.98 3.45 -16.35
N THR E 53 18.56 4.65 -16.39
CA THR E 53 19.53 5.04 -15.37
C THR E 53 18.84 5.35 -14.04
N ILE E 54 17.73 6.08 -14.08
CA ILE E 54 17.00 6.38 -12.85
C ILE E 54 16.48 5.10 -12.21
N LYS E 55 16.03 4.14 -13.03
CA LYS E 55 15.57 2.87 -12.49
C LYS E 55 16.69 2.15 -11.75
N ALA E 56 17.91 2.20 -12.29
CA ALA E 56 19.05 1.57 -11.61
C ALA E 56 19.46 2.37 -10.38
N GLN E 57 19.36 3.70 -10.43
CA GLN E 57 19.76 4.53 -9.30
C GLN E 57 18.88 4.27 -8.08
N ALA E 58 17.63 3.87 -8.30
CA ALA E 58 16.70 3.59 -7.22
C ALA E 58 16.59 2.11 -6.90
N ALA E 59 17.38 1.27 -7.58
CA ALA E 59 17.34 -0.15 -7.33
C ALA E 59 17.85 -0.47 -5.93
N PRO E 60 17.22 -1.40 -5.22
CA PRO E 60 17.70 -1.75 -3.87
C PRO E 60 19.06 -2.40 -3.92
N ILE E 61 19.87 -2.13 -2.90
CA ILE E 61 21.24 -2.61 -2.86
C ILE E 61 21.25 -4.12 -2.65
N TYR E 62 22.05 -4.80 -3.47
CA TYR E 62 22.30 -6.24 -3.33
C TYR E 62 23.81 -6.43 -3.13
N PRO E 63 24.26 -6.66 -1.90
CA PRO E 63 25.70 -6.77 -1.65
C PRO E 63 26.33 -7.88 -2.47
N ALA E 64 27.45 -7.56 -3.10
CA ALA E 64 28.20 -8.52 -3.90
C ALA E 64 28.91 -9.54 -3.01
N ALA E 65 29.33 -10.63 -3.64
CA ALA E 65 30.03 -11.69 -2.92
C ALA E 65 31.39 -11.19 -2.44
N ALA E 66 31.65 -11.33 -1.15
CA ALA E 66 32.91 -10.93 -0.56
C ALA E 66 34.01 -11.94 -0.93
N SER E 67 35.22 -11.65 -0.46
CA SER E 67 36.35 -12.53 -0.69
C SER E 67 36.12 -13.87 -0.01
N SER E 68 36.52 -14.95 -0.68
CA SER E 68 36.32 -16.29 -0.16
C SER E 68 37.17 -16.52 1.08
N THR E 69 36.54 -17.01 2.14
CA THR E 69 37.21 -17.34 3.39
C THR E 69 36.93 -18.80 3.71
N GLY E 70 38.00 -19.55 3.99
CA GLY E 70 37.88 -20.97 4.25
C GLY E 70 36.94 -21.31 5.40
N TYR E 71 37.20 -20.76 6.59
CA TYR E 71 36.37 -21.02 7.75
C TYR E 71 36.32 -19.77 8.63
N SER E 72 35.17 -19.58 9.27
CA SER E 72 35.03 -18.51 10.23
C SER E 72 35.80 -18.84 11.50
N THR E 73 36.17 -17.79 12.25
CA THR E 73 36.88 -18.00 13.51
C THR E 73 36.02 -18.81 14.48
N GLN E 74 34.74 -18.46 14.61
CA GLN E 74 33.85 -19.19 15.48
C GLN E 74 33.63 -20.62 15.00
N ALA E 75 33.63 -20.82 13.67
CA ALA E 75 33.44 -22.16 13.12
C ALA E 75 34.63 -23.06 13.45
N LYS E 76 35.84 -22.52 13.41
CA LYS E 76 37.02 -23.31 13.76
C LYS E 76 36.96 -23.75 15.21
N ILE E 77 36.53 -22.85 16.11
CA ILE E 77 36.38 -23.20 17.51
C ILE E 77 35.36 -24.32 17.68
N ALA E 78 34.26 -24.25 16.92
CA ALA E 78 33.22 -25.26 17.02
C ALA E 78 33.76 -26.64 16.63
N LEU E 79 34.55 -26.69 15.55
CA LEU E 79 35.12 -27.98 15.13
C LEU E 79 36.09 -28.52 16.16
N PHE E 80 36.92 -27.64 16.73
CA PHE E 80 37.87 -28.06 17.75
C PHE E 80 37.14 -28.56 18.99
N GLY E 81 36.08 -27.87 19.39
CA GLY E 81 35.32 -28.29 20.56
C GLY E 81 34.61 -29.61 20.34
N ALA E 82 34.02 -29.80 19.16
CA ALA E 82 33.32 -31.05 18.88
C ALA E 82 34.30 -32.22 18.85
N LEU E 83 35.46 -32.03 18.21
CA LEU E 83 36.48 -33.07 18.17
C LEU E 83 36.94 -33.41 19.58
N SER E 84 37.21 -32.38 20.39
CA SER E 84 37.70 -32.61 21.75
C SER E 84 36.68 -33.38 22.59
N TRP E 85 35.40 -33.02 22.46
CA TRP E 85 34.37 -33.73 23.19
C TRP E 85 34.29 -35.18 22.75
N ILE E 86 34.36 -35.41 21.44
CA ILE E 86 34.30 -36.78 20.92
C ILE E 86 35.47 -37.59 21.46
N LEU E 87 36.68 -37.04 21.39
CA LEU E 87 37.86 -37.75 21.87
C LEU E 87 37.78 -38.01 23.37
N TYR E 88 37.29 -37.03 24.13
CA TYR E 88 37.15 -37.22 25.57
C TYR E 88 36.18 -38.35 25.88
N ARG E 89 35.07 -38.41 25.15
CA ARG E 89 34.10 -39.47 25.36
C ARG E 89 34.64 -40.80 24.87
N ALA E 90 35.31 -40.81 23.71
CA ALA E 90 35.85 -42.06 23.17
C ALA E 90 36.94 -42.62 24.07
N ASP E 91 37.78 -41.74 24.64
CA ASP E 91 38.83 -42.20 25.53
C ASP E 91 38.22 -42.87 26.76
N GLY E 92 37.21 -42.25 27.35
CA GLY E 92 36.54 -42.85 28.50
C GLY E 92 35.88 -44.18 28.16
N GLN E 93 35.23 -44.24 26.98
CA GLN E 93 34.56 -45.48 26.57
C GLN E 93 35.57 -46.59 26.38
N SER E 94 36.74 -46.26 25.79
CA SER E 94 37.76 -47.28 25.58
C SER E 94 38.31 -47.79 26.91
N LYS E 95 38.44 -46.90 27.90
CA LYS E 95 38.93 -47.29 29.20
C LYS E 95 37.85 -47.91 30.08
N ALA E 96 36.59 -47.86 29.64
CA ALA E 96 35.47 -48.37 30.41
C ALA E 96 35.41 -49.90 30.35
N HIS E 97 34.62 -50.47 31.25
CA HIS E 97 34.33 -51.89 31.19
C HIS E 97 33.43 -52.16 29.98
N GLU E 98 33.49 -53.41 29.48
CA GLU E 98 32.79 -53.78 28.24
C GLU E 98 33.10 -52.78 27.12
N TRP E 99 34.34 -52.28 27.11
CA TRP E 99 34.76 -51.25 26.17
C TRP E 99 34.46 -51.64 24.73
N ILE E 100 34.63 -52.92 24.39
CA ILE E 100 34.38 -53.35 23.01
C ILE E 100 32.91 -53.14 22.66
N VAL E 101 32.01 -53.35 23.63
CA VAL E 101 30.59 -53.19 23.36
C VAL E 101 30.28 -51.74 23.01
N ASP E 102 30.89 -50.79 23.72
CA ASP E 102 30.64 -49.38 23.49
C ASP E 102 31.03 -48.98 22.07
N LEU E 103 32.21 -49.44 21.62
CA LEU E 103 32.66 -49.08 20.28
C LEU E 103 31.76 -49.68 19.21
N ASN E 104 31.24 -50.88 19.45
CA ASN E 104 30.34 -51.48 18.48
C ASN E 104 28.97 -50.83 18.49
N LEU E 105 28.56 -50.27 19.65
CA LEU E 105 27.30 -49.53 19.71
C LEU E 105 27.38 -48.27 18.86
N ASN E 106 28.55 -47.63 18.81
CA ASN E 106 28.71 -46.42 18.00
C ASN E 106 28.52 -46.75 16.52
N VAL E 107 29.01 -47.90 16.08
CA VAL E 107 28.84 -48.29 14.68
C VAL E 107 27.37 -48.49 14.36
N LEU E 108 26.65 -49.19 15.24
CA LEU E 108 25.23 -49.45 15.02
C LEU E 108 24.45 -48.14 14.93
N GLN E 109 24.82 -47.15 15.74
CA GLN E 109 24.15 -45.86 15.70
C GLN E 109 24.52 -45.09 14.44
N ALA E 110 25.81 -45.12 14.06
CA ALA E 110 26.25 -44.38 12.89
C ALA E 110 25.60 -44.89 11.62
N ALA E 111 25.25 -46.17 11.57
CA ALA E 111 24.58 -46.73 10.40
C ALA E 111 23.23 -46.07 10.16
N TRP E 112 22.50 -45.76 11.24
CA TRP E 112 21.20 -45.12 11.08
C TRP E 112 21.34 -43.71 10.55
N LEU E 113 22.43 -43.02 10.89
CA LEU E 113 22.64 -41.67 10.37
C LEU E 113 22.76 -41.69 8.86
N ILE E 114 23.46 -42.70 8.33
CA ILE E 114 23.60 -42.84 6.88
C ILE E 114 22.27 -43.22 6.26
N SER E 115 21.48 -44.03 6.96
CA SER E 115 20.18 -44.45 6.44
C SER E 115 19.24 -43.25 6.31
N PHE E 116 19.23 -42.37 7.31
CA PHE E 116 18.35 -41.22 7.24
C PHE E 116 18.74 -40.29 6.10
N SER E 117 20.05 -40.11 5.88
CA SER E 117 20.48 -39.25 4.79
C SER E 117 20.14 -39.83 3.42
N SER E 118 19.97 -41.16 3.32
CA SER E 118 19.64 -41.79 2.05
C SER E 118 18.13 -41.91 1.83
N LEU E 119 17.36 -42.19 2.89
CA LEU E 119 15.95 -42.47 2.73
C LEU E 119 15.08 -41.22 2.75
N ILE E 120 15.46 -40.21 3.53
CA ILE E 120 14.61 -39.04 3.74
C ILE E 120 14.54 -38.19 2.47
N PRO E 121 13.35 -37.91 1.96
CA PRO E 121 13.18 -36.99 0.82
C PRO E 121 13.21 -35.54 1.31
N PHE E 122 14.44 -35.03 1.47
CA PHE E 122 14.65 -33.71 2.05
C PHE E 122 13.87 -32.62 1.35
N ARG E 123 13.64 -32.76 0.03
CA ARG E 123 12.86 -31.74 -0.65
C ARG E 123 11.41 -31.77 -0.19
N ALA E 124 10.83 -32.97 -0.08
CA ALA E 124 9.47 -33.09 0.44
C ALA E 124 9.40 -32.63 1.89
N VAL E 125 10.42 -32.96 2.68
CA VAL E 125 10.47 -32.53 4.08
C VAL E 125 10.58 -31.02 4.18
N TYR E 126 11.36 -30.41 3.30
CA TYR E 126 11.49 -28.95 3.31
C TYR E 126 10.13 -28.29 3.10
N PHE E 127 9.33 -28.81 2.15
CA PHE E 127 8.01 -28.24 1.92
C PHE E 127 7.09 -28.54 3.10
N ALA E 128 7.28 -29.67 3.77
CA ALA E 128 6.46 -30.01 4.92
C ALA E 128 6.66 -29.00 6.05
N PHE E 129 7.92 -28.69 6.36
CA PHE E 129 8.19 -27.69 7.39
C PHE E 129 7.76 -26.31 6.93
N ARG E 130 7.94 -26.00 5.65
CA ARG E 130 7.48 -24.72 5.12
C ARG E 130 5.96 -24.61 5.22
N GLY E 131 5.24 -25.73 5.13
CA GLY E 131 3.80 -25.72 5.26
C GLY E 131 3.30 -25.69 6.68
N MET E 132 4.18 -25.82 7.67
CA MET E 132 3.76 -25.78 9.06
C MET E 132 3.40 -24.37 9.48
N ALA E 133 4.21 -23.39 9.10
CA ALA E 133 4.03 -22.00 9.48
C ALA E 133 3.09 -21.31 8.50
N PRO E 134 2.03 -20.66 8.98
CA PRO E 134 1.10 -19.99 8.05
C PRO E 134 1.77 -18.92 7.20
N ALA E 135 2.81 -18.26 7.72
CA ALA E 135 3.50 -17.23 6.97
C ALA E 135 4.21 -17.79 5.73
N THR E 136 4.54 -19.07 5.72
CA THR E 136 5.22 -19.68 4.59
C THR E 136 4.42 -20.78 3.89
N ALA E 137 3.32 -21.25 4.48
CA ALA E 137 2.47 -22.22 3.81
C ALA E 137 1.71 -21.61 2.64
N SER E 138 1.52 -20.29 2.63
CA SER E 138 0.80 -19.61 1.56
C SER E 138 1.54 -18.33 1.21
N THR E 139 1.21 -17.78 0.04
CA THR E 139 1.81 -16.53 -0.39
C THR E 139 1.30 -15.38 0.48
N LEU E 140 2.06 -14.27 0.46
CA LEU E 140 1.67 -13.07 1.18
C LEU E 140 0.52 -12.39 0.46
N ASN E 141 -0.68 -12.45 1.04
CA ASN E 141 -1.87 -11.82 0.47
C ASN E 141 -2.09 -10.50 1.21
N GLY E 142 -1.93 -9.39 0.51
CA GLY E 142 -2.08 -8.09 1.13
C GLY E 142 -2.57 -6.99 0.22
N LEU E 143 -1.83 -5.88 0.20
CA LEU E 143 -2.17 -4.71 -0.60
C LEU E 143 -2.38 -5.08 -2.06
N LYS E 144 -3.48 -4.60 -2.63
CA LYS E 144 -3.81 -4.81 -4.03
C LYS E 144 -3.41 -3.59 -4.86
N THR E 145 -3.30 -3.80 -6.17
CA THR E 145 -2.85 -2.75 -7.06
C THR E 145 -3.91 -1.67 -7.23
N PHE E 146 -5.15 -2.06 -7.52
CA PHE E 146 -6.21 -1.08 -7.78
C PHE E 146 -6.40 -0.13 -6.60
N SER E 147 -6.20 -0.62 -5.38
CA SER E 147 -6.39 0.23 -4.21
C SER E 147 -5.27 1.26 -4.04
N SER E 148 -4.08 1.00 -4.58
CA SER E 148 -2.95 1.91 -4.45
C SER E 148 -2.64 2.66 -5.74
N ILE E 149 -3.53 2.63 -6.73
CA ILE E 149 -3.29 3.37 -7.96
C ILE E 149 -3.28 4.87 -7.66
N SER E 150 -2.24 5.55 -8.14
CA SER E 150 -2.02 6.97 -7.87
C SER E 150 -2.30 7.78 -9.12
N LEU E 151 -3.56 8.12 -9.32
CA LEU E 151 -3.98 8.96 -10.44
C LEU E 151 -4.66 10.24 -9.96
N VAL F 79 -42.65 46.93 -87.93
CA VAL F 79 -41.53 46.00 -87.85
C VAL F 79 -41.30 45.58 -86.40
N ALA F 80 -41.76 44.39 -86.06
CA ALA F 80 -41.59 43.84 -84.72
C ALA F 80 -41.07 42.41 -84.82
N ARG F 81 -40.46 41.95 -83.72
CA ARG F 81 -39.94 40.59 -83.69
C ARG F 81 -41.07 39.57 -83.69
N ILE F 82 -42.10 39.80 -82.89
CA ILE F 82 -43.25 38.90 -82.83
C ILE F 82 -44.44 39.61 -83.45
N SER F 83 -44.95 40.64 -82.77
CA SER F 83 -46.06 41.44 -83.26
C SER F 83 -46.14 42.71 -82.43
N VAL F 84 -46.87 43.69 -82.95
CA VAL F 84 -47.04 44.94 -82.22
C VAL F 84 -47.91 44.72 -80.98
N LEU F 85 -48.93 43.87 -81.11
CA LEU F 85 -49.76 43.53 -79.96
C LEU F 85 -48.93 42.94 -78.83
N HIS F 86 -48.13 41.92 -79.14
CA HIS F 86 -47.27 41.30 -78.14
C HIS F 86 -46.25 42.29 -77.60
N SER F 87 -45.63 43.08 -78.49
CA SER F 87 -44.61 44.02 -78.06
C SER F 87 -45.20 45.11 -77.16
N SER F 88 -46.47 45.47 -77.39
CA SER F 88 -47.11 46.45 -76.54
C SER F 88 -47.34 45.91 -75.14
N ILE F 89 -47.60 44.60 -75.02
CA ILE F 89 -47.79 43.98 -73.72
C ILE F 89 -46.47 43.94 -72.96
N GLN F 90 -45.41 43.46 -73.62
CA GLN F 90 -44.11 43.38 -72.95
C GLN F 90 -43.61 44.76 -72.57
N ASN F 91 -43.94 45.78 -73.37
CA ASN F 91 -43.58 47.14 -73.01
C ASN F 91 -44.20 47.53 -71.68
N TYR F 92 -45.47 47.19 -71.48
CA TYR F 92 -46.13 47.48 -70.21
C TYR F 92 -45.55 46.62 -69.09
N LEU F 93 -45.17 45.38 -69.40
CA LEU F 93 -44.58 44.51 -68.37
C LEU F 93 -43.28 45.09 -67.84
N LEU F 94 -42.43 45.61 -68.73
CA LEU F 94 -41.19 46.23 -68.27
C LEU F 94 -41.50 47.50 -67.49
N SER F 95 -42.50 48.26 -67.94
CA SER F 95 -42.88 49.48 -67.24
C SER F 95 -43.34 49.16 -65.82
N LEU F 96 -44.03 48.03 -65.63
CA LEU F 96 -44.45 47.65 -64.29
C LEU F 96 -43.26 47.16 -63.47
N SER F 97 -42.34 46.43 -64.10
CA SER F 97 -41.19 45.90 -63.39
C SER F 97 -40.34 47.00 -62.78
N ASN F 98 -40.28 48.15 -63.45
CA ASN F 98 -39.53 49.30 -62.91
C ASN F 98 -40.08 49.69 -61.55
N GLU F 99 -41.41 49.73 -61.40
CA GLU F 99 -42.02 50.15 -60.15
C GLU F 99 -41.64 49.21 -59.01
N ARG F 100 -41.43 47.93 -59.32
CA ARG F 100 -41.06 46.97 -58.29
C ARG F 100 -39.58 47.09 -57.94
N TYR F 101 -38.74 47.38 -58.94
CA TYR F 101 -37.33 47.66 -58.66
C TYR F 101 -37.19 48.92 -57.80
N GLN F 102 -38.05 49.91 -58.02
CA GLN F 102 -37.94 51.16 -57.27
C GLN F 102 -38.23 50.98 -55.79
N LEU F 103 -39.12 50.07 -55.42
CA LEU F 103 -39.38 49.84 -54.00
C LEU F 103 -38.29 49.01 -53.36
N LEU F 104 -37.65 48.12 -54.12
CA LEU F 104 -36.50 47.39 -53.61
C LEU F 104 -35.28 48.28 -53.46
N SER F 105 -35.25 49.43 -54.15
CA SER F 105 -34.15 50.36 -54.01
C SER F 105 -34.14 51.04 -52.65
N GLN F 106 -35.24 50.97 -51.92
CA GLN F 106 -35.38 51.58 -50.60
C GLN F 106 -34.99 50.61 -49.48
N TRP F 107 -34.39 49.47 -49.81
CA TRP F 107 -34.06 48.46 -48.83
C TRP F 107 -32.85 48.89 -48.00
N PRO F 108 -32.83 48.56 -46.71
CA PRO F 108 -31.66 48.89 -45.88
C PRO F 108 -30.46 48.02 -46.22
N ASP F 109 -29.28 48.63 -46.19
CA ASP F 109 -28.05 47.93 -46.53
C ASP F 109 -27.65 46.99 -45.39
N PHE F 110 -28.15 45.75 -45.46
CA PHE F 110 -27.83 44.75 -44.46
C PHE F 110 -26.35 44.40 -44.44
N THR F 111 -25.65 44.56 -45.57
CA THR F 111 -24.24 44.20 -45.63
C THR F 111 -23.36 45.10 -44.77
N THR F 112 -23.88 46.24 -44.30
CA THR F 112 -23.10 47.12 -43.44
C THR F 112 -22.99 46.60 -42.02
N MET F 113 -23.78 45.59 -41.65
CA MET F 113 -23.72 44.97 -40.32
C MET F 113 -23.16 43.56 -40.36
N TYR F 114 -22.34 43.25 -41.37
CA TYR F 114 -21.78 41.91 -41.50
C TYR F 114 -20.53 41.70 -40.65
N GLY F 115 -20.07 42.71 -39.91
CA GLY F 115 -18.86 42.52 -39.13
C GLY F 115 -19.05 41.49 -38.04
N LYS F 116 -17.92 40.90 -37.61
CA LYS F 116 -17.96 39.87 -36.58
C LYS F 116 -18.33 40.40 -35.21
N ASP F 117 -18.32 41.72 -35.02
CA ASP F 117 -18.83 42.26 -33.76
C ASP F 117 -20.33 42.09 -33.65
N PHE F 118 -21.03 41.96 -34.78
CA PHE F 118 -22.45 41.66 -34.79
C PHE F 118 -22.71 40.17 -34.61
N TYR F 119 -21.92 39.35 -35.30
CA TYR F 119 -22.06 37.89 -35.23
C TYR F 119 -22.00 37.38 -33.80
N TYR F 120 -21.08 37.90 -33.00
CA TYR F 120 -20.91 37.44 -31.63
C TYR F 120 -21.78 38.18 -30.62
N ARG F 121 -22.39 39.29 -31.01
CA ARG F 121 -23.29 40.02 -30.13
C ARG F 121 -24.75 39.58 -30.26
N ALA F 122 -25.15 39.09 -31.43
CA ALA F 122 -26.55 38.74 -31.64
C ALA F 122 -26.84 37.29 -31.27
N HIS F 123 -28.11 37.03 -31.00
CA HIS F 123 -28.58 35.68 -30.72
C HIS F 123 -28.42 34.79 -31.96
N PRO F 124 -27.95 33.55 -31.80
CA PRO F 124 -27.66 32.70 -32.98
C PRO F 124 -28.83 32.54 -33.92
N GLU F 125 -30.05 32.36 -33.40
CA GLU F 125 -31.19 32.15 -34.29
C GLU F 125 -31.57 33.43 -35.00
N ASP F 126 -31.31 34.59 -34.38
CA ASP F 126 -31.61 35.86 -35.03
C ASP F 126 -30.65 36.10 -36.18
N LEU F 127 -29.43 35.57 -36.10
CA LEU F 127 -28.48 35.66 -37.20
C LEU F 127 -28.92 34.78 -38.36
N LYS F 128 -29.43 33.58 -38.05
CA LYS F 128 -29.93 32.70 -39.12
C LYS F 128 -31.07 33.39 -39.86
N LYS F 129 -31.97 34.05 -39.12
CA LYS F 129 -33.06 34.78 -39.77
C LYS F 129 -32.49 35.91 -40.61
N PHE F 130 -31.47 36.59 -40.10
CA PHE F 130 -30.85 37.67 -40.85
C PHE F 130 -30.16 37.13 -42.10
N TYR F 131 -29.47 35.99 -41.98
CA TYR F 131 -28.84 35.40 -43.15
C TYR F 131 -29.90 34.89 -44.12
N ASP F 132 -31.01 34.38 -43.61
CA ASP F 132 -32.07 33.88 -44.47
C ASP F 132 -32.71 35.03 -45.25
N ALA F 133 -32.90 36.18 -44.59
CA ALA F 133 -33.49 37.33 -45.27
C ALA F 133 -32.56 37.86 -46.35
N ALA F 134 -31.25 37.76 -46.14
CA ALA F 134 -30.32 38.23 -47.16
C ALA F 134 -30.34 37.32 -48.36
N ASP F 135 -30.35 36.00 -48.13
CA ASP F 135 -30.42 35.05 -49.24
C ASP F 135 -31.74 35.19 -49.97
N GLU F 136 -32.82 35.48 -49.24
CA GLU F 136 -34.11 35.70 -49.88
C GLU F 136 -34.10 36.98 -50.69
N TYR F 137 -33.49 38.03 -50.15
CA TYR F 137 -33.39 39.29 -50.88
C TYR F 137 -32.63 39.09 -52.19
N TYR F 138 -31.54 38.31 -52.16
CA TYR F 138 -30.82 38.00 -53.39
C TYR F 138 -31.71 37.22 -54.34
N LYS F 139 -32.50 36.28 -53.81
CA LYS F 139 -33.42 35.53 -54.65
C LYS F 139 -34.43 36.45 -55.32
N LEU F 140 -34.96 37.41 -54.55
CA LEU F 140 -35.91 38.37 -55.10
C LEU F 140 -35.23 39.31 -56.09
N TYR F 141 -34.05 39.80 -55.73
CA TYR F 141 -33.35 40.71 -56.63
C TYR F 141 -32.92 40.02 -57.91
N GLU F 142 -32.50 38.75 -57.82
CA GLU F 142 -32.11 38.03 -59.03
C GLU F 142 -33.30 37.66 -59.90
N THR F 143 -34.49 37.52 -59.31
CA THR F 143 -35.65 37.16 -60.13
C THR F 143 -36.32 38.38 -60.76
N VAL F 144 -36.29 39.53 -60.08
CA VAL F 144 -36.85 40.74 -60.66
C VAL F 144 -36.02 41.21 -61.85
N THR F 145 -34.74 40.80 -61.90
CA THR F 145 -33.84 41.14 -62.98
C THR F 145 -33.84 40.09 -64.09
N GLU F 146 -34.71 39.10 -64.00
CA GLU F 146 -34.85 38.08 -65.04
C GLU F 146 -35.88 38.53 -66.06
N PHE F 147 -35.50 39.58 -66.79
CA PHE F 147 -36.42 40.19 -67.75
C PHE F 147 -36.68 39.30 -68.96
N ASP F 148 -35.79 38.35 -69.24
CA ASP F 148 -36.00 37.50 -70.41
C ASP F 148 -37.22 36.60 -70.26
N SER F 149 -37.75 36.48 -69.04
CA SER F 149 -38.95 35.68 -68.80
C SER F 149 -40.22 36.45 -69.11
N LEU F 150 -40.14 37.78 -69.26
CA LEU F 150 -41.33 38.59 -69.48
C LEU F 150 -41.99 38.24 -70.81
N SER F 151 -41.21 37.83 -71.81
CA SER F 151 -41.79 37.45 -73.08
C SER F 151 -42.64 36.19 -72.97
N ALA F 152 -42.37 35.34 -71.97
CA ALA F 152 -43.19 34.14 -71.80
C ALA F 152 -44.48 34.46 -71.07
N LEU F 153 -44.48 35.46 -70.19
CA LEU F 153 -45.69 35.82 -69.48
C LEU F 153 -46.67 36.53 -70.41
N ALA F 154 -46.15 37.38 -71.29
CA ALA F 154 -47.00 38.11 -72.24
C ALA F 154 -47.78 37.15 -73.12
N SER F 155 -47.16 36.02 -73.48
CA SER F 155 -47.80 35.04 -74.34
C SER F 155 -48.98 34.34 -73.69
N GLN F 156 -49.14 34.46 -72.37
CA GLN F 156 -50.29 33.85 -71.72
C GLN F 156 -51.53 34.74 -71.77
N VAL F 157 -51.35 36.02 -72.07
CA VAL F 157 -52.45 36.98 -72.09
C VAL F 157 -53.13 37.02 -73.45
N VAL F 158 -52.32 37.01 -74.51
CA VAL F 158 -52.85 37.14 -75.88
C VAL F 158 -53.99 36.17 -76.16
N PRO F 159 -53.86 34.86 -75.92
CA PRO F 159 -54.93 33.94 -76.37
C PRO F 159 -56.26 34.20 -75.70
N ASN F 160 -56.25 34.54 -74.40
CA ASN F 160 -57.52 34.78 -73.71
C ASN F 160 -58.13 36.11 -74.15
N TYR F 161 -57.29 37.14 -74.27
CA TYR F 161 -57.79 38.44 -74.75
C TYR F 161 -58.31 38.34 -76.18
N ALA F 162 -57.56 37.66 -77.05
CA ALA F 162 -57.96 37.53 -78.45
C ALA F 162 -59.30 36.80 -78.57
N ALA F 163 -59.53 35.80 -77.72
CA ALA F 163 -60.80 35.09 -77.75
C ALA F 163 -61.96 36.01 -77.38
N ARG F 164 -61.72 36.92 -76.44
CA ARG F 164 -62.76 37.90 -76.10
C ARG F 164 -62.99 38.89 -77.23
N ARG F 165 -61.97 39.14 -78.05
CA ARG F 165 -62.14 40.02 -79.21
C ARG F 165 -62.81 39.33 -80.38
N ARG F 166 -62.74 38.00 -80.45
CA ARG F 166 -63.39 37.24 -81.51
C ARG F 166 -64.90 37.14 -81.27
N SER F 167 -65.55 38.29 -81.23
CA SER F 167 -66.99 38.33 -80.99
C SER F 167 -67.74 38.03 -82.28
N THR F 168 -68.90 37.39 -82.13
CA THR F 168 -69.73 37.08 -83.28
C THR F 168 -70.44 38.32 -83.83
N VAL F 169 -70.42 39.43 -83.10
CA VAL F 169 -71.11 40.64 -83.50
C VAL F 169 -70.12 41.58 -84.19
N HIS F 170 -69.17 42.10 -83.43
CA HIS F 170 -68.20 43.07 -83.92
C HIS F 170 -66.97 43.08 -83.01
N PRO F 171 -65.77 43.06 -83.56
CA PRO F 171 -64.57 43.01 -82.69
C PRO F 171 -64.44 44.22 -81.77
N ALA F 172 -64.90 45.39 -82.20
CA ALA F 172 -64.81 46.62 -81.42
C ALA F 172 -66.01 46.83 -80.51
N ILE F 173 -66.84 45.81 -80.31
CA ILE F 173 -68.00 45.95 -79.44
C ILE F 173 -67.55 45.93 -77.98
N GLY F 174 -68.41 46.46 -77.11
CA GLY F 174 -68.12 46.39 -75.68
C GLY F 174 -69.38 46.59 -74.86
N SER F 175 -69.20 46.38 -73.55
CA SER F 175 -70.29 46.47 -72.58
C SER F 175 -71.14 47.72 -72.79
N THR F 176 -70.53 48.90 -72.67
CA THR F 176 -71.29 50.14 -72.72
C THR F 176 -71.98 50.35 -74.06
N VAL F 177 -71.29 50.03 -75.16
CA VAL F 177 -71.93 50.11 -76.47
C VAL F 177 -73.06 49.09 -76.58
N ALA F 178 -72.86 47.89 -76.03
CA ALA F 178 -73.90 46.88 -76.07
C ALA F 178 -75.12 47.30 -75.28
N ASP F 179 -74.92 48.10 -74.22
CA ASP F 179 -76.04 48.59 -73.44
C ASP F 179 -76.90 49.57 -74.25
N GLY F 180 -76.26 50.44 -75.03
CA GLY F 180 -77.02 51.39 -75.81
C GLY F 180 -77.77 50.75 -76.96
N ALA F 181 -77.16 49.77 -77.63
CA ALA F 181 -77.85 49.12 -78.74
C ALA F 181 -78.97 48.22 -78.25
N PHE F 182 -78.86 47.70 -77.03
CA PHE F 182 -79.95 46.92 -76.45
C PHE F 182 -81.17 47.80 -76.22
N THR F 183 -80.96 49.05 -75.83
CA THR F 183 -82.05 49.99 -75.61
C THR F 183 -82.86 50.20 -76.89
N ASN F 184 -82.19 50.35 -78.03
CA ASN F 184 -82.91 50.52 -79.30
C ASN F 184 -83.72 49.28 -79.63
N PHE F 185 -83.18 48.09 -79.35
CA PHE F 185 -83.90 46.85 -79.61
C PHE F 185 -85.16 46.75 -78.76
N LEU F 186 -85.08 47.13 -77.48
CA LEU F 186 -86.24 47.03 -76.61
C LEU F 186 -87.25 48.15 -76.85
N LEU F 187 -86.78 49.36 -77.17
CA LEU F 187 -87.72 50.47 -77.37
C LEU F 187 -88.25 50.49 -78.80
N SER F 188 -88.37 49.31 -79.40
CA SER F 188 -88.91 49.14 -80.73
C SER F 188 -90.28 48.47 -80.63
N LYS F 189 -90.84 48.08 -81.77
CA LYS F 189 -92.05 47.26 -81.77
C LYS F 189 -91.83 45.97 -80.98
N GLN F 190 -92.66 45.78 -79.95
CA GLN F 190 -92.57 44.72 -78.92
C GLN F 190 -91.16 44.49 -78.33
N VAL G 2 2.15 20.41 -1.57
CA VAL G 2 2.15 18.97 -1.82
C VAL G 2 2.68 18.22 -0.60
N LEU G 3 2.40 16.92 -0.56
CA LEU G 3 2.90 16.08 0.53
C LEU G 3 4.40 15.93 0.39
N GLY G 4 5.13 16.39 1.41
CA GLY G 4 6.59 16.30 1.44
C GLY G 4 7.05 15.24 2.44
N GLU G 5 8.14 14.57 2.09
CA GLU G 5 8.71 13.46 2.84
C GLU G 5 8.76 13.68 4.35
N VAL G 6 8.73 14.94 4.78
CA VAL G 6 8.76 15.28 6.20
C VAL G 6 7.57 14.69 6.96
N TYR G 7 6.46 14.44 6.28
CA TYR G 7 5.30 13.85 6.95
C TYR G 7 5.50 12.37 7.25
N LEU G 8 6.45 11.71 6.59
CA LEU G 8 6.69 10.28 6.79
C LEU G 8 8.14 9.99 7.13
N LYS G 9 8.86 11.01 7.63
CA LYS G 9 10.29 10.90 7.93
C LYS G 9 10.67 9.60 8.63
N ASP G 10 10.02 9.29 9.74
CA ASP G 10 10.33 8.07 10.51
C ASP G 10 9.14 7.11 10.57
N ILE G 11 8.24 7.19 9.60
CA ILE G 11 7.04 6.35 9.56
C ILE G 11 7.18 5.26 8.48
N LEU G 12 7.40 5.66 7.24
CA LEU G 12 7.51 4.74 6.11
C LEU G 12 8.85 4.99 5.42
N ARG G 13 9.60 3.92 5.18
CA ARG G 13 10.88 4.05 4.48
C ARG G 13 10.98 3.03 3.35
N THR G 14 11.61 3.46 2.26
CA THR G 14 11.86 2.63 1.10
C THR G 14 13.00 1.65 1.40
N PRO G 15 13.12 0.57 0.63
CA PRO G 15 14.23 -0.36 0.85
C PRO G 15 15.56 0.35 0.65
N PRO G 16 16.58 0.01 1.43
CA PRO G 16 17.86 0.71 1.32
C PRO G 16 18.57 0.46 0.01
N THR G 17 19.37 1.45 -0.40
CA THR G 17 20.15 1.40 -1.62
C THR G 17 21.64 1.61 -1.39
N GLY G 18 22.03 2.17 -0.25
CA GLY G 18 23.42 2.41 0.06
C GLY G 18 24.06 1.21 0.73
N ALA G 19 23.55 0.85 1.90
CA ALA G 19 24.06 -0.28 2.66
C ALA G 19 22.98 -0.78 3.60
N ILE G 20 23.07 -2.06 3.94
CA ILE G 20 22.12 -2.69 4.86
C ILE G 20 22.36 -2.17 6.27
N PRO G 21 21.34 -1.59 6.91
CA PRO G 21 21.50 -1.09 8.28
C PRO G 21 21.60 -2.23 9.28
N ALA G 22 22.01 -1.88 10.49
CA ALA G 22 22.08 -2.86 11.58
C ALA G 22 20.67 -3.21 12.07
N ASN G 23 20.54 -4.44 12.56
CA ASN G 23 19.26 -4.91 13.08
C ASN G 23 18.91 -4.20 14.38
N VAL G 24 17.64 -3.85 14.52
CA VAL G 24 17.14 -3.17 15.71
C VAL G 24 17.03 -4.18 16.85
N PRO G 25 17.73 -3.97 17.96
CA PRO G 25 17.66 -4.94 19.06
C PRO G 25 16.32 -4.88 19.79
N HIS G 26 15.82 -6.05 20.15
CA HIS G 26 14.62 -6.13 20.96
C HIS G 26 14.95 -5.75 22.41
N PRO G 27 14.01 -5.13 23.12
CA PRO G 27 14.28 -4.70 24.51
C PRO G 27 14.86 -5.79 25.41
N PHE G 28 14.38 -7.04 25.29
CA PHE G 28 14.95 -8.11 26.12
C PHE G 28 16.38 -8.41 25.71
N GLN G 29 16.70 -8.28 24.42
CA GLN G 29 18.06 -8.49 23.94
C GLN G 29 19.00 -7.37 24.36
N THR G 30 18.47 -6.18 24.68
CA THR G 30 19.32 -5.07 25.09
C THR G 30 19.85 -5.26 26.50
N SER G 31 18.99 -5.59 27.45
CA SER G 31 19.45 -5.81 28.81
C SER G 31 18.66 -6.91 29.49
N PHE G 32 19.37 -7.80 30.20
CA PHE G 32 18.74 -8.87 30.94
C PHE G 32 17.81 -8.36 32.02
N TYR G 33 18.15 -7.23 32.64
CA TYR G 33 17.31 -6.64 33.68
C TYR G 33 15.90 -6.36 33.18
N THR G 34 15.77 -5.90 31.93
CA THR G 34 14.44 -5.57 31.41
C THR G 34 13.59 -6.82 31.26
N TYR G 35 14.16 -7.89 30.69
CA TYR G 35 13.40 -9.12 30.52
C TYR G 35 13.01 -9.74 31.86
N ALA G 36 13.94 -9.74 32.82
CA ALA G 36 13.66 -10.33 34.13
C ALA G 36 12.50 -9.62 34.82
N THR G 37 12.51 -8.29 34.82
CA THR G 37 11.49 -7.53 35.54
C THR G 37 10.16 -7.47 34.81
N LYS G 38 10.15 -7.60 33.48
CA LYS G 38 8.91 -7.45 32.73
C LYS G 38 8.26 -8.76 32.34
N LYS G 39 9.02 -9.85 32.16
CA LYS G 39 8.37 -11.09 31.74
C LYS G 39 8.77 -12.29 32.59
N LEU G 40 10.06 -12.45 32.87
CA LEU G 40 10.54 -13.64 33.56
C LEU G 40 9.86 -13.81 34.92
N ILE G 41 9.97 -12.80 35.77
CA ILE G 41 9.37 -12.86 37.10
C ILE G 41 7.84 -12.70 37.02
N PRO G 42 7.29 -11.74 36.27
CA PRO G 42 5.83 -11.59 36.25
C PRO G 42 5.08 -12.79 35.72
N ARG G 43 5.63 -13.52 34.75
CA ARG G 43 4.90 -14.61 34.11
C ARG G 43 5.46 -16.00 34.35
N HIS G 44 6.78 -16.16 34.52
CA HIS G 44 7.38 -17.48 34.61
C HIS G 44 7.97 -17.78 35.98
N TRP G 45 7.71 -16.96 37.00
CA TRP G 45 8.30 -17.21 38.32
C TRP G 45 7.91 -18.59 38.86
N TYR G 46 6.82 -19.17 38.36
CA TYR G 46 6.43 -20.51 38.78
C TYR G 46 7.50 -21.53 38.45
N LEU G 47 8.12 -21.40 37.26
CA LEU G 47 9.15 -22.36 36.87
C LEU G 47 10.37 -22.26 37.78
N LEU G 48 10.80 -21.03 38.10
CA LEU G 48 11.95 -20.87 38.98
C LEU G 48 11.70 -21.52 40.34
N GLY G 49 10.48 -21.39 40.86
CA GLY G 49 10.16 -22.05 42.12
C GLY G 49 10.19 -23.55 42.01
N GLY G 50 9.67 -24.10 40.90
CA GLY G 50 9.69 -25.54 40.71
C GLY G 50 11.09 -26.10 40.65
N PHE G 51 11.99 -25.38 39.96
CA PHE G 51 13.38 -25.81 39.89
C PHE G 51 14.04 -25.72 41.26
N THR G 52 13.83 -24.61 41.96
CA THR G 52 14.47 -24.42 43.26
C THR G 52 13.98 -25.46 44.26
N PHE G 53 12.66 -25.73 44.26
CA PHE G 53 12.12 -26.74 45.16
C PHE G 53 12.74 -28.11 44.87
N THR G 54 12.89 -28.44 43.59
CA THR G 54 13.47 -29.74 43.24
C THR G 54 14.93 -29.81 43.66
N ILE G 55 15.69 -28.75 43.40
CA ILE G 55 17.11 -28.75 43.75
C ILE G 55 17.30 -28.88 45.26
N THR G 56 16.50 -28.13 46.02
CA THR G 56 16.60 -28.21 47.47
C THR G 56 16.16 -29.58 47.98
N LEU G 57 15.10 -30.13 47.39
CA LEU G 57 14.66 -31.47 47.78
C LEU G 57 15.74 -32.50 47.51
N TYR G 58 16.37 -32.43 46.32
CA TYR G 58 17.40 -33.41 45.99
C TYR G 58 18.62 -33.25 46.86
N GLY G 59 18.88 -32.03 47.36
CA GLY G 59 19.96 -31.85 48.32
C GLY G 59 19.65 -32.52 49.63
N ILE G 60 18.38 -32.48 50.05
CA ILE G 60 17.97 -33.15 51.28
C ILE G 60 18.08 -34.66 51.08
N LEU G 61 17.64 -35.16 49.92
CA LEU G 61 17.73 -36.58 49.63
C LEU G 61 19.18 -37.04 49.60
N ASP G 62 20.07 -36.20 49.04
CA ASP G 62 21.50 -36.52 49.07
C ASP G 62 22.01 -36.57 50.50
N GLY G 63 21.52 -35.67 51.35
CA GLY G 63 21.92 -35.70 52.74
C GLY G 63 21.39 -36.93 53.45
N LEU G 64 20.16 -37.33 53.12
CA LEU G 64 19.60 -38.54 53.70
C LEU G 64 20.36 -39.77 53.22
N ARG G 65 20.73 -39.78 51.93
CA ARG G 65 21.53 -40.88 51.41
C ARG G 65 22.90 -40.93 52.08
N ASP G 66 23.51 -39.76 52.30
CA ASP G 66 24.81 -39.73 52.97
C ASP G 66 24.68 -40.19 54.41
N SER G 67 23.58 -39.83 55.08
CA SER G 67 23.38 -40.27 56.46
C SER G 67 23.22 -41.78 56.54
N GLY G 68 22.59 -42.38 55.53
CA GLY G 68 22.48 -43.82 55.50
C GLY G 68 23.83 -44.49 55.35
N LYS G 69 24.68 -43.92 54.49
CA LYS G 69 26.03 -44.44 54.33
C LYS G 69 26.84 -44.30 55.61
N LYS G 70 26.69 -43.16 56.29
CA LYS G 70 27.40 -42.92 57.54
C LYS G 70 27.03 -43.97 58.59
N LYS G 71 25.73 -44.24 58.73
CA LYS G 71 25.27 -45.22 59.71
C LYS G 71 25.87 -46.59 59.43
N ALA G 72 25.80 -47.04 58.17
CA ALA G 72 26.34 -48.34 57.82
C ALA G 72 27.86 -48.36 57.95
N TYR G 73 28.51 -47.25 57.60
CA TYR G 73 29.97 -47.20 57.70
C TYR G 73 30.42 -47.32 59.16
N ASP G 74 29.83 -46.50 60.04
CA ASP G 74 30.20 -46.54 61.45
C ASP G 74 29.93 -47.90 62.07
N GLU G 75 28.88 -48.59 61.61
CA GLU G 75 28.56 -49.91 62.15
C GLU G 75 29.64 -50.92 61.79
N ALA G 76 30.20 -50.82 60.58
CA ALA G 76 31.25 -51.74 60.17
C ALA G 76 32.54 -51.46 60.92
N ILE G 77 32.82 -50.19 61.21
CA ILE G 77 34.02 -49.82 61.95
C ILE G 77 33.98 -50.42 63.36
N HIS G 78 32.84 -50.29 64.04
CA HIS G 78 32.70 -50.83 65.38
C HIS G 78 32.66 -52.35 65.40
N ALA G 79 32.29 -52.99 64.28
CA ALA G 79 32.35 -54.43 64.17
C ALA G 79 33.77 -54.95 63.93
N GLY G 80 34.72 -54.04 63.76
CA GLY G 80 36.10 -54.41 63.50
C GLY G 80 36.33 -55.08 62.17
N LYS G 81 35.45 -54.81 61.21
CA LYS G 81 35.51 -55.42 59.88
C LYS G 81 35.92 -54.36 58.87
N THR G 82 36.31 -54.80 57.69
CA THR G 82 36.61 -53.82 56.66
C THR G 82 35.30 -53.29 56.08
N PRO G 83 35.09 -51.98 56.08
CA PRO G 83 33.87 -51.43 55.46
C PRO G 83 33.80 -51.64 53.95
N TYR G 84 34.89 -52.04 53.32
CA TYR G 84 34.92 -52.30 51.89
C TYR G 84 35.09 -53.78 51.62
N THR G 85 34.41 -54.27 50.58
CA THR G 85 34.53 -55.66 50.17
C THR G 85 35.87 -55.95 49.51
N ALA G 86 36.07 -55.49 48.28
CA ALA G 86 37.33 -55.70 47.58
C ALA G 86 37.31 -54.93 46.27
N GLY G 87 38.51 -54.61 45.79
CA GLY G 87 38.67 -53.98 44.50
C GLY G 87 38.85 -55.00 43.37
N GLY G 88 38.69 -54.51 42.14
CA GLY G 88 38.83 -55.39 40.99
C GLY G 88 40.27 -55.74 40.64
N HIS G 89 41.23 -54.93 41.07
CA HIS G 89 42.63 -55.17 40.75
C HIS G 89 43.17 -56.33 41.58
N MET H 1 42.40 -23.68 3.46
CA MET H 1 43.21 -23.77 2.24
C MET H 1 42.54 -24.64 1.19
N ALA H 2 43.02 -24.51 -0.05
CA ALA H 2 42.37 -25.12 -1.20
C ALA H 2 42.03 -26.59 -0.96
N VAL H 3 42.96 -27.33 -0.34
CA VAL H 3 42.79 -28.76 -0.09
C VAL H 3 41.44 -29.08 0.54
N THR H 4 40.92 -28.18 1.38
CA THR H 4 39.63 -28.44 2.02
C THR H 4 38.48 -28.14 1.08
N SER H 5 38.60 -27.08 0.27
CA SER H 5 37.55 -26.75 -0.69
C SER H 5 37.44 -27.83 -1.76
N PHE H 6 38.56 -28.45 -2.13
CA PHE H 6 38.54 -29.53 -3.12
C PHE H 6 37.75 -30.72 -2.60
N LEU H 7 37.97 -31.11 -1.34
CA LEU H 7 37.24 -32.24 -0.79
C LEU H 7 35.74 -31.99 -0.74
N GLY H 8 35.32 -30.73 -0.56
CA GLY H 8 33.90 -30.44 -0.58
C GLY H 8 33.27 -30.71 -1.93
N LYS H 9 33.92 -30.26 -3.00
CA LYS H 9 33.42 -30.52 -4.34
C LYS H 9 33.41 -32.01 -4.65
N ALA H 10 34.44 -32.73 -4.20
CA ALA H 10 34.53 -34.16 -4.47
C ALA H 10 33.42 -34.93 -3.74
N PHE H 11 33.20 -34.61 -2.47
CA PHE H 11 32.16 -35.32 -1.72
C PHE H 11 30.77 -35.07 -2.28
N GLU H 12 30.52 -33.87 -2.82
CA GLU H 12 29.23 -33.59 -3.44
C GLU H 12 28.95 -34.54 -4.59
N LYS H 13 29.92 -34.70 -5.49
CA LYS H 13 29.74 -35.60 -6.63
C LYS H 13 29.54 -37.05 -6.17
N TYR H 14 30.23 -37.45 -5.11
CA TYR H 14 30.06 -38.79 -4.57
C TYR H 14 28.66 -38.97 -4.00
N PHE H 15 28.15 -37.97 -3.29
CA PHE H 15 26.86 -38.11 -2.63
C PHE H 15 25.72 -38.16 -3.64
N TYR H 16 25.77 -37.32 -4.68
CA TYR H 16 24.70 -37.23 -5.66
C TYR H 16 25.01 -37.97 -6.96
N ASP H 17 26.16 -37.70 -7.57
CA ASP H 17 26.43 -38.23 -8.92
C ASP H 17 26.89 -39.68 -8.88
N PHE H 18 27.78 -40.03 -7.95
CA PHE H 18 28.35 -41.38 -7.91
C PHE H 18 27.41 -42.30 -7.14
N SER H 19 26.75 -43.20 -7.85
CA SER H 19 25.91 -44.23 -7.26
C SER H 19 26.38 -45.59 -7.75
N ALA H 20 26.76 -46.46 -6.82
CA ALA H 20 27.18 -47.81 -7.20
C ALA H 20 26.01 -48.66 -7.67
N TYR H 21 24.79 -48.32 -7.25
CA TYR H 21 23.61 -49.08 -7.67
C TYR H 21 23.41 -48.97 -9.17
N GLU H 22 23.70 -47.80 -9.75
CA GLU H 22 23.58 -47.57 -11.18
C GLU H 22 24.80 -48.00 -11.95
N GLN H 23 26.01 -47.76 -11.41
CA GLN H 23 27.23 -48.14 -12.12
C GLN H 23 27.37 -49.65 -12.23
N PHE H 24 26.89 -50.39 -11.23
CA PHE H 24 26.88 -51.84 -11.28
C PHE H 24 25.59 -52.40 -11.85
N GLY H 25 24.57 -51.56 -12.04
CA GLY H 25 23.30 -51.98 -12.60
C GLY H 25 22.58 -53.02 -11.76
N LEU H 26 22.49 -52.77 -10.45
CA LEU H 26 21.85 -53.72 -9.54
C LEU H 26 20.34 -53.75 -9.69
N ASN H 27 19.76 -52.86 -10.50
CA ASN H 27 18.32 -52.90 -10.77
C ASN H 27 17.90 -54.21 -11.41
N ARG H 28 18.83 -54.93 -12.05
CA ARG H 28 18.52 -56.22 -12.65
C ARG H 28 18.14 -57.25 -11.59
N PHE H 29 18.75 -57.17 -10.41
CA PHE H 29 18.59 -58.16 -9.35
C PHE H 29 17.72 -57.68 -8.20
N LEU H 30 17.77 -56.41 -7.84
CA LEU H 30 17.03 -55.93 -6.68
C LEU H 30 15.68 -55.37 -7.10
N SER H 31 14.70 -55.52 -6.21
CA SER H 31 13.34 -55.07 -6.48
C SER H 31 13.24 -53.55 -6.52
N SER H 32 13.59 -52.90 -5.41
CA SER H 32 13.53 -51.45 -5.31
C SER H 32 14.82 -50.89 -4.73
N LYS H 33 15.16 -49.67 -5.16
CA LYS H 33 16.34 -48.99 -4.66
C LYS H 33 16.24 -48.69 -3.18
N GLY H 34 15.04 -48.44 -2.66
CA GLY H 34 14.88 -48.23 -1.23
C GLY H 34 15.23 -49.44 -0.39
N GLN H 35 15.13 -50.64 -0.97
CA GLN H 35 15.50 -51.85 -0.27
C GLN H 35 16.98 -52.16 -0.38
N TYR H 36 17.60 -51.76 -1.50
CA TYR H 36 19.03 -51.97 -1.69
C TYR H 36 19.84 -51.30 -0.59
N VAL H 37 19.50 -50.05 -0.25
CA VAL H 37 20.26 -49.32 0.77
C VAL H 37 20.13 -50.01 2.12
N ALA H 38 19.02 -50.70 2.37
CA ALA H 38 18.87 -51.42 3.63
C ALA H 38 19.89 -52.53 3.74
N LEU H 39 20.10 -53.27 2.65
CA LEU H 39 21.10 -54.34 2.66
C LEU H 39 22.51 -53.79 2.77
N ARG H 40 22.76 -52.63 2.14
CA ARG H 40 24.07 -51.99 2.23
C ARG H 40 24.41 -51.62 3.67
N HIS H 41 23.41 -51.26 4.47
CA HIS H 41 23.67 -50.90 5.86
C HIS H 41 23.97 -52.13 6.70
N VAL H 42 23.19 -53.19 6.54
CA VAL H 42 23.45 -54.41 7.31
C VAL H 42 24.83 -54.94 6.96
N GLY H 43 25.24 -54.80 5.70
CA GLY H 43 26.59 -55.18 5.32
C GLY H 43 27.63 -54.32 6.02
N PHE H 44 27.37 -53.01 6.09
CA PHE H 44 28.26 -52.10 6.80
C PHE H 44 28.40 -52.50 8.26
N VAL H 45 27.29 -52.92 8.88
CA VAL H 45 27.34 -53.33 10.27
C VAL H 45 28.21 -54.57 10.42
N MET H 46 27.96 -55.59 9.59
CA MET H 46 28.75 -56.82 9.68
C MET H 46 30.21 -56.54 9.39
N VAL H 47 30.49 -55.64 8.44
CA VAL H 47 31.88 -55.27 8.14
C VAL H 47 32.52 -54.63 9.37
N GLY H 48 31.83 -53.65 9.97
CA GLY H 48 32.38 -52.98 11.14
C GLY H 48 32.62 -53.93 12.29
N VAL H 49 31.72 -54.91 12.47
CA VAL H 49 31.87 -55.87 13.56
C VAL H 49 33.15 -56.67 13.37
N ASN H 50 33.35 -57.23 12.17
CA ASN H 50 34.53 -58.03 11.91
C ASN H 50 35.79 -57.19 11.96
N VAL H 51 35.72 -55.94 11.48
CA VAL H 51 36.90 -55.08 11.49
C VAL H 51 37.32 -54.76 12.92
N LEU H 52 36.36 -54.42 13.79
CA LEU H 52 36.69 -54.11 15.17
C LEU H 52 37.26 -55.33 15.88
N LEU H 53 36.69 -56.51 15.58
CA LEU H 53 37.18 -57.73 16.19
C LEU H 53 38.57 -58.10 15.65
N ALA H 54 38.79 -57.86 14.36
CA ALA H 54 40.09 -58.15 13.76
C ALA H 54 41.17 -57.17 14.20
N ALA H 55 40.78 -55.99 14.71
CA ALA H 55 41.77 -55.01 15.15
C ALA H 55 42.65 -55.57 16.25
N ASN H 56 42.11 -56.47 17.07
CA ASN H 56 42.86 -57.12 18.14
C ASN H 56 42.12 -58.37 18.58
N PHE H 57 42.24 -59.44 17.79
CA PHE H 57 41.57 -60.70 18.03
C PHE H 57 42.07 -61.42 19.29
N PRO H 58 43.39 -61.42 19.59
CA PRO H 58 43.84 -62.11 20.81
C PRO H 58 43.51 -61.36 22.09
N PHE H 59 42.27 -61.49 22.56
CA PHE H 59 41.84 -60.84 23.78
C PHE H 59 40.75 -61.66 24.44
N ASN H 60 40.70 -61.61 25.77
CA ASN H 60 39.64 -62.29 26.49
C ASN H 60 38.34 -61.51 26.38
N PRO H 61 37.23 -62.15 26.02
CA PRO H 61 35.98 -61.41 25.82
C PRO H 61 35.39 -60.99 27.16
N PRO H 62 34.93 -59.74 27.25
CA PRO H 62 34.24 -59.31 28.49
C PRO H 62 32.83 -59.86 28.58
N PHE H 63 32.22 -60.12 27.42
CA PHE H 63 30.88 -60.67 27.37
C PHE H 63 30.91 -62.17 27.62
N PRO H 64 29.85 -62.71 28.25
CA PRO H 64 29.79 -64.14 28.56
C PRO H 64 29.46 -64.98 27.33
N THR H 65 30.45 -65.73 26.85
CA THR H 65 30.21 -66.64 25.73
C THR H 65 29.42 -67.85 26.22
N ILE H 66 28.48 -68.32 25.39
CA ILE H 66 27.61 -69.43 25.75
C ILE H 66 28.26 -70.76 25.40
N GLY H 67 29.27 -71.17 26.16
CA GLY H 67 29.93 -72.45 25.92
C GLY H 67 30.53 -72.65 24.56
N MET H 68 31.14 -71.60 23.99
CA MET H 68 31.72 -71.70 22.66
C MET H 68 33.15 -71.14 22.69
N CYS H 69 33.95 -71.60 21.73
CA CYS H 69 35.34 -71.19 21.65
C CYS H 69 35.65 -70.54 20.30
N PRO H 70 36.60 -69.60 20.27
CA PRO H 70 36.94 -68.94 19.01
C PRO H 70 37.62 -69.86 18.00
N ALA H 71 38.76 -70.42 18.39
CA ALA H 71 39.59 -71.23 17.50
C ALA H 71 40.07 -72.44 18.30
N GLY H 72 41.10 -73.12 17.77
CA GLY H 72 41.68 -74.27 18.43
C GLY H 72 42.46 -73.91 19.67
N TRP H 73 41.80 -73.19 20.58
CA TRP H 73 42.37 -72.78 21.86
C TRP H 73 41.63 -73.48 22.99
N GLU H 74 40.37 -73.14 23.23
CA GLU H 74 39.48 -73.82 24.17
C GLU H 74 40.02 -73.92 25.60
N GLY H 75 41.30 -73.66 25.82
CA GLY H 75 41.84 -73.74 27.16
C GLY H 75 42.87 -72.66 27.46
N THR H 76 43.05 -71.74 26.52
CA THR H 76 43.99 -70.64 26.69
C THR H 76 43.39 -69.59 27.62
N TRP H 77 44.21 -68.59 27.99
CA TRP H 77 43.73 -67.49 28.80
C TRP H 77 42.60 -66.73 28.11
N VAL H 78 42.53 -66.80 26.77
CA VAL H 78 41.42 -66.20 26.03
C VAL H 78 40.09 -66.87 26.39
N CYS H 79 40.14 -68.14 26.81
CA CYS H 79 38.95 -68.91 27.09
C CYS H 79 38.65 -69.05 28.58
N GLN H 80 39.42 -68.39 29.44
CA GLN H 80 39.19 -68.49 30.87
C GLN H 80 37.95 -67.68 31.26
N ALA H 81 37.13 -68.24 32.14
CA ALA H 81 35.90 -67.60 32.57
C ALA H 81 36.15 -66.46 33.55
N ASP H 82 36.87 -66.74 34.64
CA ASP H 82 37.20 -65.73 35.62
C ASP H 82 38.35 -64.87 35.14
N LYS H 83 38.14 -63.55 35.11
CA LYS H 83 39.14 -62.63 34.58
C LYS H 83 40.32 -62.44 35.53
N ALA H 84 40.11 -62.61 36.83
CA ALA H 84 41.21 -62.46 37.78
C ALA H 84 42.30 -63.50 37.51
N LYS H 85 41.90 -64.75 37.27
CA LYS H 85 42.87 -65.78 36.94
C LYS H 85 43.41 -65.60 35.53
N ALA H 86 42.53 -65.19 34.59
CA ALA H 86 42.95 -65.00 33.20
C ALA H 86 44.06 -63.98 33.09
N LEU H 87 44.04 -62.95 33.93
CA LEU H 87 45.09 -61.93 33.86
C LEU H 87 46.45 -62.53 34.20
N GLU H 88 46.50 -63.42 35.19
CA GLU H 88 47.77 -64.05 35.55
C GLU H 88 48.26 -64.95 34.41
N MET H 89 47.35 -65.73 33.82
CA MET H 89 47.73 -66.62 32.74
C MET H 89 48.18 -65.85 31.50
N TYR H 90 47.54 -64.71 31.22
CA TYR H 90 47.94 -63.91 30.08
C TYR H 90 49.31 -63.28 30.28
N LYS H 91 49.60 -62.83 31.50
CA LYS H 91 50.91 -62.23 31.77
C LYS H 91 52.03 -63.22 31.51
N GLU H 92 51.83 -64.48 31.90
CA GLU H 92 52.83 -65.51 31.64
C GLU H 92 52.99 -65.74 30.14
N TRP H 93 51.88 -65.81 29.41
CA TRP H 93 51.94 -65.99 27.96
C TRP H 93 52.57 -64.79 27.27
N LYS H 94 52.31 -63.58 27.79
CA LYS H 94 52.80 -62.38 27.12
C LYS H 94 54.31 -62.21 27.30
N LYS H 95 54.84 -62.49 28.49
CA LYS H 95 56.27 -62.37 28.70
C LYS H 95 57.04 -63.38 27.86
N SER H 96 56.44 -64.54 27.58
CA SER H 96 57.07 -65.51 26.70
C SER H 96 57.04 -65.05 25.24
N ASN H 97 55.91 -64.50 24.80
CA ASN H 97 55.77 -64.05 23.43
C ASN H 97 55.91 -62.54 23.33
N SER I 95 26.22 -6.20 22.02
CA SER I 95 25.29 -5.08 21.90
C SER I 95 24.65 -5.05 20.51
N SER I 96 25.41 -5.48 19.51
CA SER I 96 24.93 -5.52 18.13
C SER I 96 24.38 -6.91 17.84
N VAL I 97 23.07 -7.01 17.66
CA VAL I 97 22.43 -8.30 17.41
C VAL I 97 22.63 -8.69 15.94
N ARG I 98 22.65 -10.00 15.70
CA ARG I 98 22.84 -10.51 14.35
C ARG I 98 21.55 -10.37 13.53
N ASP I 99 21.71 -10.45 12.22
CA ASP I 99 20.59 -10.42 11.30
C ASP I 99 20.12 -11.84 11.01
N VAL I 100 18.83 -11.98 10.74
CA VAL I 100 18.22 -13.29 10.50
C VAL I 100 17.50 -13.26 9.15
N LYS I 101 17.70 -14.30 8.35
CA LYS I 101 17.01 -14.44 7.07
C LYS I 101 15.58 -14.91 7.30
N THR I 102 14.62 -14.20 6.72
CA THR I 102 13.24 -14.64 6.83
C THR I 102 13.05 -15.97 6.10
N GLY I 103 12.10 -16.76 6.59
CA GLY I 103 11.83 -18.05 6.00
C GLY I 103 12.91 -19.08 6.26
N SER I 104 13.67 -18.92 7.34
CA SER I 104 14.71 -19.88 7.68
C SER I 104 14.10 -21.17 8.20
N LEU I 105 14.61 -22.30 7.72
CA LEU I 105 14.06 -23.60 8.10
C LEU I 105 13.97 -23.80 9.60
N PRO I 106 15.00 -23.50 10.42
CA PRO I 106 14.83 -23.70 11.87
C PRO I 106 13.71 -22.86 12.44
N THR I 107 13.54 -21.64 11.93
CA THR I 107 12.47 -20.77 12.42
C THR I 107 11.10 -21.35 12.11
N ASN I 108 10.92 -21.84 10.88
CA ASN I 108 9.62 -22.39 10.49
C ASN I 108 9.27 -23.62 11.32
N PHE I 109 10.26 -24.50 11.55
CA PHE I 109 10.02 -25.68 12.36
C PHE I 109 9.62 -25.30 13.78
N LEU I 110 10.37 -24.37 14.40
CA LEU I 110 10.05 -23.95 15.75
C LEU I 110 8.70 -23.24 15.80
N THR I 111 8.32 -22.56 14.72
CA THR I 111 7.03 -21.87 14.69
C THR I 111 5.88 -22.85 14.76
N GLY I 112 5.91 -23.89 13.93
CA GLY I 112 4.85 -24.88 13.95
C GLY I 112 4.78 -25.63 15.27
N VAL I 113 5.94 -25.89 15.88
CA VAL I 113 5.98 -26.58 17.16
C VAL I 113 5.23 -25.77 18.22
N TYR I 114 5.50 -24.46 18.27
CA TYR I 114 4.82 -23.62 19.24
C TYR I 114 3.32 -23.59 18.99
N ARG I 115 2.91 -23.42 17.73
CA ARG I 115 1.49 -23.41 17.40
C ARG I 115 0.82 -24.72 17.77
N PHE I 116 1.53 -25.85 17.60
CA PHE I 116 0.96 -27.15 17.92
C PHE I 116 0.71 -27.28 19.42
N TRP I 117 1.72 -27.00 20.24
CA TRP I 117 1.55 -27.11 21.68
C TRP I 117 0.56 -26.07 22.21
N ARG I 118 0.56 -24.87 21.63
CA ARG I 118 -0.40 -23.85 22.03
C ARG I 118 -1.83 -24.29 21.75
N SER I 119 -2.02 -25.10 20.70
CA SER I 119 -3.34 -25.60 20.35
C SER I 119 -3.84 -26.64 21.35
N GLN I 120 -2.94 -27.25 22.13
CA GLN I 120 -3.35 -28.30 23.06
C GLN I 120 -4.21 -27.74 24.19
N ASN I 121 -4.02 -26.45 24.53
CA ASN I 121 -4.80 -25.80 25.58
C ASN I 121 -5.52 -24.60 24.94
N PRO I 122 -6.60 -24.85 24.21
CA PRO I 122 -7.33 -23.74 23.58
C PRO I 122 -8.07 -22.89 24.59
N ALA I 123 -8.19 -21.60 24.27
CA ALA I 123 -8.90 -20.68 25.13
C ALA I 123 -10.41 -20.92 25.07
N GLU I 124 -11.07 -20.72 26.20
CA GLU I 124 -12.51 -20.93 26.29
C GLU I 124 -13.24 -19.77 25.63
N LYS I 125 -14.21 -20.10 24.78
CA LYS I 125 -14.98 -19.09 24.07
C LYS I 125 -15.96 -18.42 25.03
N PRO I 126 -15.91 -17.10 25.19
CA PRO I 126 -16.85 -16.43 26.09
C PRO I 126 -18.26 -16.44 25.51
N HIS I 127 -19.23 -16.13 26.37
CA HIS I 127 -20.62 -16.05 25.94
C HIS I 127 -20.86 -14.78 25.12
N ASP I 128 -20.37 -13.64 25.58
CA ASP I 128 -20.63 -12.38 24.93
C ASP I 128 -19.83 -12.25 23.64
N PRO I 129 -20.31 -11.43 22.70
CA PRO I 129 -19.53 -11.17 21.48
C PRO I 129 -18.28 -10.37 21.79
N VAL I 130 -17.17 -10.79 21.20
CA VAL I 130 -15.87 -10.17 21.46
C VAL I 130 -15.82 -8.84 20.70
N ASN I 131 -15.61 -7.75 21.43
CA ASN I 131 -15.54 -6.42 20.85
C ASN I 131 -14.70 -5.53 21.77
N ASP I 132 -14.71 -4.22 21.49
CA ASP I 132 -13.94 -3.28 22.30
C ASP I 132 -14.32 -3.34 23.76
N ARG I 133 -15.59 -3.63 24.07
CA ARG I 133 -16.01 -3.72 25.46
C ARG I 133 -15.45 -4.97 26.11
N LEU I 134 -15.38 -6.08 25.38
CA LEU I 134 -14.93 -7.34 25.94
C LEU I 134 -13.41 -7.51 25.88
N LEU I 135 -12.74 -6.75 25.01
CA LEU I 135 -11.29 -6.88 24.84
C LEU I 135 -10.51 -6.80 26.15
N PRO I 136 -10.76 -5.85 27.05
CA PRO I 136 -9.98 -5.82 28.29
C PRO I 136 -10.15 -7.06 29.15
N ALA I 137 -11.36 -7.64 29.15
CA ALA I 137 -11.59 -8.85 29.92
C ALA I 137 -10.87 -10.05 29.30
N VAL I 138 -10.75 -10.06 27.96
CA VAL I 138 -10.00 -11.12 27.30
C VAL I 138 -8.52 -11.01 27.64
N VAL I 139 -7.99 -9.78 27.65
CA VAL I 139 -6.60 -9.58 28.04
C VAL I 139 -6.37 -10.03 29.47
N ASP I 140 -7.33 -9.73 30.35
CA ASP I 140 -7.23 -10.18 31.74
C ASP I 140 -7.22 -11.69 31.82
N ALA I 141 -8.04 -12.35 31.00
CA ALA I 141 -8.06 -13.82 30.97
C ALA I 141 -6.72 -14.36 30.51
N SER I 142 -6.08 -13.70 29.55
CA SER I 142 -4.76 -14.13 29.11
C SER I 142 -3.73 -13.95 30.21
N ASP I 143 -3.87 -12.93 31.04
CA ASP I 143 -2.94 -12.75 32.15
C ASP I 143 -3.17 -13.83 33.22
N LYS I 144 -4.42 -14.21 33.43
CA LYS I 144 -4.72 -15.29 34.37
C LYS I 144 -4.29 -16.65 33.83
N ARG I 145 -4.21 -16.79 32.51
CA ARG I 145 -3.75 -18.03 31.91
C ARG I 145 -2.26 -18.18 32.08
N ALA I 146 -1.82 -19.42 32.32
CA ALA I 146 -0.40 -19.69 32.43
C ALA I 146 0.23 -19.83 31.05
N SER I 147 1.55 -19.67 31.02
CA SER I 147 2.33 -19.75 29.78
C SER I 147 2.67 -21.19 29.41
N ILE I 148 1.68 -22.08 29.48
CA ILE I 148 1.93 -23.51 29.24
C ILE I 148 2.54 -23.72 27.87
N GLY I 149 2.06 -23.00 26.86
CA GLY I 149 2.59 -23.18 25.51
C GLY I 149 4.09 -22.92 25.46
N THR I 150 4.53 -21.86 26.15
CA THR I 150 5.97 -21.57 26.20
C THR I 150 6.70 -22.65 26.99
N TRP I 151 6.09 -23.10 28.09
CA TRP I 151 6.72 -24.09 28.95
C TRP I 151 6.79 -25.45 28.27
N ALA I 152 5.68 -25.87 27.64
CA ALA I 152 5.65 -27.18 27.00
C ALA I 152 6.67 -27.28 25.88
N THR I 153 6.79 -26.24 25.05
CA THR I 153 7.77 -26.29 23.97
C THR I 153 9.19 -26.27 24.53
N THR I 154 9.40 -25.59 25.66
CA THR I 154 10.72 -25.58 26.28
C THR I 154 11.12 -26.98 26.71
N PHE I 155 10.22 -27.69 27.40
CA PHE I 155 10.52 -29.05 27.84
C PHE I 155 10.67 -29.98 26.65
N PHE I 156 9.86 -29.80 25.61
CA PHE I 156 9.93 -30.65 24.44
C PHE I 156 11.29 -30.56 23.78
N CYS I 157 11.75 -29.32 23.52
CA CYS I 157 13.02 -29.14 22.82
C CYS I 157 14.19 -29.60 23.67
N THR I 158 14.19 -29.30 24.97
CA THR I 158 15.32 -29.67 25.81
C THR I 158 15.40 -31.17 26.03
N ILE I 159 14.26 -31.86 26.09
CA ILE I 159 14.28 -33.30 26.34
C ILE I 159 14.62 -34.05 25.06
N ILE I 160 14.04 -33.64 23.92
CA ILE I 160 14.34 -34.31 22.66
C ILE I 160 15.80 -34.15 22.30
N SER I 161 16.40 -33.00 22.66
CA SER I 161 17.82 -32.81 22.40
C SER I 161 18.66 -33.76 23.24
N CYS I 162 18.29 -33.93 24.52
CA CYS I 162 19.02 -34.84 25.38
C CYS I 162 18.84 -36.29 24.92
N ASN I 163 17.63 -36.63 24.46
CA ASN I 163 17.37 -37.99 24.01
C ASN I 163 18.14 -38.29 22.73
N LEU I 164 18.20 -37.33 21.80
CA LEU I 164 18.91 -37.55 20.55
C LEU I 164 20.42 -37.65 20.79
N LEU I 165 20.93 -37.00 21.83
CA LEU I 165 22.34 -37.14 22.16
C LEU I 165 22.68 -38.55 22.56
N GLY I 166 21.75 -39.25 23.20
CA GLY I 166 21.97 -40.65 23.55
C GLY I 166 22.02 -41.58 22.36
N LEU I 167 21.58 -41.12 21.19
CA LEU I 167 21.60 -41.92 19.98
C LEU I 167 22.79 -41.59 19.09
N MET I 168 23.55 -40.54 19.42
CA MET I 168 24.74 -40.19 18.67
C MET I 168 25.91 -41.07 19.11
N PRO I 169 26.77 -41.49 18.18
CA PRO I 169 27.95 -42.27 18.58
C PRO I 169 28.85 -41.50 19.53
N PHE I 170 29.53 -42.25 20.40
CA PHE I 170 30.42 -41.68 21.42
C PHE I 170 29.69 -40.73 22.37
N ASN I 171 28.39 -40.92 22.57
CA ASN I 171 27.63 -40.02 23.42
C ASN I 171 26.61 -40.81 24.24
N GLU I 172 26.17 -40.19 25.34
CA GLU I 172 25.18 -40.76 26.23
C GLU I 172 24.07 -39.74 26.44
N ALA I 173 22.87 -40.24 26.71
CA ALA I 173 21.74 -39.34 26.96
C ALA I 173 21.80 -38.78 28.37
N PRO I 174 21.68 -37.46 28.54
CA PRO I 174 21.61 -36.89 29.89
C PRO I 174 20.47 -37.45 30.71
N THR I 175 19.34 -37.74 30.07
CA THR I 175 18.16 -38.32 30.71
C THR I 175 18.37 -39.76 31.18
N SER I 176 19.52 -40.37 30.89
CA SER I 176 19.82 -41.69 31.43
C SER I 176 20.24 -41.63 32.89
N GLY I 177 20.61 -40.46 33.38
CA GLY I 177 20.92 -40.30 34.80
C GLY I 177 19.64 -40.15 35.61
N LEU I 178 19.61 -40.84 36.75
CA LEU I 178 18.40 -40.86 37.56
C LEU I 178 17.99 -39.46 38.01
N GLY I 179 18.95 -38.68 38.51
CA GLY I 179 18.61 -37.36 38.99
C GLY I 179 18.23 -36.40 37.89
N PHE I 180 18.86 -36.52 36.72
CA PHE I 180 18.58 -35.62 35.61
C PHE I 180 17.15 -35.79 35.10
N ALA I 181 16.75 -37.02 34.77
CA ALA I 181 15.41 -37.24 34.24
C ALA I 181 14.33 -37.01 35.29
N THR I 182 14.54 -37.51 36.51
CA THR I 182 13.52 -37.34 37.55
C THR I 182 13.38 -35.89 37.97
N GLY I 183 14.46 -35.13 37.94
CA GLY I 183 14.38 -33.73 38.35
C GLY I 183 13.41 -32.94 37.50
N LEU I 184 13.33 -33.25 36.20
CA LEU I 184 12.41 -32.56 35.33
C LEU I 184 10.96 -32.86 35.71
N GLY I 185 10.66 -34.14 35.97
CA GLY I 185 9.30 -34.52 36.34
C GLY I 185 8.85 -33.88 37.65
N VAL I 186 9.75 -33.86 38.64
CA VAL I 186 9.42 -33.23 39.91
C VAL I 186 9.23 -31.73 39.73
N SER I 187 10.07 -31.10 38.90
CA SER I 187 9.94 -29.68 38.65
C SER I 187 8.59 -29.35 38.01
N VAL I 188 8.14 -30.19 37.09
CA VAL I 188 6.84 -29.98 36.45
C VAL I 188 5.74 -30.10 37.49
N TRP I 189 5.77 -31.17 38.28
CA TRP I 189 4.73 -31.40 39.28
C TRP I 189 4.71 -30.27 40.32
N ALA I 190 5.89 -29.83 40.76
CA ALA I 190 5.97 -28.72 41.70
C ALA I 190 5.47 -27.43 41.08
N THR I 191 5.78 -27.21 39.81
CA THR I 191 5.34 -25.99 39.13
C THR I 191 3.82 -25.91 39.10
N ALA I 192 3.16 -26.99 38.66
CA ALA I 192 1.70 -26.99 38.61
C ALA I 192 1.11 -26.79 40.00
N THR I 193 1.73 -27.40 41.02
CA THR I 193 1.23 -27.26 42.38
C THR I 193 1.29 -25.81 42.84
N ILE I 194 2.43 -25.15 42.61
CA ILE I 194 2.59 -23.76 43.02
C ILE I 194 1.61 -22.86 42.27
N LEU I 195 1.40 -23.14 40.99
CA LEU I 195 0.49 -22.33 40.19
C LEU I 195 -0.93 -22.40 40.75
N GLY I 196 -1.42 -23.61 41.00
CA GLY I 196 -2.77 -23.77 41.52
C GLY I 196 -2.96 -23.12 42.88
N LEU I 197 -1.99 -23.31 43.78
CA LEU I 197 -2.08 -22.73 45.11
C LEU I 197 -2.04 -21.21 45.11
N SER I 198 -1.52 -20.60 44.04
CA SER I 198 -1.38 -19.16 44.01
C SER I 198 -2.72 -18.45 43.82
N LYS I 199 -3.43 -18.76 42.72
CA LYS I 199 -4.68 -18.08 42.44
C LYS I 199 -5.83 -18.57 43.34
N THR I 200 -6.01 -19.88 43.48
CA THR I 200 -7.16 -20.38 44.22
C THR I 200 -6.87 -20.67 45.69
N GLY I 201 -5.61 -20.84 46.05
CA GLY I 201 -5.24 -21.05 47.45
C GLY I 201 -5.91 -22.23 48.13
N PHE I 202 -6.61 -21.95 49.23
CA PHE I 202 -7.27 -22.99 50.03
C PHE I 202 -8.23 -23.84 49.20
N LYS I 203 -8.81 -23.29 48.15
CA LYS I 203 -9.69 -24.06 47.28
C LYS I 203 -8.93 -25.04 46.37
N PHE I 204 -7.61 -24.96 46.31
CA PHE I 204 -6.85 -25.91 45.50
C PHE I 204 -7.11 -27.36 45.88
N PRO I 205 -7.07 -27.77 47.18
CA PRO I 205 -7.54 -29.11 47.54
C PRO I 205 -8.97 -29.41 47.09
N GLY I 206 -9.71 -28.35 46.77
CA GLY I 206 -11.07 -28.52 46.29
C GLY I 206 -11.17 -29.12 44.90
N HIS I 207 -10.36 -28.63 43.96
CA HIS I 207 -10.38 -29.17 42.60
C HIS I 207 -10.14 -30.67 42.58
N PHE I 208 -9.36 -31.18 43.54
CA PHE I 208 -9.12 -32.62 43.65
C PHE I 208 -10.39 -33.45 43.72
N ILE I 209 -11.54 -32.84 43.99
CA ILE I 209 -12.79 -33.59 44.08
C ILE I 209 -13.24 -34.01 42.67
N PRO I 210 -13.62 -35.27 42.47
CA PRO I 210 -14.15 -35.68 41.16
C PRO I 210 -15.57 -35.15 40.98
N GLY I 211 -15.83 -34.59 39.80
CA GLY I 211 -17.15 -34.05 39.52
C GLY I 211 -18.20 -35.14 39.35
N GLY I 212 -19.42 -34.79 39.75
CA GLY I 212 -20.57 -35.67 39.66
C GLY I 212 -20.64 -36.74 40.73
N THR I 213 -19.70 -36.72 41.67
CA THR I 213 -19.65 -37.71 42.74
C THR I 213 -20.79 -37.48 43.72
N PRO I 214 -21.42 -38.54 44.24
CA PRO I 214 -22.44 -38.33 45.28
C PRO I 214 -21.77 -37.75 46.52
N TRP I 215 -22.37 -36.69 47.04
CA TRP I 215 -21.74 -35.98 48.16
C TRP I 215 -21.45 -36.84 49.40
N PRO I 216 -22.31 -37.76 49.84
CA PRO I 216 -21.91 -38.58 51.00
C PRO I 216 -20.76 -39.53 50.70
N MET I 217 -20.69 -40.06 49.47
CA MET I 217 -19.68 -41.06 49.12
C MET I 217 -18.29 -40.44 49.01
N ALA I 218 -18.21 -39.21 48.50
CA ALA I 218 -16.95 -38.52 48.18
C ALA I 218 -15.80 -38.70 49.16
N PHE I 219 -16.10 -38.85 50.46
CA PHE I 219 -15.04 -38.87 51.47
C PHE I 219 -13.92 -39.85 51.13
N ILE I 220 -14.28 -41.11 50.83
CA ILE I 220 -13.27 -42.15 50.64
C ILE I 220 -12.52 -42.01 49.31
N PHE I 221 -12.95 -41.12 48.44
CA PHE I 221 -12.40 -41.00 47.10
C PHE I 221 -11.20 -40.06 47.03
N VAL I 222 -11.33 -38.85 47.57
CA VAL I 222 -10.27 -37.84 47.51
C VAL I 222 -8.93 -38.28 48.12
N PRO I 223 -8.87 -39.12 49.18
CA PRO I 223 -7.53 -39.47 49.69
C PRO I 223 -6.73 -40.29 48.69
N LEU I 224 -7.38 -41.22 48.00
CA LEU I 224 -6.68 -42.02 47.00
C LEU I 224 -6.25 -41.16 45.82
N GLU I 225 -7.10 -40.22 45.40
CA GLU I 225 -6.74 -39.33 44.31
C GLU I 225 -5.61 -38.39 44.71
N THR I 226 -5.49 -38.07 46.00
CA THR I 226 -4.38 -37.25 46.47
C THR I 226 -3.05 -37.98 46.29
N ILE I 227 -3.03 -39.27 46.64
CA ILE I 227 -1.83 -40.07 46.46
C ILE I 227 -1.50 -40.17 44.98
N SER I 228 -2.52 -40.38 44.15
CA SER I 228 -2.31 -40.47 42.71
C SER I 228 -1.72 -39.17 42.16
N TYR I 229 -2.17 -38.03 42.67
CA TYR I 229 -1.61 -36.75 42.22
C TYR I 229 -0.14 -36.64 42.60
N THR I 230 0.20 -36.98 43.85
CA THR I 230 1.59 -36.90 44.27
C THR I 230 2.44 -37.96 43.57
N PHE I 231 1.82 -39.06 43.14
CA PHE I 231 2.54 -40.11 42.42
C PHE I 231 2.93 -39.67 41.02
N ARG I 232 2.28 -38.63 40.49
CA ARG I 232 2.65 -38.13 39.16
C ARG I 232 4.08 -37.61 39.16
N ALA I 233 4.52 -36.98 40.24
CA ALA I 233 5.87 -36.46 40.31
C ALA I 233 6.89 -37.56 40.03
N VAL I 234 6.67 -38.74 40.60
CA VAL I 234 7.59 -39.86 40.43
C VAL I 234 7.41 -40.51 39.07
N SER I 235 6.17 -40.95 38.78
CA SER I 235 5.91 -41.72 37.57
C SER I 235 6.25 -40.95 36.30
N LEU I 236 6.08 -39.62 36.31
CA LEU I 236 6.38 -38.84 35.12
C LEU I 236 7.88 -38.89 34.80
N GLY I 237 8.72 -38.68 35.82
CA GLY I 237 10.15 -38.66 35.62
C GLY I 237 10.74 -40.05 35.48
N VAL I 238 10.18 -41.01 36.21
CA VAL I 238 10.69 -42.38 36.13
C VAL I 238 10.40 -42.99 34.77
N ARG I 239 9.22 -42.72 34.22
CA ARG I 239 8.90 -43.24 32.88
C ARG I 239 9.92 -42.79 31.85
N LEU I 240 10.32 -41.52 31.90
CA LEU I 240 11.34 -41.02 30.99
C LEU I 240 12.68 -41.69 31.27
N TRP I 241 13.06 -41.78 32.55
CA TRP I 241 14.37 -42.33 32.91
C TRP I 241 14.48 -43.79 32.52
N VAL I 242 13.45 -44.59 32.84
CA VAL I 242 13.51 -46.03 32.56
C VAL I 242 13.68 -46.27 31.06
N ASN I 243 13.00 -45.49 30.23
CA ASN I 243 13.12 -45.69 28.78
C ASN I 243 14.54 -45.45 28.31
N MET I 244 15.19 -44.42 28.85
CA MET I 244 16.56 -44.11 28.44
C MET I 244 17.55 -45.11 29.01
N LEU I 245 17.24 -45.68 30.18
CA LEU I 245 18.13 -46.63 30.83
C LEU I 245 17.94 -48.04 30.29
N ALA I 246 16.69 -48.50 30.25
CA ALA I 246 16.43 -49.88 29.84
C ALA I 246 16.83 -50.12 28.39
N GLY I 247 16.59 -49.14 27.52
CA GLY I 247 16.95 -49.30 26.12
C GLY I 247 18.45 -49.44 25.94
N HIS I 248 19.23 -48.59 26.62
CA HIS I 248 20.68 -48.67 26.52
C HIS I 248 21.19 -49.96 27.14
N THR I 249 20.62 -50.36 28.29
CA THR I 249 21.05 -51.60 28.92
C THR I 249 20.68 -52.81 28.09
N LEU I 250 19.47 -52.82 27.53
CA LEU I 250 19.06 -53.93 26.67
C LEU I 250 20.01 -54.07 25.49
N LEU I 251 20.37 -52.94 24.86
CA LEU I 251 21.29 -52.98 23.73
C LEU I 251 22.66 -53.52 24.15
N HIS I 252 23.10 -53.17 25.36
CA HIS I 252 24.38 -53.66 25.86
C HIS I 252 24.38 -55.18 25.98
N ILE I 253 23.36 -55.75 26.63
CA ILE I 253 23.32 -57.19 26.85
C ILE I 253 23.22 -57.92 25.53
N LEU I 254 22.32 -57.47 24.65
CA LEU I 254 22.12 -58.14 23.37
C LEU I 254 23.36 -58.03 22.47
N THR I 255 24.08 -56.90 22.53
CA THR I 255 25.28 -56.77 21.72
C THR I 255 26.36 -57.75 22.19
N GLY I 256 26.47 -57.96 23.49
CA GLY I 256 27.42 -58.95 23.99
C GLY I 256 27.10 -60.34 23.50
N MET I 257 25.81 -60.69 23.49
CA MET I 257 25.41 -62.00 23.00
C MET I 257 25.60 -62.13 21.50
N ALA I 258 25.40 -61.03 20.75
CA ALA I 258 25.59 -61.07 19.31
C ALA I 258 27.07 -61.17 18.96
N LEU I 259 27.93 -60.48 19.71
CA LEU I 259 29.36 -60.48 19.41
C LEU I 259 29.98 -61.85 19.61
N ALA I 260 29.38 -62.68 20.46
CA ALA I 260 29.89 -64.02 20.72
C ALA I 260 29.84 -64.90 19.48
N LEU I 261 28.92 -64.62 18.54
CA LEU I 261 28.81 -65.48 17.37
C LEU I 261 30.00 -65.32 16.44
N PRO I 262 30.31 -64.13 15.91
CA PRO I 262 31.49 -64.02 15.03
C PRO I 262 32.79 -64.34 15.75
N PHE I 263 32.85 -64.07 17.05
CA PHE I 263 34.06 -64.37 17.82
C PHE I 263 34.29 -65.86 17.94
N SER I 264 33.22 -66.64 18.11
CA SER I 264 33.32 -68.08 18.27
C SER I 264 33.31 -68.83 16.93
N LEU I 265 32.47 -68.41 15.99
CA LEU I 265 32.31 -69.10 14.72
C LEU I 265 33.12 -68.45 13.59
N GLY I 266 34.16 -67.70 13.94
CA GLY I 266 35.00 -67.05 12.95
C GLY I 266 34.41 -65.79 12.35
N PHE I 267 35.29 -64.87 11.96
CA PHE I 267 34.85 -63.60 11.39
C PHE I 267 34.23 -63.81 10.01
N PHE I 268 34.98 -64.45 9.10
CA PHE I 268 34.54 -64.67 7.73
C PHE I 268 34.32 -66.13 7.41
N SER I 269 34.21 -66.99 8.43
CA SER I 269 33.94 -68.40 8.21
C SER I 269 32.47 -68.62 7.83
N MET I 270 31.55 -68.18 8.68
CA MET I 270 30.13 -68.30 8.41
C MET I 270 29.45 -66.97 8.69
N VAL I 271 28.58 -66.55 7.77
CA VAL I 271 27.86 -65.28 7.86
C VAL I 271 26.39 -65.37 8.22
N PRO I 272 25.64 -66.44 7.90
CA PRO I 272 24.17 -66.34 8.07
C PRO I 272 23.71 -66.19 9.51
N ALA I 273 24.43 -66.73 10.50
CA ALA I 273 23.96 -66.59 11.87
C ALA I 273 24.15 -65.17 12.39
N THR I 274 25.27 -64.54 12.05
CA THR I 274 25.50 -63.17 12.51
C THR I 274 24.66 -62.17 11.74
N PHE I 275 24.28 -62.51 10.50
CA PHE I 275 23.49 -61.59 9.69
C PHE I 275 22.11 -61.37 10.32
N GLY I 276 21.46 -62.45 10.76
CA GLY I 276 20.13 -62.32 11.33
C GLY I 276 20.09 -61.52 12.61
N VAL I 277 21.11 -61.68 13.45
CA VAL I 277 21.13 -60.90 14.70
C VAL I 277 21.45 -59.44 14.42
N CYS I 278 22.23 -59.16 13.37
CA CYS I 278 22.52 -57.76 13.02
C CYS I 278 21.25 -57.03 12.60
N CYS I 279 20.33 -57.73 11.93
CA CYS I 279 19.07 -57.10 11.52
C CYS I 279 18.22 -56.76 12.73
N LEU I 280 18.12 -57.67 13.69
CA LEU I 280 17.32 -57.41 14.88
C LEU I 280 17.89 -56.24 15.67
N LEU I 281 19.22 -56.19 15.81
CA LEU I 281 19.84 -55.08 16.53
C LEU I 281 19.60 -53.76 15.79
N SER I 282 19.71 -53.78 14.46
CA SER I 282 19.47 -52.57 13.68
C SER I 282 18.04 -52.08 13.86
N ALA I 283 17.09 -53.00 13.94
CA ALA I 283 15.70 -52.61 14.13
C ALA I 283 15.46 -52.06 15.52
N LEU I 284 16.21 -52.55 16.51
CA LEU I 284 16.05 -52.05 17.88
C LEU I 284 16.51 -50.61 17.99
N VAL I 285 17.63 -50.27 17.34
CA VAL I 285 18.11 -48.89 17.36
C VAL I 285 17.09 -47.98 16.68
N GLY I 286 16.47 -48.48 15.60
CA GLY I 286 15.43 -47.70 14.94
C GLY I 286 14.25 -47.45 15.86
N LEU I 287 13.93 -48.43 16.70
CA LEU I 287 12.87 -48.25 17.68
C LEU I 287 13.27 -47.24 18.74
N GLU I 288 14.56 -47.22 19.10
CA GLU I 288 15.04 -46.26 20.10
C GLU I 288 14.87 -44.83 19.58
N TYR I 289 15.08 -44.62 18.28
CA TYR I 289 14.89 -43.28 17.72
C TYR I 289 13.43 -42.86 17.86
N LEU I 290 12.50 -43.78 17.56
CA LEU I 290 11.08 -43.47 17.71
C LEU I 290 10.74 -43.21 19.17
N VAL I 291 11.30 -44.02 20.08
CA VAL I 291 11.01 -43.87 21.50
C VAL I 291 11.45 -42.49 21.98
N ALA I 292 12.60 -42.00 21.50
CA ALA I 292 13.06 -40.68 21.90
C ALA I 292 12.04 -39.62 21.52
N VAL I 293 11.47 -39.72 20.32
CA VAL I 293 10.46 -38.74 19.90
C VAL I 293 9.18 -38.95 20.70
N LEU I 294 8.83 -40.21 20.95
CA LEU I 294 7.61 -40.53 21.68
C LEU I 294 7.69 -40.04 23.12
N GLN I 295 8.81 -40.30 23.79
CA GLN I 295 8.95 -39.92 25.19
C GLN I 295 8.94 -38.40 25.35
N SER I 296 9.63 -37.69 24.45
CA SER I 296 9.65 -36.23 24.55
C SER I 296 8.26 -35.66 24.31
N GLY I 297 7.49 -36.27 23.41
CA GLY I 297 6.13 -35.83 23.19
C GLY I 297 5.22 -36.17 24.36
N VAL I 298 5.30 -37.42 24.83
CA VAL I 298 4.46 -37.87 25.94
C VAL I 298 4.68 -36.99 27.16
N PHE I 299 5.95 -36.71 27.49
CA PHE I 299 6.24 -35.87 28.65
C PHE I 299 5.62 -34.49 28.50
N SER I 300 5.74 -33.90 27.30
CA SER I 300 5.19 -32.57 27.09
C SER I 300 3.66 -32.61 27.09
N ILE I 301 3.08 -33.68 26.53
CA ILE I 301 1.62 -33.83 26.54
C ILE I 301 1.11 -33.91 27.97
N LEU I 302 1.76 -34.74 28.79
CA LEU I 302 1.33 -34.90 30.17
C LEU I 302 1.41 -33.58 30.93
N SER I 303 2.43 -32.76 30.63
CA SER I 303 2.53 -31.47 31.27
C SER I 303 1.36 -30.57 30.89
N THR I 304 0.96 -30.60 29.61
CA THR I 304 -0.17 -29.79 29.19
C THR I 304 -1.47 -30.26 29.83
N VAL I 305 -1.58 -31.57 30.06
CA VAL I 305 -2.79 -32.12 30.68
C VAL I 305 -2.84 -31.75 32.16
N TYR I 306 -1.75 -31.99 32.89
CA TYR I 306 -1.75 -31.74 34.32
C TYR I 306 -1.88 -30.25 34.63
N VAL I 307 -1.05 -29.42 33.98
CA VAL I 307 -1.10 -27.99 34.28
C VAL I 307 -2.42 -27.40 33.78
N GLY I 308 -2.99 -27.97 32.72
CA GLY I 308 -4.26 -27.48 32.22
C GLY I 308 -5.40 -27.66 33.18
N GLU I 309 -5.26 -28.59 34.12
CA GLU I 309 -6.31 -28.87 35.09
C GLU I 309 -6.65 -27.64 35.92
N PHE I 310 -5.64 -26.81 36.22
CA PHE I 310 -5.81 -25.62 37.02
C PHE I 310 -5.79 -24.35 36.17
N ASN I 311 -5.72 -24.48 34.85
CA ASN I 311 -5.72 -23.34 33.94
C ASN I 311 -7.13 -22.89 33.62
N HIS I 312 -7.98 -22.78 34.64
CA HIS I 312 -9.37 -22.40 34.47
C HIS I 312 -9.74 -21.38 35.54
N ASP I 313 -10.38 -20.30 35.11
CA ASP I 313 -10.81 -19.22 35.97
C ASP I 313 -12.14 -18.70 35.45
N LYS I 314 -12.93 -18.12 36.34
CA LYS I 314 -14.21 -17.56 35.92
C LYS I 314 -13.97 -16.24 35.20
N PHE I 315 -14.65 -16.08 34.07
CA PHE I 315 -14.49 -14.89 33.24
C PHE I 315 -15.06 -13.66 33.93
N ILE I 316 -14.24 -12.63 34.07
CA ILE I 316 -14.70 -11.38 34.66
C ILE I 316 -15.40 -10.61 33.56
N GLY I 317 -16.66 -10.95 33.30
CA GLY I 317 -17.42 -10.31 32.27
C GLY I 317 -17.87 -8.92 32.66
N PRO I 318 -18.66 -8.30 31.78
CA PRO I 318 -19.14 -6.94 32.03
C PRO I 318 -20.11 -6.90 33.21
N ALA I 319 -19.80 -6.04 34.18
CA ALA I 319 -20.66 -5.88 35.34
C ALA I 319 -21.88 -5.03 35.03
N ALA I 320 -21.88 -4.32 33.90
CA ALA I 320 -22.99 -3.50 33.48
C ALA I 320 -23.03 -3.52 31.96
N LYS I 321 -24.24 -3.44 31.40
CA LYS I 321 -24.39 -3.50 29.95
C LYS I 321 -25.56 -2.61 29.54
N ILE I 322 -25.40 -1.94 28.40
CA ILE I 322 -26.49 -1.21 27.76
C ILE I 322 -27.03 -2.13 26.67
N VAL I 323 -28.21 -2.72 26.90
CA VAL I 323 -28.80 -3.65 25.97
C VAL I 323 -29.53 -2.89 24.86
N LYS I 324 -29.87 -3.60 23.78
CA LYS I 324 -30.56 -3.05 22.62
C LYS I 324 -29.65 -2.09 21.85
#